data_1SPV
# 
_entry.id   1SPV 
# 
_audit_conform.dict_name       mmcif_pdbx.dic 
_audit_conform.dict_version    5.398 
_audit_conform.dict_location   http://mmcif.pdb.org/dictionaries/ascii/mmcif_pdbx.dic 
# 
loop_
_database_2.database_id 
_database_2.database_code 
_database_2.pdbx_database_accession 
_database_2.pdbx_DOI 
PDB   1SPV         pdb_00001spv 10.2210/pdb1spv/pdb 
RCSB  RCSB021899   ?            ?                   
WWPDB D_1000021899 ?            ?                   
# 
loop_
_pdbx_audit_revision_history.ordinal 
_pdbx_audit_revision_history.data_content_type 
_pdbx_audit_revision_history.major_revision 
_pdbx_audit_revision_history.minor_revision 
_pdbx_audit_revision_history.revision_date 
1 'Structure model' 1 0 2004-04-06 
2 'Structure model' 1 1 2008-04-29 
3 'Structure model' 1 2 2011-07-13 
4 'Structure model' 1 3 2017-10-11 
5 'Structure model' 1 4 2024-10-30 
# 
_pdbx_audit_revision_details.ordinal             1 
_pdbx_audit_revision_details.revision_ordinal    1 
_pdbx_audit_revision_details.data_content_type   'Structure model' 
_pdbx_audit_revision_details.provider            repository 
_pdbx_audit_revision_details.type                'Initial release' 
_pdbx_audit_revision_details.description         ? 
_pdbx_audit_revision_details.details             ? 
# 
loop_
_pdbx_audit_revision_group.ordinal 
_pdbx_audit_revision_group.revision_ordinal 
_pdbx_audit_revision_group.data_content_type 
_pdbx_audit_revision_group.group 
1 2 'Structure model' 'Version format compliance' 
2 3 'Structure model' 'Version format compliance' 
3 4 'Structure model' 'Refinement description'    
4 5 'Structure model' 'Data collection'           
5 5 'Structure model' 'Database references'       
6 5 'Structure model' 'Derived calculations'      
7 5 'Structure model' 'Structure summary'         
# 
loop_
_pdbx_audit_revision_category.ordinal 
_pdbx_audit_revision_category.revision_ordinal 
_pdbx_audit_revision_category.data_content_type 
_pdbx_audit_revision_category.category 
1 4 'Structure model' software                  
2 5 'Structure model' chem_comp_atom            
3 5 'Structure model' chem_comp_bond            
4 5 'Structure model' database_2                
5 5 'Structure model' pdbx_entry_details        
6 5 'Structure model' pdbx_modification_feature 
7 5 'Structure model' struct_conn               
8 5 'Structure model' struct_ref_seq_dif        
9 5 'Structure model' struct_site               
# 
loop_
_pdbx_audit_revision_item.ordinal 
_pdbx_audit_revision_item.revision_ordinal 
_pdbx_audit_revision_item.data_content_type 
_pdbx_audit_revision_item.item 
1 5 'Structure model' '_database_2.pdbx_DOI'                
2 5 'Structure model' '_database_2.pdbx_database_accession' 
3 5 'Structure model' '_struct_conn.pdbx_leaving_atom_flag' 
4 5 'Structure model' '_struct_ref_seq_dif.details'         
5 5 'Structure model' '_struct_site.pdbx_auth_asym_id'      
6 5 'Structure model' '_struct_site.pdbx_auth_comp_id'      
7 5 'Structure model' '_struct_site.pdbx_auth_seq_id'       
# 
_pdbx_database_status.status_code                     REL 
_pdbx_database_status.entry_id                        1SPV 
_pdbx_database_status.recvd_initial_deposition_date   2004-03-17 
_pdbx_database_status.deposit_site                    RCSB 
_pdbx_database_status.process_site                    RCSB 
_pdbx_database_status.SG_entry                        Y 
_pdbx_database_status.status_code_sf                  REL 
_pdbx_database_status.pdb_format_compatible           Y 
_pdbx_database_status.status_code_mr                  ? 
_pdbx_database_status.status_code_cs                  ? 
_pdbx_database_status.methods_development_category    ? 
_pdbx_database_status.status_code_nmr_data            ? 
# 
_pdbx_database_related.db_name        TargetDB 
_pdbx_database_related.db_id          ER58 
_pdbx_database_related.details        . 
_pdbx_database_related.content_type   unspecified 
# 
loop_
_audit_author.name 
_audit_author.pdbx_ordinal 
'Forouhar, F.'                                    1 
'Lee, I.'                                         2 
'Vorobiev, S.M.'                                  3 
'Xiao, R.'                                        4 
'Acton, T.B.'                                     5 
'Montelione, G.T.'                                6 
'Hunt, J.F.'                                      7 
'Tong, L.'                                        8 
'Northeast Structural Genomics Consortium (NESG)' 9 
# 
_citation.id                        primary 
_citation.title                     
'Crystal Structure of the Putative Phosphatase of Escherichia coli, Northeast Structural Genomoics Target ER58' 
_citation.journal_abbrev            'To be Published' 
_citation.journal_volume            ? 
_citation.page_first                ? 
_citation.page_last                 ? 
_citation.year                      ? 
_citation.journal_id_ASTM           ? 
_citation.country                   ? 
_citation.journal_id_ISSN           ? 
_citation.journal_id_CSD            0353 
_citation.book_publisher            ? 
_citation.pdbx_database_id_PubMed   ? 
_citation.pdbx_database_id_DOI      ? 
# 
loop_
_citation_author.citation_id 
_citation_author.name 
_citation_author.ordinal 
_citation_author.identifier_ORCID 
primary 'Forouhar, F.'     1 ? 
primary 'Lee, I.'          2 ? 
primary 'Vorobiev, S.M.'   3 ? 
primary 'Xiao, R.'         4 ? 
primary 'Acton, T.B.'      5 ? 
primary 'Montelione, G.T.' 6 ? 
primary 'Hunt, J.F.'       7 ? 
primary 'Tong, L.'         8 ? 
# 
loop_
_entity.id 
_entity.type 
_entity.src_method 
_entity.pdbx_description 
_entity.formula_weight 
_entity.pdbx_number_of_molecules 
_entity.pdbx_ec 
_entity.pdbx_mutation 
_entity.pdbx_fragment 
_entity.details 
1 polymer     man 'putative polyprotein/phosphatase'     19904.217 1  ? ? ? ? 
2 non-polymer syn '2-(N-MORPHOLINO)-ETHANESULFONIC ACID' 195.237   1  ? ? ? ? 
3 water       nat water                                  18.015    98 ? ? ? ? 
# 
_entity_poly.entity_id                      1 
_entity_poly.type                           'polypeptide(L)' 
_entity_poly.nstd_linkage                   no 
_entity_poly.nstd_monomer                   yes 
_entity_poly.pdbx_seq_one_letter_code       
;MKTRIHVVQGDITKLAVDVIVNAANPSL(MSE)GGGGVDGAIHRAAGPALLDACLKVRQQQGDCPTGHAVITLAGDLPAK
AVVHTVGPVWRGGEQNEDQLLQDAYLNSLRLVAANSYTSVAFPAISTGVYGYPRAAAAEIAVKTVSEFITRHALPEQVYF
VCYDEENAHLYERLLTQQGDEEHHHHHH
;
_entity_poly.pdbx_seq_one_letter_code_can   
;MKTRIHVVQGDITKLAVDVIVNAANPSLMGGGGVDGAIHRAAGPALLDACLKVRQQQGDCPTGHAVITLAGDLPAKAVVH
TVGPVWRGGEQNEDQLLQDAYLNSLRLVAANSYTSVAFPAISTGVYGYPRAAAAEIAVKTVSEFITRHALPEQVYFVCYD
EENAHLYERLLTQQGDEEHHHHHH
;
_entity_poly.pdbx_strand_id                 A 
_entity_poly.pdbx_target_identifier         ER58 
# 
loop_
_pdbx_entity_nonpoly.entity_id 
_pdbx_entity_nonpoly.name 
_pdbx_entity_nonpoly.comp_id 
2 '2-(N-MORPHOLINO)-ETHANESULFONIC ACID' MES 
3 water                                  HOH 
# 
loop_
_entity_poly_seq.entity_id 
_entity_poly_seq.num 
_entity_poly_seq.mon_id 
_entity_poly_seq.hetero 
1 1   MET n 
1 2   LYS n 
1 3   THR n 
1 4   ARG n 
1 5   ILE n 
1 6   HIS n 
1 7   VAL n 
1 8   VAL n 
1 9   GLN n 
1 10  GLY n 
1 11  ASP n 
1 12  ILE n 
1 13  THR n 
1 14  LYS n 
1 15  LEU n 
1 16  ALA n 
1 17  VAL n 
1 18  ASP n 
1 19  VAL n 
1 20  ILE n 
1 21  VAL n 
1 22  ASN n 
1 23  ALA n 
1 24  ALA n 
1 25  ASN n 
1 26  PRO n 
1 27  SER n 
1 28  LEU n 
1 29  MSE n 
1 30  GLY n 
1 31  GLY n 
1 32  GLY n 
1 33  GLY n 
1 34  VAL n 
1 35  ASP n 
1 36  GLY n 
1 37  ALA n 
1 38  ILE n 
1 39  HIS n 
1 40  ARG n 
1 41  ALA n 
1 42  ALA n 
1 43  GLY n 
1 44  PRO n 
1 45  ALA n 
1 46  LEU n 
1 47  LEU n 
1 48  ASP n 
1 49  ALA n 
1 50  CYS n 
1 51  LEU n 
1 52  LYS n 
1 53  VAL n 
1 54  ARG n 
1 55  GLN n 
1 56  GLN n 
1 57  GLN n 
1 58  GLY n 
1 59  ASP n 
1 60  CYS n 
1 61  PRO n 
1 62  THR n 
1 63  GLY n 
1 64  HIS n 
1 65  ALA n 
1 66  VAL n 
1 67  ILE n 
1 68  THR n 
1 69  LEU n 
1 70  ALA n 
1 71  GLY n 
1 72  ASP n 
1 73  LEU n 
1 74  PRO n 
1 75  ALA n 
1 76  LYS n 
1 77  ALA n 
1 78  VAL n 
1 79  VAL n 
1 80  HIS n 
1 81  THR n 
1 82  VAL n 
1 83  GLY n 
1 84  PRO n 
1 85  VAL n 
1 86  TRP n 
1 87  ARG n 
1 88  GLY n 
1 89  GLY n 
1 90  GLU n 
1 91  GLN n 
1 92  ASN n 
1 93  GLU n 
1 94  ASP n 
1 95  GLN n 
1 96  LEU n 
1 97  LEU n 
1 98  GLN n 
1 99  ASP n 
1 100 ALA n 
1 101 TYR n 
1 102 LEU n 
1 103 ASN n 
1 104 SER n 
1 105 LEU n 
1 106 ARG n 
1 107 LEU n 
1 108 VAL n 
1 109 ALA n 
1 110 ALA n 
1 111 ASN n 
1 112 SER n 
1 113 TYR n 
1 114 THR n 
1 115 SER n 
1 116 VAL n 
1 117 ALA n 
1 118 PHE n 
1 119 PRO n 
1 120 ALA n 
1 121 ILE n 
1 122 SER n 
1 123 THR n 
1 124 GLY n 
1 125 VAL n 
1 126 TYR n 
1 127 GLY n 
1 128 TYR n 
1 129 PRO n 
1 130 ARG n 
1 131 ALA n 
1 132 ALA n 
1 133 ALA n 
1 134 ALA n 
1 135 GLU n 
1 136 ILE n 
1 137 ALA n 
1 138 VAL n 
1 139 LYS n 
1 140 THR n 
1 141 VAL n 
1 142 SER n 
1 143 GLU n 
1 144 PHE n 
1 145 ILE n 
1 146 THR n 
1 147 ARG n 
1 148 HIS n 
1 149 ALA n 
1 150 LEU n 
1 151 PRO n 
1 152 GLU n 
1 153 GLN n 
1 154 VAL n 
1 155 TYR n 
1 156 PHE n 
1 157 VAL n 
1 158 CYS n 
1 159 TYR n 
1 160 ASP n 
1 161 GLU n 
1 162 GLU n 
1 163 ASN n 
1 164 ALA n 
1 165 HIS n 
1 166 LEU n 
1 167 TYR n 
1 168 GLU n 
1 169 ARG n 
1 170 LEU n 
1 171 LEU n 
1 172 THR n 
1 173 GLN n 
1 174 GLN n 
1 175 GLY n 
1 176 ASP n 
1 177 GLU n 
1 178 GLU n 
1 179 HIS n 
1 180 HIS n 
1 181 HIS n 
1 182 HIS n 
1 183 HIS n 
1 184 HIS n 
# 
_entity_src_gen.entity_id                          1 
_entity_src_gen.pdbx_src_id                        1 
_entity_src_gen.pdbx_alt_source_flag               sample 
_entity_src_gen.pdbx_seq_type                      ? 
_entity_src_gen.pdbx_beg_seq_num                   ? 
_entity_src_gen.pdbx_end_seq_num                   ? 
_entity_src_gen.gene_src_common_name               ? 
_entity_src_gen.gene_src_genus                     Escherichia 
_entity_src_gen.pdbx_gene_src_gene                 ? 
_entity_src_gen.gene_src_species                   ? 
_entity_src_gen.gene_src_strain                    ? 
_entity_src_gen.gene_src_tissue                    ? 
_entity_src_gen.gene_src_tissue_fraction           ? 
_entity_src_gen.gene_src_details                   ? 
_entity_src_gen.pdbx_gene_src_fragment             ? 
_entity_src_gen.pdbx_gene_src_scientific_name      'Escherichia coli' 
_entity_src_gen.pdbx_gene_src_ncbi_taxonomy_id     562 
_entity_src_gen.pdbx_gene_src_variant              ? 
_entity_src_gen.pdbx_gene_src_cell_line            ? 
_entity_src_gen.pdbx_gene_src_atcc                 ? 
_entity_src_gen.pdbx_gene_src_organ                ? 
_entity_src_gen.pdbx_gene_src_organelle            ? 
_entity_src_gen.pdbx_gene_src_cell                 ? 
_entity_src_gen.pdbx_gene_src_cellular_location    ? 
_entity_src_gen.host_org_common_name               ? 
_entity_src_gen.pdbx_host_org_scientific_name      'Escherichia coli' 
_entity_src_gen.pdbx_host_org_ncbi_taxonomy_id     562 
_entity_src_gen.host_org_genus                     Escherichia 
_entity_src_gen.pdbx_host_org_gene                 ? 
_entity_src_gen.pdbx_host_org_organ                ? 
_entity_src_gen.host_org_species                   ? 
_entity_src_gen.pdbx_host_org_tissue               ? 
_entity_src_gen.pdbx_host_org_tissue_fraction      ? 
_entity_src_gen.pdbx_host_org_strain               'BL21(DE3)+Magic' 
_entity_src_gen.pdbx_host_org_variant              ? 
_entity_src_gen.pdbx_host_org_cell_line            ? 
_entity_src_gen.pdbx_host_org_atcc                 ? 
_entity_src_gen.pdbx_host_org_culture_collection   ? 
_entity_src_gen.pdbx_host_org_cell                 ? 
_entity_src_gen.pdbx_host_org_organelle            ? 
_entity_src_gen.pdbx_host_org_cellular_location    ? 
_entity_src_gen.pdbx_host_org_vector_type          plasmid 
_entity_src_gen.pdbx_host_org_vector               ? 
_entity_src_gen.host_org_details                   ? 
_entity_src_gen.expression_system_id               ? 
_entity_src_gen.plasmid_name                       pET15 
_entity_src_gen.plasmid_details                    ? 
_entity_src_gen.pdbx_description                   ? 
# 
loop_
_chem_comp.id 
_chem_comp.type 
_chem_comp.mon_nstd_flag 
_chem_comp.name 
_chem_comp.pdbx_synonyms 
_chem_comp.formula 
_chem_comp.formula_weight 
ALA 'L-peptide linking' y ALANINE                                ? 'C3 H7 N O2'     89.093  
ARG 'L-peptide linking' y ARGININE                               ? 'C6 H15 N4 O2 1' 175.209 
ASN 'L-peptide linking' y ASPARAGINE                             ? 'C4 H8 N2 O3'    132.118 
ASP 'L-peptide linking' y 'ASPARTIC ACID'                        ? 'C4 H7 N O4'     133.103 
CYS 'L-peptide linking' y CYSTEINE                               ? 'C3 H7 N O2 S'   121.158 
GLN 'L-peptide linking' y GLUTAMINE                              ? 'C5 H10 N2 O3'   146.144 
GLU 'L-peptide linking' y 'GLUTAMIC ACID'                        ? 'C5 H9 N O4'     147.129 
GLY 'peptide linking'   y GLYCINE                                ? 'C2 H5 N O2'     75.067  
HIS 'L-peptide linking' y HISTIDINE                              ? 'C6 H10 N3 O2 1' 156.162 
HOH non-polymer         . WATER                                  ? 'H2 O'           18.015  
ILE 'L-peptide linking' y ISOLEUCINE                             ? 'C6 H13 N O2'    131.173 
LEU 'L-peptide linking' y LEUCINE                                ? 'C6 H13 N O2'    131.173 
LYS 'L-peptide linking' y LYSINE                                 ? 'C6 H15 N2 O2 1' 147.195 
MES non-polymer         . '2-(N-MORPHOLINO)-ETHANESULFONIC ACID' ? 'C6 H13 N O4 S'  195.237 
MET 'L-peptide linking' y METHIONINE                             ? 'C5 H11 N O2 S'  149.211 
MSE 'L-peptide linking' n SELENOMETHIONINE                       ? 'C5 H11 N O2 Se' 196.106 
PHE 'L-peptide linking' y PHENYLALANINE                          ? 'C9 H11 N O2'    165.189 
PRO 'L-peptide linking' y PROLINE                                ? 'C5 H9 N O2'     115.130 
SER 'L-peptide linking' y SERINE                                 ? 'C3 H7 N O3'     105.093 
THR 'L-peptide linking' y THREONINE                              ? 'C4 H9 N O3'     119.119 
TRP 'L-peptide linking' y TRYPTOPHAN                             ? 'C11 H12 N2 O2'  204.225 
TYR 'L-peptide linking' y TYROSINE                               ? 'C9 H11 N O3'    181.189 
VAL 'L-peptide linking' y VALINE                                 ? 'C5 H11 N O2'    117.146 
# 
loop_
_pdbx_poly_seq_scheme.asym_id 
_pdbx_poly_seq_scheme.entity_id 
_pdbx_poly_seq_scheme.seq_id 
_pdbx_poly_seq_scheme.mon_id 
_pdbx_poly_seq_scheme.ndb_seq_num 
_pdbx_poly_seq_scheme.pdb_seq_num 
_pdbx_poly_seq_scheme.auth_seq_num 
_pdbx_poly_seq_scheme.pdb_mon_id 
_pdbx_poly_seq_scheme.auth_mon_id 
_pdbx_poly_seq_scheme.pdb_strand_id 
_pdbx_poly_seq_scheme.pdb_ins_code 
_pdbx_poly_seq_scheme.hetero 
A 1 1   MET 1   1   ?   ?   ?   A . n 
A 1 2   LYS 2   2   ?   ?   ?   A . n 
A 1 3   THR 3   3   3   THR THR A . n 
A 1 4   ARG 4   4   4   ARG ARG A . n 
A 1 5   ILE 5   5   5   ILE ILE A . n 
A 1 6   HIS 6   6   6   HIS HIS A . n 
A 1 7   VAL 7   7   7   VAL VAL A . n 
A 1 8   VAL 8   8   8   VAL VAL A . n 
A 1 9   GLN 9   9   9   GLN GLN A . n 
A 1 10  GLY 10  10  10  GLY GLY A . n 
A 1 11  ASP 11  11  11  ASP ASP A . n 
A 1 12  ILE 12  12  12  ILE ILE A . n 
A 1 13  THR 13  13  13  THR THR A . n 
A 1 14  LYS 14  14  14  LYS LYS A . n 
A 1 15  LEU 15  15  15  LEU LEU A . n 
A 1 16  ALA 16  16  16  ALA ALA A . n 
A 1 17  VAL 17  17  17  VAL VAL A . n 
A 1 18  ASP 18  18  18  ASP ASP A . n 
A 1 19  VAL 19  19  19  VAL VAL A . n 
A 1 20  ILE 20  20  20  ILE ILE A . n 
A 1 21  VAL 21  21  21  VAL VAL A . n 
A 1 22  ASN 22  22  22  ASN ASN A . n 
A 1 23  ALA 23  23  23  ALA ALA A . n 
A 1 24  ALA 24  24  24  ALA ALA A . n 
A 1 25  ASN 25  25  25  ASN ASN A . n 
A 1 26  PRO 26  26  26  PRO PRO A . n 
A 1 27  SER 27  27  27  SER SER A . n 
A 1 28  LEU 28  28  28  LEU LEU A . n 
A 1 29  MSE 29  29  29  MSE MSE A . n 
A 1 30  GLY 30  30  30  GLY GLY A . n 
A 1 31  GLY 31  31  31  GLY GLY A . n 
A 1 32  GLY 32  32  32  GLY GLY A . n 
A 1 33  GLY 33  33  33  GLY GLY A . n 
A 1 34  VAL 34  34  34  VAL VAL A . n 
A 1 35  ASP 35  35  35  ASP ASP A . n 
A 1 36  GLY 36  36  36  GLY GLY A . n 
A 1 37  ALA 37  37  37  ALA ALA A . n 
A 1 38  ILE 38  38  38  ILE ILE A . n 
A 1 39  HIS 39  39  39  HIS HIS A . n 
A 1 40  ARG 40  40  40  ARG ARG A . n 
A 1 41  ALA 41  41  41  ALA ALA A . n 
A 1 42  ALA 42  42  42  ALA ALA A . n 
A 1 43  GLY 43  43  43  GLY GLY A . n 
A 1 44  PRO 44  44  44  PRO PRO A . n 
A 1 45  ALA 45  45  45  ALA ALA A . n 
A 1 46  LEU 46  46  46  LEU LEU A . n 
A 1 47  LEU 47  47  47  LEU LEU A . n 
A 1 48  ASP 48  48  48  ASP ASP A . n 
A 1 49  ALA 49  49  49  ALA ALA A . n 
A 1 50  CYS 50  50  50  CYS CYS A . n 
A 1 51  LEU 51  51  51  LEU LEU A . n 
A 1 52  LYS 52  52  52  LYS LYS A . n 
A 1 53  VAL 53  53  53  VAL VAL A . n 
A 1 54  ARG 54  54  54  ARG ARG A . n 
A 1 55  GLN 55  55  55  GLN GLN A . n 
A 1 56  GLN 56  56  56  GLN GLN A . n 
A 1 57  GLN 57  57  57  GLN GLN A . n 
A 1 58  GLY 58  58  58  GLY GLY A . n 
A 1 59  ASP 59  59  59  ASP ASP A . n 
A 1 60  CYS 60  60  60  CYS CYS A . n 
A 1 61  PRO 61  61  61  PRO PRO A . n 
A 1 62  THR 62  62  62  THR THR A . n 
A 1 63  GLY 63  63  63  GLY GLY A . n 
A 1 64  HIS 64  64  64  HIS HIS A . n 
A 1 65  ALA 65  65  65  ALA ALA A . n 
A 1 66  VAL 66  66  66  VAL VAL A . n 
A 1 67  ILE 67  67  67  ILE ILE A . n 
A 1 68  THR 68  68  68  THR THR A . n 
A 1 69  LEU 69  69  69  LEU LEU A . n 
A 1 70  ALA 70  70  70  ALA ALA A . n 
A 1 71  GLY 71  71  71  GLY GLY A . n 
A 1 72  ASP 72  72  72  ASP ASP A . n 
A 1 73  LEU 73  73  73  LEU LEU A . n 
A 1 74  PRO 74  74  74  PRO PRO A . n 
A 1 75  ALA 75  75  75  ALA ALA A . n 
A 1 76  LYS 76  76  76  LYS LYS A . n 
A 1 77  ALA 77  77  77  ALA ALA A . n 
A 1 78  VAL 78  78  78  VAL VAL A . n 
A 1 79  VAL 79  79  79  VAL VAL A . n 
A 1 80  HIS 80  80  80  HIS HIS A . n 
A 1 81  THR 81  81  81  THR THR A . n 
A 1 82  VAL 82  82  82  VAL VAL A . n 
A 1 83  GLY 83  83  83  GLY GLY A . n 
A 1 84  PRO 84  84  84  PRO PRO A . n 
A 1 85  VAL 85  85  85  VAL VAL A . n 
A 1 86  TRP 86  86  86  TRP TRP A . n 
A 1 87  ARG 87  87  87  ARG ARG A . n 
A 1 88  GLY 88  88  88  GLY GLY A . n 
A 1 89  GLY 89  89  89  GLY GLY A . n 
A 1 90  GLU 90  90  90  GLU GLU A . n 
A 1 91  GLN 91  91  91  GLN GLN A . n 
A 1 92  ASN 92  92  92  ASN ASN A . n 
A 1 93  GLU 93  93  93  GLU GLU A . n 
A 1 94  ASP 94  94  94  ASP ASP A . n 
A 1 95  GLN 95  95  95  GLN GLN A . n 
A 1 96  LEU 96  96  96  LEU LEU A . n 
A 1 97  LEU 97  97  97  LEU LEU A . n 
A 1 98  GLN 98  98  98  GLN GLN A . n 
A 1 99  ASP 99  99  99  ASP ASP A . n 
A 1 100 ALA 100 100 100 ALA ALA A . n 
A 1 101 TYR 101 101 101 TYR TYR A . n 
A 1 102 LEU 102 102 102 LEU LEU A . n 
A 1 103 ASN 103 103 103 ASN ASN A . n 
A 1 104 SER 104 104 104 SER SER A . n 
A 1 105 LEU 105 105 105 LEU LEU A . n 
A 1 106 ARG 106 106 106 ARG ARG A . n 
A 1 107 LEU 107 107 107 LEU LEU A . n 
A 1 108 VAL 108 108 108 VAL VAL A . n 
A 1 109 ALA 109 109 109 ALA ALA A . n 
A 1 110 ALA 110 110 110 ALA ALA A . n 
A 1 111 ASN 111 111 111 ASN ASN A . n 
A 1 112 SER 112 112 112 SER SER A . n 
A 1 113 TYR 113 113 113 TYR TYR A . n 
A 1 114 THR 114 114 114 THR THR A . n 
A 1 115 SER 115 115 115 SER SER A . n 
A 1 116 VAL 116 116 116 VAL VAL A . n 
A 1 117 ALA 117 117 117 ALA ALA A . n 
A 1 118 PHE 118 118 118 PHE PHE A . n 
A 1 119 PRO 119 119 119 PRO PRO A . n 
A 1 120 ALA 120 120 120 ALA ALA A . n 
A 1 121 ILE 121 121 121 ILE ILE A . n 
A 1 122 SER 122 122 122 SER SER A . n 
A 1 123 THR 123 123 123 THR THR A . n 
A 1 124 GLY 124 124 124 GLY GLY A . n 
A 1 125 VAL 125 125 125 VAL VAL A . n 
A 1 126 TYR 126 126 126 TYR TYR A . n 
A 1 127 GLY 127 127 127 GLY GLY A . n 
A 1 128 TYR 128 128 128 TYR TYR A . n 
A 1 129 PRO 129 129 129 PRO PRO A . n 
A 1 130 ARG 130 130 130 ARG ARG A . n 
A 1 131 ALA 131 131 131 ALA ALA A . n 
A 1 132 ALA 132 132 132 ALA ALA A . n 
A 1 133 ALA 133 133 133 ALA ALA A . n 
A 1 134 ALA 134 134 134 ALA ALA A . n 
A 1 135 GLU 135 135 135 GLU GLU A . n 
A 1 136 ILE 136 136 136 ILE ILE A . n 
A 1 137 ALA 137 137 137 ALA ALA A . n 
A 1 138 VAL 138 138 138 VAL VAL A . n 
A 1 139 LYS 139 139 139 LYS LYS A . n 
A 1 140 THR 140 140 140 THR THR A . n 
A 1 141 VAL 141 141 141 VAL VAL A . n 
A 1 142 SER 142 142 142 SER SER A . n 
A 1 143 GLU 143 143 143 GLU GLU A . n 
A 1 144 PHE 144 144 144 PHE PHE A . n 
A 1 145 ILE 145 145 145 ILE ILE A . n 
A 1 146 THR 146 146 146 THR THR A . n 
A 1 147 ARG 147 147 147 ARG ARG A . n 
A 1 148 HIS 148 148 148 HIS HIS A . n 
A 1 149 ALA 149 149 149 ALA ALA A . n 
A 1 150 LEU 150 150 150 LEU LEU A . n 
A 1 151 PRO 151 151 151 PRO PRO A . n 
A 1 152 GLU 152 152 152 GLU GLU A . n 
A 1 153 GLN 153 153 153 GLN GLN A . n 
A 1 154 VAL 154 154 154 VAL VAL A . n 
A 1 155 TYR 155 155 155 TYR TYR A . n 
A 1 156 PHE 156 156 156 PHE PHE A . n 
A 1 157 VAL 157 157 157 VAL VAL A . n 
A 1 158 CYS 158 158 158 CYS CYS A . n 
A 1 159 TYR 159 159 159 TYR TYR A . n 
A 1 160 ASP 160 160 160 ASP ASP A . n 
A 1 161 GLU 161 161 161 GLU GLU A . n 
A 1 162 GLU 162 162 162 GLU GLU A . n 
A 1 163 ASN 163 163 163 ASN ASN A . n 
A 1 164 ALA 164 164 164 ALA ALA A . n 
A 1 165 HIS 165 165 165 HIS HIS A . n 
A 1 166 LEU 166 166 166 LEU LEU A . n 
A 1 167 TYR 167 167 167 TYR TYR A . n 
A 1 168 GLU 168 168 168 GLU GLU A . n 
A 1 169 ARG 169 169 169 ARG ARG A . n 
A 1 170 LEU 170 170 170 LEU LEU A . n 
A 1 171 LEU 171 171 171 LEU LEU A . n 
A 1 172 THR 172 172 172 THR THR A . n 
A 1 173 GLN 173 173 173 GLN GLN A . n 
A 1 174 GLN 174 174 174 GLN GLN A . n 
A 1 175 GLY 175 175 ?   ?   ?   A . n 
A 1 176 ASP 176 176 ?   ?   ?   A . n 
A 1 177 GLU 177 177 ?   ?   ?   A . n 
A 1 178 GLU 178 178 ?   ?   ?   A . n 
A 1 179 HIS 179 179 ?   ?   ?   A . n 
A 1 180 HIS 180 180 ?   ?   ?   A . n 
A 1 181 HIS 181 181 ?   ?   ?   A . n 
A 1 182 HIS 182 182 ?   ?   ?   A . n 
A 1 183 HIS 183 183 ?   ?   ?   A . n 
A 1 184 HIS 184 184 ?   ?   ?   A . n 
# 
loop_
_pdbx_nonpoly_scheme.asym_id 
_pdbx_nonpoly_scheme.entity_id 
_pdbx_nonpoly_scheme.mon_id 
_pdbx_nonpoly_scheme.ndb_seq_num 
_pdbx_nonpoly_scheme.pdb_seq_num 
_pdbx_nonpoly_scheme.auth_seq_num 
_pdbx_nonpoly_scheme.pdb_mon_id 
_pdbx_nonpoly_scheme.auth_mon_id 
_pdbx_nonpoly_scheme.pdb_strand_id 
_pdbx_nonpoly_scheme.pdb_ins_code 
B 2 MES 1  201 201 MES MES A . 
C 3 HOH 1  202 1   HOH HOH A . 
C 3 HOH 2  203 2   HOH HOH A . 
C 3 HOH 3  204 3   HOH HOH A . 
C 3 HOH 4  205 4   HOH HOH A . 
C 3 HOH 5  206 5   HOH HOH A . 
C 3 HOH 6  207 6   HOH HOH A . 
C 3 HOH 7  208 7   HOH HOH A . 
C 3 HOH 8  209 8   HOH HOH A . 
C 3 HOH 9  210 9   HOH HOH A . 
C 3 HOH 10 211 10  HOH HOH A . 
C 3 HOH 11 212 11  HOH HOH A . 
C 3 HOH 12 213 12  HOH HOH A . 
C 3 HOH 13 214 13  HOH HOH A . 
C 3 HOH 14 215 14  HOH HOH A . 
C 3 HOH 15 216 15  HOH HOH A . 
C 3 HOH 16 217 16  HOH HOH A . 
C 3 HOH 17 218 17  HOH HOH A . 
C 3 HOH 18 219 18  HOH HOH A . 
C 3 HOH 19 220 19  HOH HOH A . 
C 3 HOH 20 221 20  HOH HOH A . 
C 3 HOH 21 222 21  HOH HOH A . 
C 3 HOH 22 223 22  HOH HOH A . 
C 3 HOH 23 224 23  HOH HOH A . 
C 3 HOH 24 225 24  HOH HOH A . 
C 3 HOH 25 226 25  HOH HOH A . 
C 3 HOH 26 227 26  HOH HOH A . 
C 3 HOH 27 228 27  HOH HOH A . 
C 3 HOH 28 229 28  HOH HOH A . 
C 3 HOH 29 230 29  HOH HOH A . 
C 3 HOH 30 231 30  HOH HOH A . 
C 3 HOH 31 232 31  HOH HOH A . 
C 3 HOH 32 233 32  HOH HOH A . 
C 3 HOH 33 234 33  HOH HOH A . 
C 3 HOH 34 235 34  HOH HOH A . 
C 3 HOH 35 236 35  HOH HOH A . 
C 3 HOH 36 237 36  HOH HOH A . 
C 3 HOH 37 238 37  HOH HOH A . 
C 3 HOH 38 239 38  HOH HOH A . 
C 3 HOH 39 240 39  HOH HOH A . 
C 3 HOH 40 241 40  HOH HOH A . 
C 3 HOH 41 242 41  HOH HOH A . 
C 3 HOH 42 243 42  HOH HOH A . 
C 3 HOH 43 244 43  HOH HOH A . 
C 3 HOH 44 245 44  HOH HOH A . 
C 3 HOH 45 246 45  HOH HOH A . 
C 3 HOH 46 247 46  HOH HOH A . 
C 3 HOH 47 248 47  HOH HOH A . 
C 3 HOH 48 249 48  HOH HOH A . 
C 3 HOH 49 250 49  HOH HOH A . 
C 3 HOH 50 251 50  HOH HOH A . 
C 3 HOH 51 252 51  HOH HOH A . 
C 3 HOH 52 253 52  HOH HOH A . 
C 3 HOH 53 254 53  HOH HOH A . 
C 3 HOH 54 255 54  HOH HOH A . 
C 3 HOH 55 256 55  HOH HOH A . 
C 3 HOH 56 257 56  HOH HOH A . 
C 3 HOH 57 258 57  HOH HOH A . 
C 3 HOH 58 259 58  HOH HOH A . 
C 3 HOH 59 260 59  HOH HOH A . 
C 3 HOH 60 261 60  HOH HOH A . 
C 3 HOH 61 262 61  HOH HOH A . 
C 3 HOH 62 263 62  HOH HOH A . 
C 3 HOH 63 264 63  HOH HOH A . 
C 3 HOH 64 265 64  HOH HOH A . 
C 3 HOH 65 266 65  HOH HOH A . 
C 3 HOH 66 267 66  HOH HOH A . 
C 3 HOH 67 268 67  HOH HOH A . 
C 3 HOH 68 269 68  HOH HOH A . 
C 3 HOH 69 270 69  HOH HOH A . 
C 3 HOH 70 271 70  HOH HOH A . 
C 3 HOH 71 272 71  HOH HOH A . 
C 3 HOH 72 273 72  HOH HOH A . 
C 3 HOH 73 274 73  HOH HOH A . 
C 3 HOH 74 275 74  HOH HOH A . 
C 3 HOH 75 276 75  HOH HOH A . 
C 3 HOH 76 277 76  HOH HOH A . 
C 3 HOH 77 278 77  HOH HOH A . 
C 3 HOH 78 279 78  HOH HOH A . 
C 3 HOH 79 280 79  HOH HOH A . 
C 3 HOH 80 281 80  HOH HOH A . 
C 3 HOH 81 282 81  HOH HOH A . 
C 3 HOH 82 283 82  HOH HOH A . 
C 3 HOH 83 284 83  HOH HOH A . 
C 3 HOH 84 285 84  HOH HOH A . 
C 3 HOH 85 286 85  HOH HOH A . 
C 3 HOH 86 287 86  HOH HOH A . 
C 3 HOH 87 288 87  HOH HOH A . 
C 3 HOH 88 289 88  HOH HOH A . 
C 3 HOH 89 290 89  HOH HOH A . 
C 3 HOH 90 291 90  HOH HOH A . 
C 3 HOH 91 292 91  HOH HOH A . 
C 3 HOH 92 293 92  HOH HOH A . 
C 3 HOH 93 294 93  HOH HOH A . 
C 3 HOH 94 295 94  HOH HOH A . 
C 3 HOH 95 296 95  HOH HOH A . 
C 3 HOH 96 297 96  HOH HOH A . 
C 3 HOH 97 298 97  HOH HOH A . 
C 3 HOH 98 299 98  HOH HOH A . 
# 
loop_
_software.name 
_software.classification 
_software.version 
_software.citation_id 
_software.pdbx_ordinal 
DENZO     'data reduction' .        ? 1 
SCALEPACK 'data scaling'   .        ? 2 
Shake     'model building' '& Bake' ? 3 
CNS       refinement       .        ? 4 
SnB       phasing          .        ? 5 
SOLVE     phasing          .        ? 6 
# 
_cell.entry_id           1SPV 
_cell.length_a           59.788 
_cell.length_b           40.855 
_cell.length_c           69.346 
_cell.angle_alpha        90.00 
_cell.angle_beta         103.49 
_cell.angle_gamma        90.00 
_cell.Z_PDB              4 
_cell.pdbx_unique_axis   ? 
# 
_symmetry.entry_id                         1SPV 
_symmetry.space_group_name_H-M             'C 1 2 1' 
_symmetry.pdbx_full_space_group_name_H-M   ? 
_symmetry.cell_setting                     ? 
_symmetry.Int_Tables_number                5 
# 
_exptl.entry_id          1SPV 
_exptl.method            'X-RAY DIFFRACTION' 
_exptl.crystals_number   1 
# 
_exptl_crystal.id                    1 
_exptl_crystal.density_meas          ? 
_exptl_crystal.density_percent_sol   45.13 
_exptl_crystal.description           ? 
_exptl_crystal.density_Matthews      2.26 
# 
_exptl_crystal_grow.crystal_id      1 
_exptl_crystal_grow.method          'VAPOR DIFFUSION, HANGING DROP' 
_exptl_crystal_grow.temp            277 
_exptl_crystal_grow.temp_details    ? 
_exptl_crystal_grow.pH              ? 
_exptl_crystal_grow.pdbx_details    
;Well solution: 12% PEG 20K, 100mM MES pH 5.75, 30mM KH2PO4. Protein Solution: 10mM Tris pH 7.5, 5mM DTT, 100mM NaCl, VAPOR DIFFUSION, HANGING DROP, temperature 277K
;
_exptl_crystal_grow.pdbx_pH_range   . 
# 
_diffrn.id                     1 
_diffrn.ambient_temp           100 
_diffrn.ambient_temp_details   ? 
_diffrn.crystal_id             1 
# 
_diffrn_detector.diffrn_id              1 
_diffrn_detector.detector               CCD 
_diffrn_detector.type                   'ADSC QUANTUM 4' 
_diffrn_detector.pdbx_collection_date   2004-03-08 
_diffrn_detector.details                mirrors 
# 
_diffrn_radiation.diffrn_id                        1 
_diffrn_radiation.wavelength_id                    1 
_diffrn_radiation.pdbx_monochromatic_or_laue_m_l   M 
_diffrn_radiation.monochromator                    ? 
_diffrn_radiation.pdbx_diffrn_protocol             'SINGLE WAVELENGTH' 
_diffrn_radiation.pdbx_scattering_type             x-ray 
# 
_diffrn_radiation_wavelength.id           1 
_diffrn_radiation_wavelength.wavelength   0.97927 
_diffrn_radiation_wavelength.wt           1.0 
# 
_diffrn_source.diffrn_id                   1 
_diffrn_source.source                      SYNCHROTRON 
_diffrn_source.type                        'NSLS BEAMLINE X4A' 
_diffrn_source.pdbx_synchrotron_site       NSLS 
_diffrn_source.pdbx_synchrotron_beamline   X4A 
_diffrn_source.pdbx_wavelength             ? 
_diffrn_source.pdbx_wavelength_list        0.97927 
# 
_reflns.entry_id                     1SPV 
_reflns.observed_criterion_sigma_F   2.0 
_reflns.observed_criterion_sigma_I   2.0 
_reflns.d_resolution_high            2.0 
_reflns.d_resolution_low             29.29 
_reflns.number_all                   ? 
_reflns.number_obs                   22088 
_reflns.percent_possible_obs         99.2 
_reflns.pdbx_Rmerge_I_obs            0.06 
_reflns.pdbx_Rsym_value              0.065 
_reflns.pdbx_netI_over_sigmaI        18.84 
_reflns.B_iso_Wilson_estimate        9.5 
_reflns.pdbx_redundancy              4.15 
_reflns.R_free_details               ? 
_reflns.limit_h_max                  ? 
_reflns.limit_h_min                  ? 
_reflns.limit_k_max                  ? 
_reflns.limit_k_min                  ? 
_reflns.limit_l_max                  ? 
_reflns.limit_l_min                  ? 
_reflns.observed_criterion_F_max     ? 
_reflns.observed_criterion_F_min     ? 
_reflns.pdbx_diffrn_id               1 
_reflns.pdbx_ordinal                 1 
# 
_reflns_shell.d_res_high             2.0 
_reflns_shell.d_res_low              2.07 
_reflns_shell.percent_possible_all   97.3 
_reflns_shell.Rmerge_I_obs           0.11 
_reflns_shell.pdbx_Rsym_value        0.116 
_reflns_shell.meanI_over_sigI_obs    7.7 
_reflns_shell.pdbx_redundancy        3.2 
_reflns_shell.percent_possible_obs   ? 
_reflns_shell.number_unique_all      2214 
_reflns_shell.pdbx_diffrn_id         ? 
_reflns_shell.pdbx_ordinal           1 
# 
_refine.entry_id                                 1SPV 
_refine.ls_d_res_high                            2.0 
_refine.ls_d_res_low                             29.29 
_refine.pdbx_ls_sigma_F                          2.0 
_refine.pdbx_ls_sigma_I                          2.0 
_refine.ls_number_reflns_all                     21071 
_refine.ls_number_reflns_obs                     21071 
_refine.ls_number_reflns_R_free                  2004 
_refine.ls_percent_reflns_obs                    97.9 
_refine.ls_R_factor_all                          0.201 
_refine.ls_R_factor_obs                          0.232 
_refine.ls_R_factor_R_work                       0.201 
_refine.ls_R_factor_R_free                       0.232 
_refine.ls_redundancy_reflns_obs                 ? 
_refine.pdbx_data_cutoff_high_absF               ? 
_refine.pdbx_data_cutoff_low_absF                ? 
_refine.ls_number_parameters                     ? 
_refine.ls_number_restraints                     ? 
_refine.ls_percent_reflns_R_free                 ? 
_refine.ls_R_factor_R_free_error                 ? 
_refine.ls_R_factor_R_free_error_details         ? 
_refine.pdbx_method_to_determine_struct          SAD 
_refine.pdbx_starting_model                      ? 
_refine.pdbx_ls_cross_valid_method               THROUGHOUT 
_refine.pdbx_R_Free_selection_details            Random 
_refine.pdbx_stereochem_target_val_spec_case     ? 
_refine.pdbx_stereochemistry_target_values       'Engh & Huber' 
_refine.solvent_model_details                    ? 
_refine.solvent_model_param_bsol                 ? 
_refine.solvent_model_param_ksol                 ? 
_refine.occupancy_max                            ? 
_refine.occupancy_min                            ? 
_refine.pdbx_isotropic_thermal_model             anisotropic 
_refine.B_iso_mean                               22.1 
_refine.aniso_B[1][1]                            0.21 
_refine.aniso_B[1][2]                            0.00 
_refine.aniso_B[1][3]                            0.57 
_refine.aniso_B[2][2]                            0.55 
_refine.aniso_B[2][3]                            0.00 
_refine.aniso_B[3][3]                            -0.76 
_refine.details                                  'Used weighted full matrix least squares procedure' 
_refine.B_iso_min                                ? 
_refine.B_iso_max                                ? 
_refine.correlation_coeff_Fo_to_Fc               ? 
_refine.correlation_coeff_Fo_to_Fc_free          ? 
_refine.pdbx_solvent_vdw_probe_radii             ? 
_refine.pdbx_solvent_ion_probe_radii             ? 
_refine.pdbx_solvent_shrinkage_radii             ? 
_refine.overall_SU_R_Cruickshank_DPI             ? 
_refine.overall_SU_R_free                        ? 
_refine.overall_SU_B                             ? 
_refine.overall_SU_ML                            ? 
_refine.pdbx_overall_ESU_R                       ? 
_refine.pdbx_overall_ESU_R_Free                  ? 
_refine.pdbx_data_cutoff_high_rms_absF           ? 
_refine.pdbx_refine_id                           'X-RAY DIFFRACTION' 
_refine.pdbx_diffrn_id                           1 
_refine.pdbx_TLS_residual_ADP_flag               ? 
_refine.pdbx_overall_phase_error                 ? 
_refine.pdbx_overall_SU_R_free_Cruickshank_DPI   ? 
_refine.pdbx_overall_SU_R_Blow_DPI               ? 
_refine.pdbx_overall_SU_R_free_Blow_DPI          ? 
# 
_refine_analyze.entry_id                        1SPV 
_refine_analyze.Luzzati_coordinate_error_obs    0.22 
_refine_analyze.Luzzati_sigma_a_obs             0.11 
_refine_analyze.Luzzati_d_res_low_obs           5.00 
_refine_analyze.Luzzati_coordinate_error_free   0.28 
_refine_analyze.Luzzati_sigma_a_free            0.22 
_refine_analyze.Luzzati_d_res_low_free          ? 
_refine_analyze.number_disordered_residues      ? 
_refine_analyze.occupancy_sum_non_hydrogen      ? 
_refine_analyze.occupancy_sum_hydrogen          ? 
_refine_analyze.pdbx_Luzzati_d_res_high_obs     ? 
_refine_analyze.pdbx_refine_id                  'X-RAY DIFFRACTION' 
# 
_refine_hist.pdbx_refine_id                   'X-RAY DIFFRACTION' 
_refine_hist.cycle_id                         LAST 
_refine_hist.pdbx_number_atoms_protein        1290 
_refine_hist.pdbx_number_atoms_nucleic_acid   0 
_refine_hist.pdbx_number_atoms_ligand         12 
_refine_hist.number_atoms_solvent             98 
_refine_hist.number_atoms_total               1400 
_refine_hist.d_res_high                       2.0 
_refine_hist.d_res_low                        29.29 
# 
loop_
_refine_ls_restr.type 
_refine_ls_restr.dev_ideal 
_refine_ls_restr.dev_ideal_target 
_refine_ls_restr.weight 
_refine_ls_restr.number 
_refine_ls_restr.pdbx_refine_id 
_refine_ls_restr.pdbx_restraint_function 
c_bond_d           0.005 ? ? ? 'X-RAY DIFFRACTION' ? 
c_angle_d          1.1   ? ? ? 'X-RAY DIFFRACTION' ? 
c_dihedral_angle_d 23.0  ? ? ? 'X-RAY DIFFRACTION' ? 
c_improper_angle_d 0.86  ? ? ? 'X-RAY DIFFRACTION' ? 
# 
_refine_ls_shell.pdbx_total_number_of_bins_used   ? 
_refine_ls_shell.d_res_high                       2.0 
_refine_ls_shell.d_res_low                        2.13 
_refine_ls_shell.number_reflns_R_work             ? 
_refine_ls_shell.R_factor_R_work                  0.222 
_refine_ls_shell.percent_reflns_obs               94.3 
_refine_ls_shell.R_factor_R_free                  0.29 
_refine_ls_shell.R_factor_R_free_error            0.018 
_refine_ls_shell.percent_reflns_R_free            ? 
_refine_ls_shell.number_reflns_R_free             272 
_refine_ls_shell.number_reflns_obs                3109 
_refine_ls_shell.redundancy_reflns_obs            ? 
_refine_ls_shell.number_reflns_all                ? 
_refine_ls_shell.pdbx_refine_id                   'X-RAY DIFFRACTION' 
_refine_ls_shell.R_factor_all                     ? 
# 
_struct.entry_id                  1SPV 
_struct.title                     
'Crystal Structure of the Putative Phosphatase of Escherichia coli, Northeast Structural Genomoics Target ER58' 
_struct.pdbx_model_details        ? 
_struct.pdbx_CASP_flag            ? 
_struct.pdbx_model_type_details   ? 
# 
_struct_keywords.entry_id        1SPV 
_struct_keywords.pdbx_keywords   'STRUCTURAL GENOMICS, UNKNOWN FUNCTION' 
_struct_keywords.text            
;Structural Genomoics, alpha/beta monomeric protein, Structural Genomics, PSI, Protein Structure Initiative, Northeast Structural Genomics Consortium, NESG, UNKNOWN FUNCTION
;
# 
loop_
_struct_asym.id 
_struct_asym.pdbx_blank_PDB_chainid_flag 
_struct_asym.pdbx_modified 
_struct_asym.entity_id 
_struct_asym.details 
A N N 1 ? 
B N N 2 ? 
C N N 3 ? 
# 
_struct_ref.id                         1 
_struct_ref.db_name                    UNP 
_struct_ref.db_code                    YMDB_ECOLI 
_struct_ref.pdbx_db_accession          P0A8D6 
_struct_ref.entity_id                  1 
_struct_ref.pdbx_seq_one_letter_code   
;MKTRIHVVQGDITKLAVDVIVNAANPSLMGGGGVDGAIHRAAGPALLDACLKVRQQQGDCPTGHAVITLAGDLPAKAVVH
TVGPVWRGGEQNEDQLLQDAYLNSLRLVAANSYTSVAFPAISTGVYGYPRAAAAEIAVKTVSEFITRHALPEQVYFVCYD
EENAHLYERLLTQQGDE
;
_struct_ref.pdbx_align_begin           1 
_struct_ref.pdbx_db_isoform            ? 
# 
_struct_ref_seq.align_id                      1 
_struct_ref_seq.ref_id                        1 
_struct_ref_seq.pdbx_PDB_id_code              1SPV 
_struct_ref_seq.pdbx_strand_id                A 
_struct_ref_seq.seq_align_beg                 1 
_struct_ref_seq.pdbx_seq_align_beg_ins_code   ? 
_struct_ref_seq.seq_align_end                 177 
_struct_ref_seq.pdbx_seq_align_end_ins_code   ? 
_struct_ref_seq.pdbx_db_accession             P0A8D6 
_struct_ref_seq.db_align_beg                  1 
_struct_ref_seq.pdbx_db_align_beg_ins_code    ? 
_struct_ref_seq.db_align_end                  177 
_struct_ref_seq.pdbx_db_align_end_ins_code    ? 
_struct_ref_seq.pdbx_auth_seq_align_beg       1 
_struct_ref_seq.pdbx_auth_seq_align_end       177 
# 
loop_
_struct_ref_seq_dif.align_id 
_struct_ref_seq_dif.pdbx_pdb_id_code 
_struct_ref_seq_dif.mon_id 
_struct_ref_seq_dif.pdbx_pdb_strand_id 
_struct_ref_seq_dif.seq_num 
_struct_ref_seq_dif.pdbx_pdb_ins_code 
_struct_ref_seq_dif.pdbx_seq_db_name 
_struct_ref_seq_dif.pdbx_seq_db_accession_code 
_struct_ref_seq_dif.db_mon_id 
_struct_ref_seq_dif.pdbx_seq_db_seq_num 
_struct_ref_seq_dif.details 
_struct_ref_seq_dif.pdbx_auth_seq_num 
_struct_ref_seq_dif.pdbx_ordinal 
1 1SPV MSE A 29  ? UNP P0A8D6 MET 29 'modified residue' 29  1 
1 1SPV GLU A 177 ? UNP P0A8D6 ?   ?  'cloning artifact' 177 2 
1 1SPV GLU A 178 ? UNP P0A8D6 ?   ?  'cloning artifact' 178 3 
1 1SPV HIS A 179 ? UNP P0A8D6 ?   ?  'cloning artifact' 179 4 
1 1SPV HIS A 180 ? UNP P0A8D6 ?   ?  'cloning artifact' 180 5 
1 1SPV HIS A 181 ? UNP P0A8D6 ?   ?  'cloning artifact' 181 6 
1 1SPV HIS A 182 ? UNP P0A8D6 ?   ?  'cloning artifact' 182 7 
1 1SPV HIS A 183 ? UNP P0A8D6 ?   ?  'cloning artifact' 183 8 
1 1SPV HIS A 184 ? UNP P0A8D6 ?   ?  'cloning artifact' 184 9 
# 
_pdbx_struct_assembly.id                   1 
_pdbx_struct_assembly.details              author_defined_assembly 
_pdbx_struct_assembly.method_details       ? 
_pdbx_struct_assembly.oligomeric_details   monomeric 
_pdbx_struct_assembly.oligomeric_count     1 
# 
_pdbx_struct_assembly_gen.assembly_id       1 
_pdbx_struct_assembly_gen.oper_expression   1 
_pdbx_struct_assembly_gen.asym_id_list      A,B,C 
# 
_pdbx_struct_oper_list.id                   1 
_pdbx_struct_oper_list.type                 'identity operation' 
_pdbx_struct_oper_list.name                 1_555 
_pdbx_struct_oper_list.symmetry_operation   x,y,z 
_pdbx_struct_oper_list.matrix[1][1]         1.0000000000 
_pdbx_struct_oper_list.matrix[1][2]         0.0000000000 
_pdbx_struct_oper_list.matrix[1][3]         0.0000000000 
_pdbx_struct_oper_list.vector[1]            0.0000000000 
_pdbx_struct_oper_list.matrix[2][1]         0.0000000000 
_pdbx_struct_oper_list.matrix[2][2]         1.0000000000 
_pdbx_struct_oper_list.matrix[2][3]         0.0000000000 
_pdbx_struct_oper_list.vector[2]            0.0000000000 
_pdbx_struct_oper_list.matrix[3][1]         0.0000000000 
_pdbx_struct_oper_list.matrix[3][2]         0.0000000000 
_pdbx_struct_oper_list.matrix[3][3]         1.0000000000 
_pdbx_struct_oper_list.vector[3]            0.0000000000 
# 
loop_
_struct_conf.conf_type_id 
_struct_conf.id 
_struct_conf.pdbx_PDB_helix_id 
_struct_conf.beg_label_comp_id 
_struct_conf.beg_label_asym_id 
_struct_conf.beg_label_seq_id 
_struct_conf.pdbx_beg_PDB_ins_code 
_struct_conf.end_label_comp_id 
_struct_conf.end_label_asym_id 
_struct_conf.end_label_seq_id 
_struct_conf.pdbx_end_PDB_ins_code 
_struct_conf.beg_auth_comp_id 
_struct_conf.beg_auth_asym_id 
_struct_conf.beg_auth_seq_id 
_struct_conf.end_auth_comp_id 
_struct_conf.end_auth_asym_id 
_struct_conf.end_auth_seq_id 
_struct_conf.pdbx_PDB_helix_class 
_struct_conf.details 
_struct_conf.pdbx_PDB_helix_length 
HELX_P HELX_P1 1 ASP A 11  ? LEU A 15  ? ASP A 11  LEU A 15  5 ? 5  
HELX_P HELX_P2 2 GLY A 32  ? GLY A 43  ? GLY A 32  GLY A 43  1 ? 12 
HELX_P HELX_P3 3 GLY A 43  ? GLY A 58  ? GLY A 43  GLY A 58  1 ? 16 
HELX_P HELX_P4 4 ASN A 92  ? ASN A 111 ? ASN A 92  ASN A 111 1 ? 20 
HELX_P HELX_P5 5 PRO A 129 ? HIS A 148 ? PRO A 129 HIS A 148 1 ? 20 
HELX_P HELX_P6 6 ASP A 160 ? GLN A 173 ? ASP A 160 GLN A 173 1 ? 14 
# 
_struct_conf_type.id          HELX_P 
_struct_conf_type.criteria    ? 
_struct_conf_type.reference   ? 
# 
loop_
_struct_conn.id 
_struct_conn.conn_type_id 
_struct_conn.pdbx_leaving_atom_flag 
_struct_conn.pdbx_PDB_id 
_struct_conn.ptnr1_label_asym_id 
_struct_conn.ptnr1_label_comp_id 
_struct_conn.ptnr1_label_seq_id 
_struct_conn.ptnr1_label_atom_id 
_struct_conn.pdbx_ptnr1_label_alt_id 
_struct_conn.pdbx_ptnr1_PDB_ins_code 
_struct_conn.pdbx_ptnr1_standard_comp_id 
_struct_conn.ptnr1_symmetry 
_struct_conn.ptnr2_label_asym_id 
_struct_conn.ptnr2_label_comp_id 
_struct_conn.ptnr2_label_seq_id 
_struct_conn.ptnr2_label_atom_id 
_struct_conn.pdbx_ptnr2_label_alt_id 
_struct_conn.pdbx_ptnr2_PDB_ins_code 
_struct_conn.ptnr1_auth_asym_id 
_struct_conn.ptnr1_auth_comp_id 
_struct_conn.ptnr1_auth_seq_id 
_struct_conn.ptnr2_auth_asym_id 
_struct_conn.ptnr2_auth_comp_id 
_struct_conn.ptnr2_auth_seq_id 
_struct_conn.ptnr2_symmetry 
_struct_conn.pdbx_ptnr3_label_atom_id 
_struct_conn.pdbx_ptnr3_label_seq_id 
_struct_conn.pdbx_ptnr3_label_comp_id 
_struct_conn.pdbx_ptnr3_label_asym_id 
_struct_conn.pdbx_ptnr3_label_alt_id 
_struct_conn.pdbx_ptnr3_PDB_ins_code 
_struct_conn.details 
_struct_conn.pdbx_dist_value 
_struct_conn.pdbx_value_order 
_struct_conn.pdbx_role 
covale1 covale both ? A LEU 28 C ? ? ? 1_555 A MSE 29 N ? ? A LEU 28 A MSE 29 1_555 ? ? ? ? ? ? ? 1.329 ? ? 
covale2 covale both ? A MSE 29 C ? ? ? 1_555 A GLY 30 N ? ? A MSE 29 A GLY 30 1_555 ? ? ? ? ? ? ? 1.329 ? ? 
# 
_struct_conn_type.id          covale 
_struct_conn_type.criteria    ? 
_struct_conn_type.reference   ? 
# 
_pdbx_modification_feature.ordinal                            1 
_pdbx_modification_feature.label_comp_id                      MSE 
_pdbx_modification_feature.label_asym_id                      A 
_pdbx_modification_feature.label_seq_id                       29 
_pdbx_modification_feature.label_alt_id                       ? 
_pdbx_modification_feature.modified_residue_label_comp_id     . 
_pdbx_modification_feature.modified_residue_label_asym_id     . 
_pdbx_modification_feature.modified_residue_label_seq_id      . 
_pdbx_modification_feature.modified_residue_label_alt_id      . 
_pdbx_modification_feature.auth_comp_id                       MSE 
_pdbx_modification_feature.auth_asym_id                       A 
_pdbx_modification_feature.auth_seq_id                        29 
_pdbx_modification_feature.PDB_ins_code                       ? 
_pdbx_modification_feature.symmetry                           1_555 
_pdbx_modification_feature.modified_residue_auth_comp_id      . 
_pdbx_modification_feature.modified_residue_auth_asym_id      . 
_pdbx_modification_feature.modified_residue_auth_seq_id       . 
_pdbx_modification_feature.modified_residue_PDB_ins_code      . 
_pdbx_modification_feature.modified_residue_symmetry          . 
_pdbx_modification_feature.comp_id_linking_atom               . 
_pdbx_modification_feature.modified_residue_id_linking_atom   . 
_pdbx_modification_feature.modified_residue_id                MET 
_pdbx_modification_feature.ref_pcm_id                         1 
_pdbx_modification_feature.ref_comp_id                        MSE 
_pdbx_modification_feature.type                               Selenomethionine 
_pdbx_modification_feature.category                           'Named protein modification' 
# 
_struct_mon_prot_cis.pdbx_id                1 
_struct_mon_prot_cis.label_comp_id          LEU 
_struct_mon_prot_cis.label_seq_id           150 
_struct_mon_prot_cis.label_asym_id          A 
_struct_mon_prot_cis.label_alt_id           . 
_struct_mon_prot_cis.pdbx_PDB_ins_code      ? 
_struct_mon_prot_cis.auth_comp_id           LEU 
_struct_mon_prot_cis.auth_seq_id            150 
_struct_mon_prot_cis.auth_asym_id           A 
_struct_mon_prot_cis.pdbx_label_comp_id_2   PRO 
_struct_mon_prot_cis.pdbx_label_seq_id_2    151 
_struct_mon_prot_cis.pdbx_label_asym_id_2   A 
_struct_mon_prot_cis.pdbx_PDB_ins_code_2    ? 
_struct_mon_prot_cis.pdbx_auth_comp_id_2    PRO 
_struct_mon_prot_cis.pdbx_auth_seq_id_2     151 
_struct_mon_prot_cis.pdbx_auth_asym_id_2    A 
_struct_mon_prot_cis.pdbx_PDB_model_num     1 
_struct_mon_prot_cis.pdbx_omega_angle       0.19 
# 
_struct_sheet.id               A 
_struct_sheet.type             ? 
_struct_sheet.number_strands   6 
_struct_sheet.details          ? 
# 
loop_
_struct_sheet_order.sheet_id 
_struct_sheet_order.range_id_1 
_struct_sheet_order.range_id_2 
_struct_sheet_order.offset 
_struct_sheet_order.sense 
A 1 2 ? parallel      
A 2 3 ? parallel      
A 3 4 ? parallel      
A 4 5 ? parallel      
A 5 6 ? anti-parallel 
# 
loop_
_struct_sheet_range.sheet_id 
_struct_sheet_range.id 
_struct_sheet_range.beg_label_comp_id 
_struct_sheet_range.beg_label_asym_id 
_struct_sheet_range.beg_label_seq_id 
_struct_sheet_range.pdbx_beg_PDB_ins_code 
_struct_sheet_range.end_label_comp_id 
_struct_sheet_range.end_label_asym_id 
_struct_sheet_range.end_label_seq_id 
_struct_sheet_range.pdbx_end_PDB_ins_code 
_struct_sheet_range.beg_auth_comp_id 
_struct_sheet_range.beg_auth_asym_id 
_struct_sheet_range.beg_auth_seq_id 
_struct_sheet_range.end_auth_comp_id 
_struct_sheet_range.end_auth_asym_id 
_struct_sheet_range.end_auth_seq_id 
A 1 ILE A 5   ? GLN A 9   ? ILE A 5   GLN A 9   
A 2 GLN A 153 ? CYS A 158 ? GLN A 153 CYS A 158 
A 3 SER A 115 ? PHE A 118 ? SER A 115 PHE A 118 
A 4 VAL A 19  ? ALA A 23  ? VAL A 19  ALA A 23  
A 5 ALA A 77  ? THR A 81  ? ALA A 77  THR A 81  
A 6 ALA A 65  ? THR A 68  ? ALA A 65  THR A 68  
# 
loop_
_pdbx_struct_sheet_hbond.sheet_id 
_pdbx_struct_sheet_hbond.range_id_1 
_pdbx_struct_sheet_hbond.range_id_2 
_pdbx_struct_sheet_hbond.range_1_label_atom_id 
_pdbx_struct_sheet_hbond.range_1_label_comp_id 
_pdbx_struct_sheet_hbond.range_1_label_asym_id 
_pdbx_struct_sheet_hbond.range_1_label_seq_id 
_pdbx_struct_sheet_hbond.range_1_PDB_ins_code 
_pdbx_struct_sheet_hbond.range_1_auth_atom_id 
_pdbx_struct_sheet_hbond.range_1_auth_comp_id 
_pdbx_struct_sheet_hbond.range_1_auth_asym_id 
_pdbx_struct_sheet_hbond.range_1_auth_seq_id 
_pdbx_struct_sheet_hbond.range_2_label_atom_id 
_pdbx_struct_sheet_hbond.range_2_label_comp_id 
_pdbx_struct_sheet_hbond.range_2_label_asym_id 
_pdbx_struct_sheet_hbond.range_2_label_seq_id 
_pdbx_struct_sheet_hbond.range_2_PDB_ins_code 
_pdbx_struct_sheet_hbond.range_2_auth_atom_id 
_pdbx_struct_sheet_hbond.range_2_auth_comp_id 
_pdbx_struct_sheet_hbond.range_2_auth_asym_id 
_pdbx_struct_sheet_hbond.range_2_auth_seq_id 
A 1 2 N HIS A 6   ? N HIS A 6   O PHE A 156 ? O PHE A 156 
A 2 3 O TYR A 155 ? O TYR A 155 N PHE A 118 ? N PHE A 118 
A 3 4 O ALA A 117 ? O ALA A 117 N VAL A 21  ? N VAL A 21  
A 4 5 N ASN A 22  ? N ASN A 22  O VAL A 79  ? O VAL A 79  
A 5 6 O HIS A 80  ? O HIS A 80  N VAL A 66  ? N VAL A 66  
# 
_struct_site.id                   AC1 
_struct_site.pdbx_evidence_code   Software 
_struct_site.pdbx_auth_asym_id    A 
_struct_site.pdbx_auth_comp_id    MES 
_struct_site.pdbx_auth_seq_id     201 
_struct_site.pdbx_auth_ins_code   ? 
_struct_site.pdbx_num_residues    10 
_struct_site.details              'BINDING SITE FOR RESIDUE MES A 201' 
# 
loop_
_struct_site_gen.id 
_struct_site_gen.site_id 
_struct_site_gen.pdbx_num_res 
_struct_site_gen.label_comp_id 
_struct_site_gen.label_asym_id 
_struct_site_gen.label_seq_id 
_struct_site_gen.pdbx_auth_ins_code 
_struct_site_gen.auth_comp_id 
_struct_site_gen.auth_asym_id 
_struct_site_gen.auth_seq_id 
_struct_site_gen.label_atom_id 
_struct_site_gen.label_alt_id 
_struct_site_gen.symmetry 
_struct_site_gen.details 
1  AC1 10 ALA A 23  ? ALA A 23  . ? 1_555 ? 
2  AC1 10 ASN A 25  ? ASN A 25  . ? 1_555 ? 
3  AC1 10 GLY A 32  ? GLY A 32  . ? 1_555 ? 
4  AC1 10 ASP A 35  ? ASP A 35  . ? 1_555 ? 
5  AC1 10 ASP A 48  ? ASP A 48  . ? 4_646 ? 
6  AC1 10 SER A 122 ? SER A 122 . ? 1_555 ? 
7  AC1 10 GLY A 124 ? GLY A 124 . ? 1_555 ? 
8  AC1 10 VAL A 125 ? VAL A 125 . ? 1_555 ? 
9  AC1 10 TYR A 126 ? TYR A 126 . ? 1_555 ? 
10 AC1 10 HOH C .   ? HOH A 275 . ? 1_555 ? 
# 
_pdbx_entry_details.entry_id                   1SPV 
_pdbx_entry_details.compound_details           ? 
_pdbx_entry_details.source_details             ? 
_pdbx_entry_details.nonpolymer_details         ? 
_pdbx_entry_details.sequence_details           ? 
_pdbx_entry_details.has_ligand_of_interest     ? 
_pdbx_entry_details.has_protein_modification   Y 
# 
loop_
_pdbx_validate_symm_contact.id 
_pdbx_validate_symm_contact.PDB_model_num 
_pdbx_validate_symm_contact.auth_atom_id_1 
_pdbx_validate_symm_contact.auth_asym_id_1 
_pdbx_validate_symm_contact.auth_comp_id_1 
_pdbx_validate_symm_contact.auth_seq_id_1 
_pdbx_validate_symm_contact.PDB_ins_code_1 
_pdbx_validate_symm_contact.label_alt_id_1 
_pdbx_validate_symm_contact.site_symmetry_1 
_pdbx_validate_symm_contact.auth_atom_id_2 
_pdbx_validate_symm_contact.auth_asym_id_2 
_pdbx_validate_symm_contact.auth_comp_id_2 
_pdbx_validate_symm_contact.auth_seq_id_2 
_pdbx_validate_symm_contact.PDB_ins_code_2 
_pdbx_validate_symm_contact.label_alt_id_2 
_pdbx_validate_symm_contact.site_symmetry_2 
_pdbx_validate_symm_contact.dist 
1 1 O A HOH 284 ? ? 1_555 O A HOH 284 ? ? 2_656 1.07 
2 1 O A HOH 282 ? ? 1_555 O A HOH 282 ? ? 2_656 1.18 
3 1 O A HOH 283 ? ? 1_555 O A HOH 283 ? ? 2_656 1.45 
# 
loop_
_pdbx_validate_torsion.id 
_pdbx_validate_torsion.PDB_model_num 
_pdbx_validate_torsion.auth_comp_id 
_pdbx_validate_torsion.auth_asym_id 
_pdbx_validate_torsion.auth_seq_id 
_pdbx_validate_torsion.PDB_ins_code 
_pdbx_validate_torsion.label_alt_id 
_pdbx_validate_torsion.phi 
_pdbx_validate_torsion.psi 
1 1 PRO A 74  ? ? -81.91 46.94 
2 1 ASN A 92  ? ? 58.73  15.24 
3 1 SER A 122 ? ? 70.19  -5.18 
# 
_pdbx_SG_project.id                    1 
_pdbx_SG_project.project_name          'PSI, Protein Structure Initiative' 
_pdbx_SG_project.full_name_of_center   'Northeast Structural Genomics Consortium' 
_pdbx_SG_project.initial_of_center     NESG 
# 
_pdbx_struct_mod_residue.id               1 
_pdbx_struct_mod_residue.label_asym_id    A 
_pdbx_struct_mod_residue.label_comp_id    MSE 
_pdbx_struct_mod_residue.label_seq_id     29 
_pdbx_struct_mod_residue.auth_asym_id     A 
_pdbx_struct_mod_residue.auth_comp_id     MSE 
_pdbx_struct_mod_residue.auth_seq_id      29 
_pdbx_struct_mod_residue.PDB_ins_code     ? 
_pdbx_struct_mod_residue.parent_comp_id   MET 
_pdbx_struct_mod_residue.details          SELENOMETHIONINE 
# 
loop_
_pdbx_unobs_or_zero_occ_residues.id 
_pdbx_unobs_or_zero_occ_residues.PDB_model_num 
_pdbx_unobs_or_zero_occ_residues.polymer_flag 
_pdbx_unobs_or_zero_occ_residues.occupancy_flag 
_pdbx_unobs_or_zero_occ_residues.auth_asym_id 
_pdbx_unobs_or_zero_occ_residues.auth_comp_id 
_pdbx_unobs_or_zero_occ_residues.auth_seq_id 
_pdbx_unobs_or_zero_occ_residues.PDB_ins_code 
_pdbx_unobs_or_zero_occ_residues.label_asym_id 
_pdbx_unobs_or_zero_occ_residues.label_comp_id 
_pdbx_unobs_or_zero_occ_residues.label_seq_id 
1  1 Y 1 A MET 1   ? A MET 1   
2  1 Y 1 A LYS 2   ? A LYS 2   
3  1 Y 1 A GLY 175 ? A GLY 175 
4  1 Y 1 A ASP 176 ? A ASP 176 
5  1 Y 1 A GLU 177 ? A GLU 177 
6  1 Y 1 A GLU 178 ? A GLU 178 
7  1 Y 1 A HIS 179 ? A HIS 179 
8  1 Y 1 A HIS 180 ? A HIS 180 
9  1 Y 1 A HIS 181 ? A HIS 181 
10 1 Y 1 A HIS 182 ? A HIS 182 
11 1 Y 1 A HIS 183 ? A HIS 183 
12 1 Y 1 A HIS 184 ? A HIS 184 
# 
loop_
_chem_comp_atom.comp_id 
_chem_comp_atom.atom_id 
_chem_comp_atom.type_symbol 
_chem_comp_atom.pdbx_aromatic_flag 
_chem_comp_atom.pdbx_stereo_config 
_chem_comp_atom.pdbx_ordinal 
ALA N    N  N N 1   
ALA CA   C  N S 2   
ALA C    C  N N 3   
ALA O    O  N N 4   
ALA CB   C  N N 5   
ALA OXT  O  N N 6   
ALA H    H  N N 7   
ALA H2   H  N N 8   
ALA HA   H  N N 9   
ALA HB1  H  N N 10  
ALA HB2  H  N N 11  
ALA HB3  H  N N 12  
ALA HXT  H  N N 13  
ARG N    N  N N 14  
ARG CA   C  N S 15  
ARG C    C  N N 16  
ARG O    O  N N 17  
ARG CB   C  N N 18  
ARG CG   C  N N 19  
ARG CD   C  N N 20  
ARG NE   N  N N 21  
ARG CZ   C  N N 22  
ARG NH1  N  N N 23  
ARG NH2  N  N N 24  
ARG OXT  O  N N 25  
ARG H    H  N N 26  
ARG H2   H  N N 27  
ARG HA   H  N N 28  
ARG HB2  H  N N 29  
ARG HB3  H  N N 30  
ARG HG2  H  N N 31  
ARG HG3  H  N N 32  
ARG HD2  H  N N 33  
ARG HD3  H  N N 34  
ARG HE   H  N N 35  
ARG HH11 H  N N 36  
ARG HH12 H  N N 37  
ARG HH21 H  N N 38  
ARG HH22 H  N N 39  
ARG HXT  H  N N 40  
ASN N    N  N N 41  
ASN CA   C  N S 42  
ASN C    C  N N 43  
ASN O    O  N N 44  
ASN CB   C  N N 45  
ASN CG   C  N N 46  
ASN OD1  O  N N 47  
ASN ND2  N  N N 48  
ASN OXT  O  N N 49  
ASN H    H  N N 50  
ASN H2   H  N N 51  
ASN HA   H  N N 52  
ASN HB2  H  N N 53  
ASN HB3  H  N N 54  
ASN HD21 H  N N 55  
ASN HD22 H  N N 56  
ASN HXT  H  N N 57  
ASP N    N  N N 58  
ASP CA   C  N S 59  
ASP C    C  N N 60  
ASP O    O  N N 61  
ASP CB   C  N N 62  
ASP CG   C  N N 63  
ASP OD1  O  N N 64  
ASP OD2  O  N N 65  
ASP OXT  O  N N 66  
ASP H    H  N N 67  
ASP H2   H  N N 68  
ASP HA   H  N N 69  
ASP HB2  H  N N 70  
ASP HB3  H  N N 71  
ASP HD2  H  N N 72  
ASP HXT  H  N N 73  
CYS N    N  N N 74  
CYS CA   C  N R 75  
CYS C    C  N N 76  
CYS O    O  N N 77  
CYS CB   C  N N 78  
CYS SG   S  N N 79  
CYS OXT  O  N N 80  
CYS H    H  N N 81  
CYS H2   H  N N 82  
CYS HA   H  N N 83  
CYS HB2  H  N N 84  
CYS HB3  H  N N 85  
CYS HG   H  N N 86  
CYS HXT  H  N N 87  
GLN N    N  N N 88  
GLN CA   C  N S 89  
GLN C    C  N N 90  
GLN O    O  N N 91  
GLN CB   C  N N 92  
GLN CG   C  N N 93  
GLN CD   C  N N 94  
GLN OE1  O  N N 95  
GLN NE2  N  N N 96  
GLN OXT  O  N N 97  
GLN H    H  N N 98  
GLN H2   H  N N 99  
GLN HA   H  N N 100 
GLN HB2  H  N N 101 
GLN HB3  H  N N 102 
GLN HG2  H  N N 103 
GLN HG3  H  N N 104 
GLN HE21 H  N N 105 
GLN HE22 H  N N 106 
GLN HXT  H  N N 107 
GLU N    N  N N 108 
GLU CA   C  N S 109 
GLU C    C  N N 110 
GLU O    O  N N 111 
GLU CB   C  N N 112 
GLU CG   C  N N 113 
GLU CD   C  N N 114 
GLU OE1  O  N N 115 
GLU OE2  O  N N 116 
GLU OXT  O  N N 117 
GLU H    H  N N 118 
GLU H2   H  N N 119 
GLU HA   H  N N 120 
GLU HB2  H  N N 121 
GLU HB3  H  N N 122 
GLU HG2  H  N N 123 
GLU HG3  H  N N 124 
GLU HE2  H  N N 125 
GLU HXT  H  N N 126 
GLY N    N  N N 127 
GLY CA   C  N N 128 
GLY C    C  N N 129 
GLY O    O  N N 130 
GLY OXT  O  N N 131 
GLY H    H  N N 132 
GLY H2   H  N N 133 
GLY HA2  H  N N 134 
GLY HA3  H  N N 135 
GLY HXT  H  N N 136 
HIS N    N  N N 137 
HIS CA   C  N S 138 
HIS C    C  N N 139 
HIS O    O  N N 140 
HIS CB   C  N N 141 
HIS CG   C  Y N 142 
HIS ND1  N  Y N 143 
HIS CD2  C  Y N 144 
HIS CE1  C  Y N 145 
HIS NE2  N  Y N 146 
HIS OXT  O  N N 147 
HIS H    H  N N 148 
HIS H2   H  N N 149 
HIS HA   H  N N 150 
HIS HB2  H  N N 151 
HIS HB3  H  N N 152 
HIS HD1  H  N N 153 
HIS HD2  H  N N 154 
HIS HE1  H  N N 155 
HIS HE2  H  N N 156 
HIS HXT  H  N N 157 
HOH O    O  N N 158 
HOH H1   H  N N 159 
HOH H2   H  N N 160 
ILE N    N  N N 161 
ILE CA   C  N S 162 
ILE C    C  N N 163 
ILE O    O  N N 164 
ILE CB   C  N S 165 
ILE CG1  C  N N 166 
ILE CG2  C  N N 167 
ILE CD1  C  N N 168 
ILE OXT  O  N N 169 
ILE H    H  N N 170 
ILE H2   H  N N 171 
ILE HA   H  N N 172 
ILE HB   H  N N 173 
ILE HG12 H  N N 174 
ILE HG13 H  N N 175 
ILE HG21 H  N N 176 
ILE HG22 H  N N 177 
ILE HG23 H  N N 178 
ILE HD11 H  N N 179 
ILE HD12 H  N N 180 
ILE HD13 H  N N 181 
ILE HXT  H  N N 182 
LEU N    N  N N 183 
LEU CA   C  N S 184 
LEU C    C  N N 185 
LEU O    O  N N 186 
LEU CB   C  N N 187 
LEU CG   C  N N 188 
LEU CD1  C  N N 189 
LEU CD2  C  N N 190 
LEU OXT  O  N N 191 
LEU H    H  N N 192 
LEU H2   H  N N 193 
LEU HA   H  N N 194 
LEU HB2  H  N N 195 
LEU HB3  H  N N 196 
LEU HG   H  N N 197 
LEU HD11 H  N N 198 
LEU HD12 H  N N 199 
LEU HD13 H  N N 200 
LEU HD21 H  N N 201 
LEU HD22 H  N N 202 
LEU HD23 H  N N 203 
LEU HXT  H  N N 204 
LYS N    N  N N 205 
LYS CA   C  N S 206 
LYS C    C  N N 207 
LYS O    O  N N 208 
LYS CB   C  N N 209 
LYS CG   C  N N 210 
LYS CD   C  N N 211 
LYS CE   C  N N 212 
LYS NZ   N  N N 213 
LYS OXT  O  N N 214 
LYS H    H  N N 215 
LYS H2   H  N N 216 
LYS HA   H  N N 217 
LYS HB2  H  N N 218 
LYS HB3  H  N N 219 
LYS HG2  H  N N 220 
LYS HG3  H  N N 221 
LYS HD2  H  N N 222 
LYS HD3  H  N N 223 
LYS HE2  H  N N 224 
LYS HE3  H  N N 225 
LYS HZ1  H  N N 226 
LYS HZ2  H  N N 227 
LYS HZ3  H  N N 228 
LYS HXT  H  N N 229 
MES O1   O  N N 230 
MES C2   C  N N 231 
MES C3   C  N N 232 
MES N4   N  N N 233 
MES C5   C  N N 234 
MES C6   C  N N 235 
MES C7   C  N N 236 
MES C8   C  N N 237 
MES S    S  N N 238 
MES O1S  O  N N 239 
MES O2S  O  N N 240 
MES O3S  O  N N 241 
MES H21  H  N N 242 
MES H22  H  N N 243 
MES H31  H  N N 244 
MES H32  H  N N 245 
MES HN4  H  N N 246 
MES H51  H  N N 247 
MES H52  H  N N 248 
MES H61  H  N N 249 
MES H62  H  N N 250 
MES H71  H  N N 251 
MES H72  H  N N 252 
MES H81  H  N N 253 
MES H82  H  N N 254 
MET N    N  N N 255 
MET CA   C  N S 256 
MET C    C  N N 257 
MET O    O  N N 258 
MET CB   C  N N 259 
MET CG   C  N N 260 
MET SD   S  N N 261 
MET CE   C  N N 262 
MET OXT  O  N N 263 
MET H    H  N N 264 
MET H2   H  N N 265 
MET HA   H  N N 266 
MET HB2  H  N N 267 
MET HB3  H  N N 268 
MET HG2  H  N N 269 
MET HG3  H  N N 270 
MET HE1  H  N N 271 
MET HE2  H  N N 272 
MET HE3  H  N N 273 
MET HXT  H  N N 274 
MSE N    N  N N 275 
MSE CA   C  N S 276 
MSE C    C  N N 277 
MSE O    O  N N 278 
MSE OXT  O  N N 279 
MSE CB   C  N N 280 
MSE CG   C  N N 281 
MSE SE   SE N N 282 
MSE CE   C  N N 283 
MSE H    H  N N 284 
MSE H2   H  N N 285 
MSE HA   H  N N 286 
MSE HXT  H  N N 287 
MSE HB2  H  N N 288 
MSE HB3  H  N N 289 
MSE HG2  H  N N 290 
MSE HG3  H  N N 291 
MSE HE1  H  N N 292 
MSE HE2  H  N N 293 
MSE HE3  H  N N 294 
PHE N    N  N N 295 
PHE CA   C  N S 296 
PHE C    C  N N 297 
PHE O    O  N N 298 
PHE CB   C  N N 299 
PHE CG   C  Y N 300 
PHE CD1  C  Y N 301 
PHE CD2  C  Y N 302 
PHE CE1  C  Y N 303 
PHE CE2  C  Y N 304 
PHE CZ   C  Y N 305 
PHE OXT  O  N N 306 
PHE H    H  N N 307 
PHE H2   H  N N 308 
PHE HA   H  N N 309 
PHE HB2  H  N N 310 
PHE HB3  H  N N 311 
PHE HD1  H  N N 312 
PHE HD2  H  N N 313 
PHE HE1  H  N N 314 
PHE HE2  H  N N 315 
PHE HZ   H  N N 316 
PHE HXT  H  N N 317 
PRO N    N  N N 318 
PRO CA   C  N S 319 
PRO C    C  N N 320 
PRO O    O  N N 321 
PRO CB   C  N N 322 
PRO CG   C  N N 323 
PRO CD   C  N N 324 
PRO OXT  O  N N 325 
PRO H    H  N N 326 
PRO HA   H  N N 327 
PRO HB2  H  N N 328 
PRO HB3  H  N N 329 
PRO HG2  H  N N 330 
PRO HG3  H  N N 331 
PRO HD2  H  N N 332 
PRO HD3  H  N N 333 
PRO HXT  H  N N 334 
SER N    N  N N 335 
SER CA   C  N S 336 
SER C    C  N N 337 
SER O    O  N N 338 
SER CB   C  N N 339 
SER OG   O  N N 340 
SER OXT  O  N N 341 
SER H    H  N N 342 
SER H2   H  N N 343 
SER HA   H  N N 344 
SER HB2  H  N N 345 
SER HB3  H  N N 346 
SER HG   H  N N 347 
SER HXT  H  N N 348 
THR N    N  N N 349 
THR CA   C  N S 350 
THR C    C  N N 351 
THR O    O  N N 352 
THR CB   C  N R 353 
THR OG1  O  N N 354 
THR CG2  C  N N 355 
THR OXT  O  N N 356 
THR H    H  N N 357 
THR H2   H  N N 358 
THR HA   H  N N 359 
THR HB   H  N N 360 
THR HG1  H  N N 361 
THR HG21 H  N N 362 
THR HG22 H  N N 363 
THR HG23 H  N N 364 
THR HXT  H  N N 365 
TRP N    N  N N 366 
TRP CA   C  N S 367 
TRP C    C  N N 368 
TRP O    O  N N 369 
TRP CB   C  N N 370 
TRP CG   C  Y N 371 
TRP CD1  C  Y N 372 
TRP CD2  C  Y N 373 
TRP NE1  N  Y N 374 
TRP CE2  C  Y N 375 
TRP CE3  C  Y N 376 
TRP CZ2  C  Y N 377 
TRP CZ3  C  Y N 378 
TRP CH2  C  Y N 379 
TRP OXT  O  N N 380 
TRP H    H  N N 381 
TRP H2   H  N N 382 
TRP HA   H  N N 383 
TRP HB2  H  N N 384 
TRP HB3  H  N N 385 
TRP HD1  H  N N 386 
TRP HE1  H  N N 387 
TRP HE3  H  N N 388 
TRP HZ2  H  N N 389 
TRP HZ3  H  N N 390 
TRP HH2  H  N N 391 
TRP HXT  H  N N 392 
TYR N    N  N N 393 
TYR CA   C  N S 394 
TYR C    C  N N 395 
TYR O    O  N N 396 
TYR CB   C  N N 397 
TYR CG   C  Y N 398 
TYR CD1  C  Y N 399 
TYR CD2  C  Y N 400 
TYR CE1  C  Y N 401 
TYR CE2  C  Y N 402 
TYR CZ   C  Y N 403 
TYR OH   O  N N 404 
TYR OXT  O  N N 405 
TYR H    H  N N 406 
TYR H2   H  N N 407 
TYR HA   H  N N 408 
TYR HB2  H  N N 409 
TYR HB3  H  N N 410 
TYR HD1  H  N N 411 
TYR HD2  H  N N 412 
TYR HE1  H  N N 413 
TYR HE2  H  N N 414 
TYR HH   H  N N 415 
TYR HXT  H  N N 416 
VAL N    N  N N 417 
VAL CA   C  N S 418 
VAL C    C  N N 419 
VAL O    O  N N 420 
VAL CB   C  N N 421 
VAL CG1  C  N N 422 
VAL CG2  C  N N 423 
VAL OXT  O  N N 424 
VAL H    H  N N 425 
VAL H2   H  N N 426 
VAL HA   H  N N 427 
VAL HB   H  N N 428 
VAL HG11 H  N N 429 
VAL HG12 H  N N 430 
VAL HG13 H  N N 431 
VAL HG21 H  N N 432 
VAL HG22 H  N N 433 
VAL HG23 H  N N 434 
VAL HXT  H  N N 435 
# 
loop_
_chem_comp_bond.comp_id 
_chem_comp_bond.atom_id_1 
_chem_comp_bond.atom_id_2 
_chem_comp_bond.value_order 
_chem_comp_bond.pdbx_aromatic_flag 
_chem_comp_bond.pdbx_stereo_config 
_chem_comp_bond.pdbx_ordinal 
ALA N   CA   sing N N 1   
ALA N   H    sing N N 2   
ALA N   H2   sing N N 3   
ALA CA  C    sing N N 4   
ALA CA  CB   sing N N 5   
ALA CA  HA   sing N N 6   
ALA C   O    doub N N 7   
ALA C   OXT  sing N N 8   
ALA CB  HB1  sing N N 9   
ALA CB  HB2  sing N N 10  
ALA CB  HB3  sing N N 11  
ALA OXT HXT  sing N N 12  
ARG N   CA   sing N N 13  
ARG N   H    sing N N 14  
ARG N   H2   sing N N 15  
ARG CA  C    sing N N 16  
ARG CA  CB   sing N N 17  
ARG CA  HA   sing N N 18  
ARG C   O    doub N N 19  
ARG C   OXT  sing N N 20  
ARG CB  CG   sing N N 21  
ARG CB  HB2  sing N N 22  
ARG CB  HB3  sing N N 23  
ARG CG  CD   sing N N 24  
ARG CG  HG2  sing N N 25  
ARG CG  HG3  sing N N 26  
ARG CD  NE   sing N N 27  
ARG CD  HD2  sing N N 28  
ARG CD  HD3  sing N N 29  
ARG NE  CZ   sing N N 30  
ARG NE  HE   sing N N 31  
ARG CZ  NH1  sing N N 32  
ARG CZ  NH2  doub N N 33  
ARG NH1 HH11 sing N N 34  
ARG NH1 HH12 sing N N 35  
ARG NH2 HH21 sing N N 36  
ARG NH2 HH22 sing N N 37  
ARG OXT HXT  sing N N 38  
ASN N   CA   sing N N 39  
ASN N   H    sing N N 40  
ASN N   H2   sing N N 41  
ASN CA  C    sing N N 42  
ASN CA  CB   sing N N 43  
ASN CA  HA   sing N N 44  
ASN C   O    doub N N 45  
ASN C   OXT  sing N N 46  
ASN CB  CG   sing N N 47  
ASN CB  HB2  sing N N 48  
ASN CB  HB3  sing N N 49  
ASN CG  OD1  doub N N 50  
ASN CG  ND2  sing N N 51  
ASN ND2 HD21 sing N N 52  
ASN ND2 HD22 sing N N 53  
ASN OXT HXT  sing N N 54  
ASP N   CA   sing N N 55  
ASP N   H    sing N N 56  
ASP N   H2   sing N N 57  
ASP CA  C    sing N N 58  
ASP CA  CB   sing N N 59  
ASP CA  HA   sing N N 60  
ASP C   O    doub N N 61  
ASP C   OXT  sing N N 62  
ASP CB  CG   sing N N 63  
ASP CB  HB2  sing N N 64  
ASP CB  HB3  sing N N 65  
ASP CG  OD1  doub N N 66  
ASP CG  OD2  sing N N 67  
ASP OD2 HD2  sing N N 68  
ASP OXT HXT  sing N N 69  
CYS N   CA   sing N N 70  
CYS N   H    sing N N 71  
CYS N   H2   sing N N 72  
CYS CA  C    sing N N 73  
CYS CA  CB   sing N N 74  
CYS CA  HA   sing N N 75  
CYS C   O    doub N N 76  
CYS C   OXT  sing N N 77  
CYS CB  SG   sing N N 78  
CYS CB  HB2  sing N N 79  
CYS CB  HB3  sing N N 80  
CYS SG  HG   sing N N 81  
CYS OXT HXT  sing N N 82  
GLN N   CA   sing N N 83  
GLN N   H    sing N N 84  
GLN N   H2   sing N N 85  
GLN CA  C    sing N N 86  
GLN CA  CB   sing N N 87  
GLN CA  HA   sing N N 88  
GLN C   O    doub N N 89  
GLN C   OXT  sing N N 90  
GLN CB  CG   sing N N 91  
GLN CB  HB2  sing N N 92  
GLN CB  HB3  sing N N 93  
GLN CG  CD   sing N N 94  
GLN CG  HG2  sing N N 95  
GLN CG  HG3  sing N N 96  
GLN CD  OE1  doub N N 97  
GLN CD  NE2  sing N N 98  
GLN NE2 HE21 sing N N 99  
GLN NE2 HE22 sing N N 100 
GLN OXT HXT  sing N N 101 
GLU N   CA   sing N N 102 
GLU N   H    sing N N 103 
GLU N   H2   sing N N 104 
GLU CA  C    sing N N 105 
GLU CA  CB   sing N N 106 
GLU CA  HA   sing N N 107 
GLU C   O    doub N N 108 
GLU C   OXT  sing N N 109 
GLU CB  CG   sing N N 110 
GLU CB  HB2  sing N N 111 
GLU CB  HB3  sing N N 112 
GLU CG  CD   sing N N 113 
GLU CG  HG2  sing N N 114 
GLU CG  HG3  sing N N 115 
GLU CD  OE1  doub N N 116 
GLU CD  OE2  sing N N 117 
GLU OE2 HE2  sing N N 118 
GLU OXT HXT  sing N N 119 
GLY N   CA   sing N N 120 
GLY N   H    sing N N 121 
GLY N   H2   sing N N 122 
GLY CA  C    sing N N 123 
GLY CA  HA2  sing N N 124 
GLY CA  HA3  sing N N 125 
GLY C   O    doub N N 126 
GLY C   OXT  sing N N 127 
GLY OXT HXT  sing N N 128 
HIS N   CA   sing N N 129 
HIS N   H    sing N N 130 
HIS N   H2   sing N N 131 
HIS CA  C    sing N N 132 
HIS CA  CB   sing N N 133 
HIS CA  HA   sing N N 134 
HIS C   O    doub N N 135 
HIS C   OXT  sing N N 136 
HIS CB  CG   sing N N 137 
HIS CB  HB2  sing N N 138 
HIS CB  HB3  sing N N 139 
HIS CG  ND1  sing Y N 140 
HIS CG  CD2  doub Y N 141 
HIS ND1 CE1  doub Y N 142 
HIS ND1 HD1  sing N N 143 
HIS CD2 NE2  sing Y N 144 
HIS CD2 HD2  sing N N 145 
HIS CE1 NE2  sing Y N 146 
HIS CE1 HE1  sing N N 147 
HIS NE2 HE2  sing N N 148 
HIS OXT HXT  sing N N 149 
HOH O   H1   sing N N 150 
HOH O   H2   sing N N 151 
ILE N   CA   sing N N 152 
ILE N   H    sing N N 153 
ILE N   H2   sing N N 154 
ILE CA  C    sing N N 155 
ILE CA  CB   sing N N 156 
ILE CA  HA   sing N N 157 
ILE C   O    doub N N 158 
ILE C   OXT  sing N N 159 
ILE CB  CG1  sing N N 160 
ILE CB  CG2  sing N N 161 
ILE CB  HB   sing N N 162 
ILE CG1 CD1  sing N N 163 
ILE CG1 HG12 sing N N 164 
ILE CG1 HG13 sing N N 165 
ILE CG2 HG21 sing N N 166 
ILE CG2 HG22 sing N N 167 
ILE CG2 HG23 sing N N 168 
ILE CD1 HD11 sing N N 169 
ILE CD1 HD12 sing N N 170 
ILE CD1 HD13 sing N N 171 
ILE OXT HXT  sing N N 172 
LEU N   CA   sing N N 173 
LEU N   H    sing N N 174 
LEU N   H2   sing N N 175 
LEU CA  C    sing N N 176 
LEU CA  CB   sing N N 177 
LEU CA  HA   sing N N 178 
LEU C   O    doub N N 179 
LEU C   OXT  sing N N 180 
LEU CB  CG   sing N N 181 
LEU CB  HB2  sing N N 182 
LEU CB  HB3  sing N N 183 
LEU CG  CD1  sing N N 184 
LEU CG  CD2  sing N N 185 
LEU CG  HG   sing N N 186 
LEU CD1 HD11 sing N N 187 
LEU CD1 HD12 sing N N 188 
LEU CD1 HD13 sing N N 189 
LEU CD2 HD21 sing N N 190 
LEU CD2 HD22 sing N N 191 
LEU CD2 HD23 sing N N 192 
LEU OXT HXT  sing N N 193 
LYS N   CA   sing N N 194 
LYS N   H    sing N N 195 
LYS N   H2   sing N N 196 
LYS CA  C    sing N N 197 
LYS CA  CB   sing N N 198 
LYS CA  HA   sing N N 199 
LYS C   O    doub N N 200 
LYS C   OXT  sing N N 201 
LYS CB  CG   sing N N 202 
LYS CB  HB2  sing N N 203 
LYS CB  HB3  sing N N 204 
LYS CG  CD   sing N N 205 
LYS CG  HG2  sing N N 206 
LYS CG  HG3  sing N N 207 
LYS CD  CE   sing N N 208 
LYS CD  HD2  sing N N 209 
LYS CD  HD3  sing N N 210 
LYS CE  NZ   sing N N 211 
LYS CE  HE2  sing N N 212 
LYS CE  HE3  sing N N 213 
LYS NZ  HZ1  sing N N 214 
LYS NZ  HZ2  sing N N 215 
LYS NZ  HZ3  sing N N 216 
LYS OXT HXT  sing N N 217 
MES O1  C2   sing N N 218 
MES O1  C6   sing N N 219 
MES C2  C3   sing N N 220 
MES C2  H21  sing N N 221 
MES C2  H22  sing N N 222 
MES C3  N4   sing N N 223 
MES C3  H31  sing N N 224 
MES C3  H32  sing N N 225 
MES N4  C5   sing N N 226 
MES N4  C7   sing N N 227 
MES N4  HN4  sing N N 228 
MES C5  C6   sing N N 229 
MES C5  H51  sing N N 230 
MES C5  H52  sing N N 231 
MES C6  H61  sing N N 232 
MES C6  H62  sing N N 233 
MES C7  C8   sing N N 234 
MES C7  H71  sing N N 235 
MES C7  H72  sing N N 236 
MES C8  S    sing N N 237 
MES C8  H81  sing N N 238 
MES C8  H82  sing N N 239 
MES S   O1S  doub N N 240 
MES S   O2S  doub N N 241 
MES S   O3S  sing N N 242 
MET N   CA   sing N N 243 
MET N   H    sing N N 244 
MET N   H2   sing N N 245 
MET CA  C    sing N N 246 
MET CA  CB   sing N N 247 
MET CA  HA   sing N N 248 
MET C   O    doub N N 249 
MET C   OXT  sing N N 250 
MET CB  CG   sing N N 251 
MET CB  HB2  sing N N 252 
MET CB  HB3  sing N N 253 
MET CG  SD   sing N N 254 
MET CG  HG2  sing N N 255 
MET CG  HG3  sing N N 256 
MET SD  CE   sing N N 257 
MET CE  HE1  sing N N 258 
MET CE  HE2  sing N N 259 
MET CE  HE3  sing N N 260 
MET OXT HXT  sing N N 261 
MSE N   CA   sing N N 262 
MSE N   H    sing N N 263 
MSE N   H2   sing N N 264 
MSE CA  C    sing N N 265 
MSE CA  CB   sing N N 266 
MSE CA  HA   sing N N 267 
MSE C   O    doub N N 268 
MSE C   OXT  sing N N 269 
MSE OXT HXT  sing N N 270 
MSE CB  CG   sing N N 271 
MSE CB  HB2  sing N N 272 
MSE CB  HB3  sing N N 273 
MSE CG  SE   sing N N 274 
MSE CG  HG2  sing N N 275 
MSE CG  HG3  sing N N 276 
MSE SE  CE   sing N N 277 
MSE CE  HE1  sing N N 278 
MSE CE  HE2  sing N N 279 
MSE CE  HE3  sing N N 280 
PHE N   CA   sing N N 281 
PHE N   H    sing N N 282 
PHE N   H2   sing N N 283 
PHE CA  C    sing N N 284 
PHE CA  CB   sing N N 285 
PHE CA  HA   sing N N 286 
PHE C   O    doub N N 287 
PHE C   OXT  sing N N 288 
PHE CB  CG   sing N N 289 
PHE CB  HB2  sing N N 290 
PHE CB  HB3  sing N N 291 
PHE CG  CD1  doub Y N 292 
PHE CG  CD2  sing Y N 293 
PHE CD1 CE1  sing Y N 294 
PHE CD1 HD1  sing N N 295 
PHE CD2 CE2  doub Y N 296 
PHE CD2 HD2  sing N N 297 
PHE CE1 CZ   doub Y N 298 
PHE CE1 HE1  sing N N 299 
PHE CE2 CZ   sing Y N 300 
PHE CE2 HE2  sing N N 301 
PHE CZ  HZ   sing N N 302 
PHE OXT HXT  sing N N 303 
PRO N   CA   sing N N 304 
PRO N   CD   sing N N 305 
PRO N   H    sing N N 306 
PRO CA  C    sing N N 307 
PRO CA  CB   sing N N 308 
PRO CA  HA   sing N N 309 
PRO C   O    doub N N 310 
PRO C   OXT  sing N N 311 
PRO CB  CG   sing N N 312 
PRO CB  HB2  sing N N 313 
PRO CB  HB3  sing N N 314 
PRO CG  CD   sing N N 315 
PRO CG  HG2  sing N N 316 
PRO CG  HG3  sing N N 317 
PRO CD  HD2  sing N N 318 
PRO CD  HD3  sing N N 319 
PRO OXT HXT  sing N N 320 
SER N   CA   sing N N 321 
SER N   H    sing N N 322 
SER N   H2   sing N N 323 
SER CA  C    sing N N 324 
SER CA  CB   sing N N 325 
SER CA  HA   sing N N 326 
SER C   O    doub N N 327 
SER C   OXT  sing N N 328 
SER CB  OG   sing N N 329 
SER CB  HB2  sing N N 330 
SER CB  HB3  sing N N 331 
SER OG  HG   sing N N 332 
SER OXT HXT  sing N N 333 
THR N   CA   sing N N 334 
THR N   H    sing N N 335 
THR N   H2   sing N N 336 
THR CA  C    sing N N 337 
THR CA  CB   sing N N 338 
THR CA  HA   sing N N 339 
THR C   O    doub N N 340 
THR C   OXT  sing N N 341 
THR CB  OG1  sing N N 342 
THR CB  CG2  sing N N 343 
THR CB  HB   sing N N 344 
THR OG1 HG1  sing N N 345 
THR CG2 HG21 sing N N 346 
THR CG2 HG22 sing N N 347 
THR CG2 HG23 sing N N 348 
THR OXT HXT  sing N N 349 
TRP N   CA   sing N N 350 
TRP N   H    sing N N 351 
TRP N   H2   sing N N 352 
TRP CA  C    sing N N 353 
TRP CA  CB   sing N N 354 
TRP CA  HA   sing N N 355 
TRP C   O    doub N N 356 
TRP C   OXT  sing N N 357 
TRP CB  CG   sing N N 358 
TRP CB  HB2  sing N N 359 
TRP CB  HB3  sing N N 360 
TRP CG  CD1  doub Y N 361 
TRP CG  CD2  sing Y N 362 
TRP CD1 NE1  sing Y N 363 
TRP CD1 HD1  sing N N 364 
TRP CD2 CE2  doub Y N 365 
TRP CD2 CE3  sing Y N 366 
TRP NE1 CE2  sing Y N 367 
TRP NE1 HE1  sing N N 368 
TRP CE2 CZ2  sing Y N 369 
TRP CE3 CZ3  doub Y N 370 
TRP CE3 HE3  sing N N 371 
TRP CZ2 CH2  doub Y N 372 
TRP CZ2 HZ2  sing N N 373 
TRP CZ3 CH2  sing Y N 374 
TRP CZ3 HZ3  sing N N 375 
TRP CH2 HH2  sing N N 376 
TRP OXT HXT  sing N N 377 
TYR N   CA   sing N N 378 
TYR N   H    sing N N 379 
TYR N   H2   sing N N 380 
TYR CA  C    sing N N 381 
TYR CA  CB   sing N N 382 
TYR CA  HA   sing N N 383 
TYR C   O    doub N N 384 
TYR C   OXT  sing N N 385 
TYR CB  CG   sing N N 386 
TYR CB  HB2  sing N N 387 
TYR CB  HB3  sing N N 388 
TYR CG  CD1  doub Y N 389 
TYR CG  CD2  sing Y N 390 
TYR CD1 CE1  sing Y N 391 
TYR CD1 HD1  sing N N 392 
TYR CD2 CE2  doub Y N 393 
TYR CD2 HD2  sing N N 394 
TYR CE1 CZ   doub Y N 395 
TYR CE1 HE1  sing N N 396 
TYR CE2 CZ   sing Y N 397 
TYR CE2 HE2  sing N N 398 
TYR CZ  OH   sing N N 399 
TYR OH  HH   sing N N 400 
TYR OXT HXT  sing N N 401 
VAL N   CA   sing N N 402 
VAL N   H    sing N N 403 
VAL N   H2   sing N N 404 
VAL CA  C    sing N N 405 
VAL CA  CB   sing N N 406 
VAL CA  HA   sing N N 407 
VAL C   O    doub N N 408 
VAL C   OXT  sing N N 409 
VAL CB  CG1  sing N N 410 
VAL CB  CG2  sing N N 411 
VAL CB  HB   sing N N 412 
VAL CG1 HG11 sing N N 413 
VAL CG1 HG12 sing N N 414 
VAL CG1 HG13 sing N N 415 
VAL CG2 HG21 sing N N 416 
VAL CG2 HG22 sing N N 417 
VAL CG2 HG23 sing N N 418 
VAL OXT HXT  sing N N 419 
# 
_atom_sites.entry_id                    1SPV 
_atom_sites.fract_transf_matrix[1][1]   0.00517900 
_atom_sites.fract_transf_matrix[1][2]   0.00256542 
_atom_sites.fract_transf_matrix[1][3]   -0.01620037 
_atom_sites.fract_transf_matrix[2][1]   -0.00270905 
_atom_sites.fract_transf_matrix[2][2]   -0.02387858 
_atom_sites.fract_transf_matrix[2][3]   -0.00464735 
_atom_sites.fract_transf_matrix[3][1]   -0.01261726 
_atom_sites.fract_transf_matrix[3][2]   0.00284361 
_atom_sites.fract_transf_matrix[3][3]   -0.00725586 
_atom_sites.fract_transf_vector[1]      0.565420 
_atom_sites.fract_transf_vector[2]      0.902486 
_atom_sites.fract_transf_vector[3]      0.293656 
# 
loop_
_atom_type.symbol 
C  
N  
O  
S  
SE 
# 
loop_
_atom_site.group_PDB 
_atom_site.id 
_atom_site.type_symbol 
_atom_site.label_atom_id 
_atom_site.label_alt_id 
_atom_site.label_comp_id 
_atom_site.label_asym_id 
_atom_site.label_entity_id 
_atom_site.label_seq_id 
_atom_site.pdbx_PDB_ins_code 
_atom_site.Cartn_x 
_atom_site.Cartn_y 
_atom_site.Cartn_z 
_atom_site.occupancy 
_atom_site.B_iso_or_equiv 
_atom_site.pdbx_formal_charge 
_atom_site.auth_seq_id 
_atom_site.auth_comp_id 
_atom_site.auth_asym_id 
_atom_site.auth_atom_id 
_atom_site.pdbx_PDB_model_num 
ATOM   1    N  N   . THR A 1 3   ? 11.749  -4.002  15.116  1.00 30.83 ? 3   THR A N   1 
ATOM   2    C  CA  . THR A 1 3   ? 12.003  -5.401  14.659  1.00 30.23 ? 3   THR A CA  1 
ATOM   3    C  C   . THR A 1 3   ? 10.852  -5.940  13.814  1.00 28.35 ? 3   THR A C   1 
ATOM   4    O  O   . THR A 1 3   ? 10.960  -7.011  13.209  1.00 26.24 ? 3   THR A O   1 
ATOM   5    C  CB  . THR A 1 3   ? 12.194  -6.352  15.856  1.00 33.29 ? 3   THR A CB  1 
ATOM   6    O  OG1 . THR A 1 3   ? 12.414  -7.683  15.376  1.00 35.09 ? 3   THR A OG1 1 
ATOM   7    C  CG2 . THR A 1 3   ? 10.958  -6.342  16.749  1.00 34.09 ? 3   THR A CG2 1 
ATOM   8    N  N   . ARG A 1 4   ? 9.750   -5.199  13.783  1.00 26.10 ? 4   ARG A N   1 
ATOM   9    C  CA  . ARG A 1 4   ? 8.573   -5.598  13.017  1.00 24.53 ? 4   ARG A CA  1 
ATOM   10   C  C   . ARG A 1 4   ? 8.408   -4.721  11.778  1.00 23.73 ? 4   ARG A C   1 
ATOM   11   O  O   . ARG A 1 4   ? 7.594   -5.013  10.905  1.00 23.23 ? 4   ARG A O   1 
ATOM   12   C  CB  . ARG A 1 4   ? 7.319   -5.497  13.889  1.00 24.17 ? 4   ARG A CB  1 
ATOM   13   C  CG  . ARG A 1 4   ? 7.316   -6.443  15.085  1.00 25.13 ? 4   ARG A CG  1 
ATOM   14   C  CD  . ARG A 1 4   ? 6.123   -6.185  15.988  1.00 23.83 ? 4   ARG A CD  1 
ATOM   15   N  NE  . ARG A 1 4   ? 4.851   -6.488  15.339  1.00 23.57 ? 4   ARG A NE  1 
ATOM   16   C  CZ  . ARG A 1 4   ? 3.666   -6.172  15.846  1.00 24.17 ? 4   ARG A CZ  1 
ATOM   17   N  NH1 . ARG A 1 4   ? 2.551   -6.484  15.193  1.00 25.57 ? 4   ARG A NH1 1 
ATOM   18   N  NH2 . ARG A 1 4   ? 3.594   -5.526  17.003  1.00 24.42 ? 4   ARG A NH2 1 
ATOM   19   N  N   . ILE A 1 5   ? 9.187   -3.648  11.711  1.00 23.00 ? 5   ILE A N   1 
ATOM   20   C  CA  . ILE A 1 5   ? 9.127   -2.722  10.589  1.00 22.69 ? 5   ILE A CA  1 
ATOM   21   C  C   . ILE A 1 5   ? 10.469  -2.654  9.872   1.00 23.95 ? 5   ILE A C   1 
ATOM   22   O  O   . ILE A 1 5   ? 11.509  -2.426  10.500  1.00 22.46 ? 5   ILE A O   1 
ATOM   23   C  CB  . ILE A 1 5   ? 8.746   -1.308  11.066  1.00 23.38 ? 5   ILE A CB  1 
ATOM   24   C  CG1 . ILE A 1 5   ? 7.407   -1.358  11.804  1.00 22.45 ? 5   ILE A CG1 1 
ATOM   25   C  CG2 . ILE A 1 5   ? 8.677   -0.356  9.877   1.00 24.44 ? 5   ILE A CG2 1 
ATOM   26   C  CD1 . ILE A 1 5   ? 6.975   -0.033  12.395  1.00 24.03 ? 5   ILE A CD1 1 
ATOM   27   N  N   . HIS A 1 6   ? 10.439  -2.848  8.555   1.00 23.09 ? 6   HIS A N   1 
ATOM   28   C  CA  . HIS A 1 6   ? 11.649  -2.817  7.745   1.00 24.32 ? 6   HIS A CA  1 
ATOM   29   C  C   . HIS A 1 6   ? 11.494  -2.003  6.467   1.00 23.97 ? 6   HIS A C   1 
ATOM   30   O  O   . HIS A 1 6   ? 10.421  -1.956  5.863   1.00 21.98 ? 6   HIS A O   1 
ATOM   31   C  CB  . HIS A 1 6   ? 12.082  -4.238  7.370   1.00 26.09 ? 6   HIS A CB  1 
ATOM   32   C  CG  . HIS A 1 6   ? 12.240  -5.148  8.546   1.00 29.99 ? 6   HIS A CG  1 
ATOM   33   N  ND1 . HIS A 1 6   ? 11.174  -5.786  9.145   1.00 30.02 ? 6   HIS A ND1 1 
ATOM   34   C  CD2 . HIS A 1 6   ? 13.337  -5.502  9.257   1.00 30.38 ? 6   HIS A CD2 1 
ATOM   35   C  CE1 . HIS A 1 6   ? 11.606  -6.491  10.173  1.00 30.03 ? 6   HIS A CE1 1 
ATOM   36   N  NE2 . HIS A 1 6   ? 12.916  -6.335  10.264  1.00 32.33 ? 6   HIS A NE2 1 
ATOM   37   N  N   . VAL A 1 7   ? 12.588  -1.362  6.068   1.00 22.55 ? 7   VAL A N   1 
ATOM   38   C  CA  . VAL A 1 7   ? 12.623  -0.564  4.856   1.00 23.51 ? 7   VAL A CA  1 
ATOM   39   C  C   . VAL A 1 7   ? 13.452  -1.338  3.842   1.00 25.30 ? 7   VAL A C   1 
ATOM   40   O  O   . VAL A 1 7   ? 14.554  -1.795  4.155   1.00 26.43 ? 7   VAL A O   1 
ATOM   41   C  CB  . VAL A 1 7   ? 13.285  0.808   5.103   1.00 23.55 ? 7   VAL A CB  1 
ATOM   42   C  CG1 . VAL A 1 7   ? 13.400  1.576   3.792   1.00 23.56 ? 7   VAL A CG1 1 
ATOM   43   C  CG2 . VAL A 1 7   ? 12.476  1.602   6.107   1.00 22.06 ? 7   VAL A CG2 1 
ATOM   44   N  N   . VAL A 1 8   ? 12.915  -1.505  2.638   1.00 25.15 ? 8   VAL A N   1 
ATOM   45   C  CA  . VAL A 1 8   ? 13.622  -2.223  1.584   1.00 26.60 ? 8   VAL A CA  1 
ATOM   46   C  C   . VAL A 1 8   ? 13.538  -1.474  0.260   1.00 27.52 ? 8   VAL A C   1 
ATOM   47   O  O   . VAL A 1 8   ? 12.469  -1.022  -0.149  1.00 27.06 ? 8   VAL A O   1 
ATOM   48   C  CB  . VAL A 1 8   ? 13.053  -3.646  1.382   1.00 27.35 ? 8   VAL A CB  1 
ATOM   49   C  CG1 . VAL A 1 8   ? 11.571  -3.575  1.079   1.00 29.62 ? 8   VAL A CG1 1 
ATOM   50   C  CG2 . VAL A 1 8   ? 13.786  -4.343  0.241   1.00 28.18 ? 8   VAL A CG2 1 
ATOM   51   N  N   . GLN A 1 9   ? 14.686  -1.340  -0.394  1.00 28.74 ? 9   GLN A N   1 
ATOM   52   C  CA  . GLN A 1 9   ? 14.779  -0.660  -1.676  1.00 30.16 ? 9   GLN A CA  1 
ATOM   53   C  C   . GLN A 1 9   ? 14.743  -1.723  -2.767  1.00 29.22 ? 9   GLN A C   1 
ATOM   54   O  O   . GLN A 1 9   ? 15.625  -2.577  -2.829  1.00 30.03 ? 9   GLN A O   1 
ATOM   55   C  CB  . GLN A 1 9   ? 16.091  0.136   -1.742  1.00 32.02 ? 9   GLN A CB  1 
ATOM   56   C  CG  . GLN A 1 9   ? 16.660  0.322   -3.145  1.00 37.29 ? 9   GLN A CG  1 
ATOM   57   C  CD  . GLN A 1 9   ? 15.885  1.319   -3.985  1.00 38.88 ? 9   GLN A CD  1 
ATOM   58   O  OE1 . GLN A 1 9   ? 16.023  1.355   -5.209  1.00 40.94 ? 9   GLN A OE1 1 
ATOM   59   N  NE2 . GLN A 1 9   ? 15.076  2.143   -3.332  1.00 40.82 ? 9   GLN A NE2 1 
ATOM   60   N  N   . GLY A 1 10  ? 13.715  -1.682  -3.613  1.00 28.09 ? 10  GLY A N   1 
ATOM   61   C  CA  . GLY A 1 10  ? 13.612  -2.664  -4.678  1.00 27.57 ? 10  GLY A CA  1 
ATOM   62   C  C   . GLY A 1 10  ? 12.246  -2.796  -5.330  1.00 27.25 ? 10  GLY A C   1 
ATOM   63   O  O   . GLY A 1 10  ? 11.417  -1.884  -5.282  1.00 27.14 ? 10  GLY A O   1 
ATOM   64   N  N   . ASP A 1 11  ? 12.019  -3.954  -5.941  1.00 26.73 ? 11  ASP A N   1 
ATOM   65   C  CA  . ASP A 1 11  ? 10.775  -4.257  -6.641  1.00 25.93 ? 11  ASP A CA  1 
ATOM   66   C  C   . ASP A 1 11  ? 9.816   -4.989  -5.710  1.00 24.90 ? 11  ASP A C   1 
ATOM   67   O  O   . ASP A 1 11  ? 10.027  -6.155  -5.378  1.00 24.90 ? 11  ASP A O   1 
ATOM   68   C  CB  . ASP A 1 11  ? 11.084  -5.122  -7.868  1.00 27.52 ? 11  ASP A CB  1 
ATOM   69   C  CG  . ASP A 1 11  ? 9.874   -5.336  -8.766  1.00 29.26 ? 11  ASP A CG  1 
ATOM   70   O  OD1 . ASP A 1 11  ? 10.055  -5.951  -9.840  1.00 29.45 ? 11  ASP A OD1 1 
ATOM   71   O  OD2 . ASP A 1 11  ? 8.759   -4.900  -8.404  1.00 29.92 ? 11  ASP A OD2 1 
ATOM   72   N  N   . ILE A 1 12  ? 8.756   -4.300  -5.305  1.00 22.24 ? 12  ILE A N   1 
ATOM   73   C  CA  . ILE A 1 12  ? 7.772   -4.870  -4.395  1.00 21.86 ? 12  ILE A CA  1 
ATOM   74   C  C   . ILE A 1 12  ? 7.144   -6.163  -4.920  1.00 21.60 ? 12  ILE A C   1 
ATOM   75   O  O   . ILE A 1 12  ? 6.713   -7.009  -4.139  1.00 21.85 ? 12  ILE A O   1 
ATOM   76   C  CB  . ILE A 1 12  ? 6.650   -3.842  -4.088  1.00 20.14 ? 12  ILE A CB  1 
ATOM   77   C  CG1 . ILE A 1 12  ? 5.809   -4.321  -2.906  1.00 20.69 ? 12  ILE A CG1 1 
ATOM   78   C  CG2 . ILE A 1 12  ? 5.765   -3.662  -5.315  1.00 20.31 ? 12  ILE A CG2 1 
ATOM   79   C  CD1 . ILE A 1 12  ? 4.912   -3.242  -2.331  1.00 18.93 ? 12  ILE A CD1 1 
ATOM   80   N  N   . THR A 1 13  ? 7.106   -6.318  -6.240  1.00 22.71 ? 13  THR A N   1 
ATOM   81   C  CA  . THR A 1 13  ? 6.517   -7.509  -6.854  1.00 23.25 ? 13  THR A CA  1 
ATOM   82   C  C   . THR A 1 13  ? 7.349   -8.774  -6.680  1.00 24.72 ? 13  THR A C   1 
ATOM   83   O  O   . THR A 1 13  ? 6.912   -9.864  -7.052  1.00 25.95 ? 13  THR A O   1 
ATOM   84   C  CB  . THR A 1 13  ? 6.287   -7.313  -8.371  1.00 23.12 ? 13  THR A CB  1 
ATOM   85   O  OG1 . THR A 1 13  ? 7.545   -7.127  -9.025  1.00 22.55 ? 13  THR A OG1 1 
ATOM   86   C  CG2 . THR A 1 13  ? 5.400   -6.102  -8.628  1.00 22.19 ? 13  THR A CG2 1 
ATOM   87   N  N   . LYS A 1 14  ? 8.543   -8.633  -6.118  1.00 25.83 ? 14  LYS A N   1 
ATOM   88   C  CA  . LYS A 1 14  ? 9.420   -9.780  -5.917  1.00 27.40 ? 14  LYS A CA  1 
ATOM   89   C  C   . LYS A 1 14  ? 9.613   -10.131 -4.453  1.00 28.13 ? 14  LYS A C   1 
ATOM   90   O  O   . LYS A 1 14  ? 10.302  -11.099 -4.132  1.00 29.13 ? 14  LYS A O   1 
ATOM   91   C  CB  . LYS A 1 14  ? 10.783  -9.515  -6.557  1.00 28.98 ? 14  LYS A CB  1 
ATOM   92   C  CG  . LYS A 1 14  ? 10.716  -9.298  -8.052  1.00 28.55 ? 14  LYS A CG  1 
ATOM   93   C  CD  . LYS A 1 14  ? 12.098  -9.218  -8.662  1.00 29.79 ? 14  LYS A CD  1 
ATOM   94   C  CE  . LYS A 1 14  ? 11.997  -8.984  -10.150 1.00 31.03 ? 14  LYS A CE  1 
ATOM   95   N  NZ  . LYS A 1 14  ? 11.090  -9.985  -10.778 1.00 33.68 ? 14  LYS A NZ  1 
ATOM   96   N  N   . LEU A 1 15  ? 9.010   -9.346  -3.567  1.00 29.07 ? 15  LEU A N   1 
ATOM   97   C  CA  . LEU A 1 15  ? 9.126   -9.590  -2.133  1.00 28.70 ? 15  LEU A CA  1 
ATOM   98   C  C   . LEU A 1 15  ? 8.113   -10.641 -1.706  1.00 27.09 ? 15  LEU A C   1 
ATOM   99   O  O   . LEU A 1 15  ? 6.910   -10.443 -1.840  1.00 27.33 ? 15  LEU A O   1 
ATOM   100  C  CB  . LEU A 1 15  ? 8.879   -8.299  -1.346  1.00 29.26 ? 15  LEU A CB  1 
ATOM   101  C  CG  . LEU A 1 15  ? 9.074   -8.424  0.167   1.00 30.32 ? 15  LEU A CG  1 
ATOM   102  C  CD1 . LEU A 1 15  ? 10.540  -8.720  0.454   1.00 32.18 ? 15  LEU A CD1 1 
ATOM   103  C  CD2 . LEU A 1 15  ? 8.638   -7.149  0.865   1.00 32.32 ? 15  LEU A CD2 1 
ATOM   104  N  N   . ALA A 1 16  ? 8.601   -11.764 -1.196  1.00 25.41 ? 16  ALA A N   1 
ATOM   105  C  CA  . ALA A 1 16  ? 7.712   -12.824 -0.751  1.00 24.49 ? 16  ALA A CA  1 
ATOM   106  C  C   . ALA A 1 16  ? 7.126   -12.482 0.617   1.00 23.91 ? 16  ALA A C   1 
ATOM   107  O  O   . ALA A 1 16  ? 7.811   -12.594 1.633   1.00 25.55 ? 16  ALA A O   1 
ATOM   108  C  CB  . ALA A 1 16  ? 8.464   -14.156 -0.687  1.00 22.91 ? 16  ALA A CB  1 
ATOM   109  N  N   . VAL A 1 17  ? 5.867   -12.046 0.629   1.00 21.22 ? 17  VAL A N   1 
ATOM   110  C  CA  . VAL A 1 17  ? 5.150   -11.703 1.861   1.00 19.16 ? 17  VAL A CA  1 
ATOM   111  C  C   . VAL A 1 17  ? 3.711   -12.186 1.720   1.00 17.82 ? 17  VAL A C   1 
ATOM   112  O  O   . VAL A 1 17  ? 3.294   -12.581 0.632   1.00 18.61 ? 17  VAL A O   1 
ATOM   113  C  CB  . VAL A 1 17  ? 5.137   -10.170 2.126   1.00 18.68 ? 17  VAL A CB  1 
ATOM   114  C  CG1 . VAL A 1 17  ? 6.532   -9.687  2.484   1.00 21.23 ? 17  VAL A CG1 1 
ATOM   115  C  CG2 . VAL A 1 17  ? 4.625   -9.426  0.896   1.00 20.07 ? 17  VAL A CG2 1 
ATOM   116  N  N   . ASP A 1 18  ? 2.948   -12.159 2.806   1.00 16.95 ? 18  ASP A N   1 
ATOM   117  C  CA  . ASP A 1 18  ? 1.556   -12.602 2.742   1.00 15.92 ? 18  ASP A CA  1 
ATOM   118  C  C   . ASP A 1 18  ? 0.728   -11.690 1.841   1.00 16.00 ? 18  ASP A C   1 
ATOM   119  O  O   . ASP A 1 18  ? -0.003  -12.165 0.974   1.00 14.29 ? 18  ASP A O   1 
ATOM   120  C  CB  . ASP A 1 18  ? 0.915   -12.627 4.133   1.00 16.36 ? 18  ASP A CB  1 
ATOM   121  C  CG  . ASP A 1 18  ? 1.182   -13.927 4.888   1.00 19.56 ? 18  ASP A CG  1 
ATOM   122  O  OD1 . ASP A 1 18  ? 1.914   -14.794 4.358   1.00 20.28 ? 18  ASP A OD1 1 
ATOM   123  O  OD2 . ASP A 1 18  ? 0.656   -14.075 6.010   1.00 15.92 ? 18  ASP A OD2 1 
ATOM   124  N  N   . VAL A 1 19  ? 0.855   -10.380 2.040   1.00 16.01 ? 19  VAL A N   1 
ATOM   125  C  CA  . VAL A 1 19  ? 0.081   -9.430  1.258   1.00 16.22 ? 19  VAL A CA  1 
ATOM   126  C  C   . VAL A 1 19  ? 0.890   -8.262  0.697   1.00 15.45 ? 19  VAL A C   1 
ATOM   127  O  O   . VAL A 1 19  ? 1.730   -7.663  1.371   1.00 14.78 ? 19  VAL A O   1 
ATOM   128  C  CB  . VAL A 1 19  ? -1.128  -8.898  2.100   1.00 17.20 ? 19  VAL A CB  1 
ATOM   129  C  CG1 . VAL A 1 19  ? -0.667  -8.511  3.486   1.00 23.42 ? 19  VAL A CG1 1 
ATOM   130  C  CG2 . VAL A 1 19  ? -1.785  -7.709  1.410   1.00 16.26 ? 19  VAL A CG2 1 
ATOM   131  N  N   . ILE A 1 20  ? 0.640   -7.958  -0.567  1.00 13.44 ? 20  ILE A N   1 
ATOM   132  C  CA  . ILE A 1 20  ? 1.319   -6.854  -1.219  1.00 13.26 ? 20  ILE A CA  1 
ATOM   133  C  C   . ILE A 1 20  ? 0.267   -5.775  -1.410  1.00 13.27 ? 20  ILE A C   1 
ATOM   134  O  O   . ILE A 1 20  ? -0.828  -6.049  -1.902  1.00 11.24 ? 20  ILE A O   1 
ATOM   135  C  CB  . ILE A 1 20  ? 1.889   -7.292  -2.579  1.00 14.52 ? 20  ILE A CB  1 
ATOM   136  C  CG1 . ILE A 1 20  ? 3.080   -8.231  -2.348  1.00 16.23 ? 20  ILE A CG1 1 
ATOM   137  C  CG2 . ILE A 1 20  ? 2.312   -6.077  -3.392  1.00 15.83 ? 20  ILE A CG2 1 
ATOM   138  C  CD1 . ILE A 1 20  ? 3.618   -8.881  -3.605  1.00 17.38 ? 20  ILE A CD1 1 
ATOM   139  N  N   . VAL A 1 21  ? 0.580   -4.554  -0.991  1.00 11.62 ? 21  VAL A N   1 
ATOM   140  C  CA  . VAL A 1 21  ? -0.378  -3.476  -1.154  1.00 10.61 ? 21  VAL A CA  1 
ATOM   141  C  C   . VAL A 1 21  ? -0.108  -2.772  -2.469  1.00 9.22  ? 21  VAL A C   1 
ATOM   142  O  O   . VAL A 1 21  ? 1.033   -2.464  -2.812  1.00 10.42 ? 21  VAL A O   1 
ATOM   143  C  CB  . VAL A 1 21  ? -0.326  -2.473  0.027   1.00 9.67  ? 21  VAL A CB  1 
ATOM   144  C  CG1 . VAL A 1 21  ? -1.282  -1.313  -0.225  1.00 7.17  ? 21  VAL A CG1 1 
ATOM   145  C  CG2 . VAL A 1 21  ? -0.725  -3.187  1.319   1.00 8.54  ? 21  VAL A CG2 1 
ATOM   146  N  N   . ASN A 1 22  ? -1.182  -2.552  -3.211  1.00 9.84  ? 22  ASN A N   1 
ATOM   147  C  CA  . ASN A 1 22  ? -1.120  -1.900  -4.503  1.00 10.06 ? 22  ASN A CA  1 
ATOM   148  C  C   . ASN A 1 22  ? -1.711  -0.502  -4.424  1.00 11.37 ? 22  ASN A C   1 
ATOM   149  O  O   . ASN A 1 22  ? -2.861  -0.332  -4.019  1.00 11.63 ? 22  ASN A O   1 
ATOM   150  C  CB  . ASN A 1 22  ? -1.891  -2.739  -5.535  1.00 11.06 ? 22  ASN A CB  1 
ATOM   151  C  CG  . ASN A 1 22  ? -1.981  -2.066  -6.898  1.00 14.80 ? 22  ASN A CG  1 
ATOM   152  O  OD1 . ASN A 1 22  ? -1.070  -1.353  -7.316  1.00 15.78 ? 22  ASN A OD1 1 
ATOM   153  N  ND2 . ASN A 1 22  ? -3.081  -2.308  -7.604  1.00 15.60 ? 22  ASN A ND2 1 
ATOM   154  N  N   . ALA A 1 23  ? -0.918  0.501   -4.787  1.00 12.45 ? 23  ALA A N   1 
ATOM   155  C  CA  . ALA A 1 23  ? -1.410  1.874   -4.799  1.00 14.45 ? 23  ALA A CA  1 
ATOM   156  C  C   . ALA A 1 23  ? -2.028  1.977   -6.183  1.00 14.85 ? 23  ALA A C   1 
ATOM   157  O  O   . ALA A 1 23  ? -1.327  2.195   -7.172  1.00 14.48 ? 23  ALA A O   1 
ATOM   158  C  CB  . ALA A 1 23  ? -0.255  2.861   -4.653  1.00 14.59 ? 23  ALA A CB  1 
ATOM   159  N  N   . ALA A 1 24  ? -3.340  1.794   -6.256  1.00 16.88 ? 24  ALA A N   1 
ATOM   160  C  CA  . ALA A 1 24  ? -4.036  1.825   -7.531  1.00 19.23 ? 24  ALA A CA  1 
ATOM   161  C  C   . ALA A 1 24  ? -4.932  3.042   -7.696  1.00 19.53 ? 24  ALA A C   1 
ATOM   162  O  O   . ALA A 1 24  ? -4.900  3.970   -6.885  1.00 21.65 ? 24  ALA A O   1 
ATOM   163  C  CB  . ALA A 1 24  ? -4.861  0.553   -7.677  1.00 23.08 ? 24  ALA A CB  1 
ATOM   164  N  N   . ASN A 1 25  ? -5.713  3.056   -8.768  1.00 22.14 ? 25  ASN A N   1 
ATOM   165  C  CA  . ASN A 1 25  ? -6.638  4.161   -8.987  1.00 23.64 ? 25  ASN A CA  1 
ATOM   166  C  C   . ASN A 1 25  ? -8.030  3.604   -8.743  1.00 22.57 ? 25  ASN A C   1 
ATOM   167  O  O   . ASN A 1 25  ? -8.231  2.382   -8.747  1.00 20.47 ? 25  ASN A O   1 
ATOM   168  C  CB  . ASN A 1 25  ? -6.536  4.708   -10.410 1.00 28.14 ? 25  ASN A CB  1 
ATOM   169  C  CG  . ASN A 1 25  ? -6.926  3.689   -11.449 1.00 30.57 ? 25  ASN A CG  1 
ATOM   170  O  OD1 . ASN A 1 25  ? -6.183  2.745   -11.708 1.00 34.21 ? 25  ASN A OD1 1 
ATOM   171  N  ND2 . ASN A 1 25  ? -8.101  3.866   -12.047 1.00 29.85 ? 25  ASN A ND2 1 
ATOM   172  N  N   . PRO A 1 26  ? -9.012  4.490   -8.550  1.00 22.35 ? 26  PRO A N   1 
ATOM   173  C  CA  . PRO A 1 26  ? -10.387 4.075   -8.294  1.00 21.86 ? 26  PRO A CA  1 
ATOM   174  C  C   . PRO A 1 26  ? -11.001 3.048   -9.241  1.00 19.84 ? 26  PRO A C   1 
ATOM   175  O  O   . PRO A 1 26  ? -11.896 2.319   -8.833  1.00 18.30 ? 26  PRO A O   1 
ATOM   176  C  CB  . PRO A 1 26  ? -11.147 5.400   -8.272  1.00 23.20 ? 26  PRO A CB  1 
ATOM   177  C  CG  . PRO A 1 26  ? -10.326 6.277   -9.165  1.00 25.40 ? 26  PRO A CG  1 
ATOM   178  C  CD  . PRO A 1 26  ? -8.933  5.950   -8.738  1.00 23.16 ? 26  PRO A CD  1 
ATOM   179  N  N   . SER A 1 27  ? -10.525 2.961   -10.481 1.00 17.93 ? 27  SER A N   1 
ATOM   180  C  CA  . SER A 1 27  ? -11.111 1.995   -11.411 1.00 15.66 ? 27  SER A CA  1 
ATOM   181  C  C   . SER A 1 27  ? -10.723 0.558   -11.077 1.00 15.80 ? 27  SER A C   1 
ATOM   182  O  O   . SER A 1 27  ? -11.464 -0.374  -11.381 1.00 15.42 ? 27  SER A O   1 
ATOM   183  C  CB  . SER A 1 27  ? -10.685 2.295   -12.851 1.00 15.81 ? 27  SER A CB  1 
ATOM   184  O  OG  . SER A 1 27  ? -9.457  1.657   -13.164 1.00 12.80 ? 27  SER A OG  1 
ATOM   185  N  N   . LEU A 1 28  ? -9.561  0.391   -10.451 1.00 16.53 ? 28  LEU A N   1 
ATOM   186  C  CA  . LEU A 1 28  ? -9.032  -0.925  -10.093 1.00 17.12 ? 28  LEU A CA  1 
ATOM   187  C  C   . LEU A 1 28  ? -8.646  -1.738  -11.329 1.00 20.46 ? 28  LEU A C   1 
ATOM   188  O  O   . LEU A 1 28  ? -8.295  -2.914  -11.226 1.00 20.40 ? 28  LEU A O   1 
ATOM   189  C  CB  . LEU A 1 28  ? -10.043 -1.715  -9.262  1.00 16.33 ? 28  LEU A CB  1 
ATOM   190  C  CG  . LEU A 1 28  ? -10.422 -1.124  -7.902  1.00 14.72 ? 28  LEU A CG  1 
ATOM   191  C  CD1 . LEU A 1 28  ? -11.483 -2.009  -7.234  1.00 15.64 ? 28  LEU A CD1 1 
ATOM   192  C  CD2 . LEU A 1 28  ? -9.178  -1.021  -7.015  1.00 13.73 ? 28  LEU A CD2 1 
HETATM 193  N  N   . MSE A 1 29  ? -8.697  -1.103  -12.496 1.00 22.80 ? 29  MSE A N   1 
HETATM 194  C  CA  . MSE A 1 29  ? -8.359  -1.773  -13.744 1.00 24.62 ? 29  MSE A CA  1 
HETATM 195  C  C   . MSE A 1 29  ? -6.859  -1.739  -14.038 1.00 25.86 ? 29  MSE A C   1 
HETATM 196  O  O   . MSE A 1 29  ? -6.419  -2.178  -15.104 1.00 26.13 ? 29  MSE A O   1 
HETATM 197  C  CB  . MSE A 1 29  ? -9.121  -1.131  -14.908 1.00 27.34 ? 29  MSE A CB  1 
HETATM 198  C  CG  . MSE A 1 29  ? -10.631 -1.259  -14.819 1.00 30.43 ? 29  MSE A CG  1 
HETATM 199  SE SE  . MSE A 1 29  ? -11.244 -3.094  -14.856 1.00 41.44 ? 29  MSE A SE  1 
HETATM 200  C  CE  . MSE A 1 29  ? -11.292 -3.463  -12.953 1.00 35.04 ? 29  MSE A CE  1 
ATOM   201  N  N   . GLY A 1 30  ? -6.079  -1.217  -13.097 1.00 25.14 ? 30  GLY A N   1 
ATOM   202  C  CA  . GLY A 1 30  ? -4.640  -1.143  -13.285 1.00 26.61 ? 30  GLY A CA  1 
ATOM   203  C  C   . GLY A 1 30  ? -4.236  0.084   -14.077 1.00 28.78 ? 30  GLY A C   1 
ATOM   204  O  O   . GLY A 1 30  ? -5.055  0.664   -14.788 1.00 30.82 ? 30  GLY A O   1 
ATOM   205  N  N   . GLY A 1 31  ? -2.974  0.483   -13.953 1.00 29.26 ? 31  GLY A N   1 
ATOM   206  C  CA  . GLY A 1 31  ? -2.478  1.647   -14.667 1.00 28.93 ? 31  GLY A CA  1 
ATOM   207  C  C   . GLY A 1 31  ? -0.965  1.618   -14.770 1.00 28.85 ? 31  GLY A C   1 
ATOM   208  O  O   . GLY A 1 31  ? -0.382  0.573   -15.050 1.00 29.55 ? 31  GLY A O   1 
ATOM   209  N  N   . GLY A 1 32  ? -0.320  2.760   -14.543 1.00 28.68 ? 32  GLY A N   1 
ATOM   210  C  CA  . GLY A 1 32  ? 1.131   2.813   -14.620 1.00 28.27 ? 32  GLY A CA  1 
ATOM   211  C  C   . GLY A 1 32  ? 1.816   2.751   -13.264 1.00 28.40 ? 32  GLY A C   1 
ATOM   212  O  O   . GLY A 1 32  ? 1.167   2.550   -12.236 1.00 28.56 ? 32  GLY A O   1 
ATOM   213  N  N   . GLY A 1 33  ? 3.134   2.928   -13.264 1.00 28.02 ? 33  GLY A N   1 
ATOM   214  C  CA  . GLY A 1 33  ? 3.890   2.883   -12.027 1.00 27.82 ? 33  GLY A CA  1 
ATOM   215  C  C   . GLY A 1 33  ? 3.871   1.503   -11.399 1.00 28.16 ? 33  GLY A C   1 
ATOM   216  O  O   . GLY A 1 33  ? 3.773   0.493   -12.096 1.00 26.26 ? 33  GLY A O   1 
ATOM   217  N  N   . VAL A 1 34  ? 3.956   1.450   -10.074 1.00 27.93 ? 34  VAL A N   1 
ATOM   218  C  CA  . VAL A 1 34  ? 3.945   0.170   -9.383  1.00 27.44 ? 34  VAL A CA  1 
ATOM   219  C  C   . VAL A 1 34  ? 2.654   -0.612  -9.649  1.00 25.28 ? 34  VAL A C   1 
ATOM   220  O  O   . VAL A 1 34  ? 2.684   -1.837  -9.709  1.00 27.05 ? 34  VAL A O   1 
ATOM   221  C  CB  . VAL A 1 34  ? 4.138   0.353   -7.863  1.00 28.15 ? 34  VAL A CB  1 
ATOM   222  C  CG1 . VAL A 1 34  ? 4.252   -1.002  -7.190  1.00 30.45 ? 34  VAL A CG1 1 
ATOM   223  C  CG2 . VAL A 1 34  ? 5.401   1.173   -7.594  1.00 29.86 ? 34  VAL A CG2 1 
ATOM   224  N  N   . ASP A 1 35  ? 1.531   0.087   -9.809  1.00 23.72 ? 35  ASP A N   1 
ATOM   225  C  CA  . ASP A 1 35  ? 0.252   -0.576  -10.081 1.00 22.70 ? 35  ASP A CA  1 
ATOM   226  C  C   . ASP A 1 35  ? 0.403   -1.413  -11.358 1.00 22.02 ? 35  ASP A C   1 
ATOM   227  O  O   . ASP A 1 35  ? -0.007  -2.576  -11.407 1.00 19.42 ? 35  ASP A O   1 
ATOM   228  C  CB  . ASP A 1 35  ? -0.873  0.473   -10.225 1.00 23.60 ? 35  ASP A CB  1 
ATOM   229  C  CG  . ASP A 1 35  ? -2.256  -0.148  -10.484 1.00 25.19 ? 35  ASP A CG  1 
ATOM   230  O  OD1 . ASP A 1 35  ? -2.539  -1.258  -9.998  1.00 25.01 ? 35  ASP A OD1 1 
ATOM   231  O  OD2 . ASP A 1 35  ? -3.084  0.496   -11.164 1.00 28.26 ? 35  ASP A OD2 1 
ATOM   232  N  N   . GLY A 1 36  ? 1.015   -0.827  -12.385 1.00 20.12 ? 36  GLY A N   1 
ATOM   233  C  CA  . GLY A 1 36  ? 1.215   -1.553  -13.629 1.00 19.82 ? 36  GLY A CA  1 
ATOM   234  C  C   . GLY A 1 36  ? 2.139   -2.744  -13.432 1.00 18.18 ? 36  GLY A C   1 
ATOM   235  O  O   . GLY A 1 36  ? 1.889   -3.824  -13.955 1.00 20.18 ? 36  GLY A O   1 
ATOM   236  N  N   . ALA A 1 37  ? 3.205   -2.545  -12.665 1.00 20.32 ? 37  ALA A N   1 
ATOM   237  C  CA  . ALA A 1 37  ? 4.167   -3.610  -12.392 1.00 21.92 ? 37  ALA A CA  1 
ATOM   238  C  C   . ALA A 1 37  ? 3.505   -4.761  -11.636 1.00 21.50 ? 37  ALA A C   1 
ATOM   239  O  O   . ALA A 1 37  ? 3.807   -5.926  -11.878 1.00 20.16 ? 37  ALA A O   1 
ATOM   240  C  CB  . ALA A 1 37  ? 5.337   -3.063  -11.588 1.00 24.27 ? 37  ALA A CB  1 
ATOM   241  N  N   . ILE A 1 38  ? 2.600   -4.433  -10.718 1.00 21.76 ? 38  ILE A N   1 
ATOM   242  C  CA  . ILE A 1 38  ? 1.908   -5.460  -9.952  1.00 20.08 ? 38  ILE A CA  1 
ATOM   243  C  C   . ILE A 1 38  ? 0.976   -6.281  -10.842 1.00 20.82 ? 38  ILE A C   1 
ATOM   244  O  O   . ILE A 1 38  ? 0.949   -7.508  -10.755 1.00 21.03 ? 38  ILE A O   1 
ATOM   245  C  CB  . ILE A 1 38  ? 1.101   -4.840  -8.785  1.00 19.73 ? 38  ILE A CB  1 
ATOM   246  C  CG1 . ILE A 1 38  ? 2.066   -4.267  -7.749  1.00 19.26 ? 38  ILE A CG1 1 
ATOM   247  C  CG2 . ILE A 1 38  ? 0.180   -5.892  -8.165  1.00 16.91 ? 38  ILE A CG2 1 
ATOM   248  C  CD1 . ILE A 1 38  ? 1.400   -3.493  -6.622  1.00 21.12 ? 38  ILE A CD1 1 
ATOM   249  N  N   . HIS A 1 39  ? 0.215   -5.621  -11.708 1.00 21.67 ? 39  HIS A N   1 
ATOM   250  C  CA  . HIS A 1 39  ? -0.692  -6.354  -12.586 1.00 24.26 ? 39  HIS A CA  1 
ATOM   251  C  C   . HIS A 1 39  ? 0.034   -7.303  -13.537 1.00 25.81 ? 39  HIS A C   1 
ATOM   252  O  O   . HIS A 1 39  ? -0.421  -8.426  -13.765 1.00 27.12 ? 39  HIS A O   1 
ATOM   253  C  CB  . HIS A 1 39  ? -1.577  -5.398  -13.389 1.00 23.32 ? 39  HIS A CB  1 
ATOM   254  C  CG  . HIS A 1 39  ? -2.843  -5.021  -12.680 1.00 22.38 ? 39  HIS A CG  1 
ATOM   255  N  ND1 . HIS A 1 39  ? -2.888  -4.059  -11.696 1.00 22.60 ? 39  HIS A ND1 1 
ATOM   256  C  CD2 . HIS A 1 39  ? -4.098  -5.518  -12.782 1.00 21.28 ? 39  HIS A CD2 1 
ATOM   257  C  CE1 . HIS A 1 39  ? -4.119  -3.977  -11.220 1.00 20.15 ? 39  HIS A CE1 1 
ATOM   258  N  NE2 . HIS A 1 39  ? -4.872  -4.850  -11.862 1.00 23.09 ? 39  HIS A NE2 1 
ATOM   259  N  N   . ARG A 1 40  ? 1.162   -6.861  -14.087 1.00 27.75 ? 40  ARG A N   1 
ATOM   260  C  CA  . ARG A 1 40  ? 1.933   -7.699  -15.003 1.00 28.70 ? 40  ARG A CA  1 
ATOM   261  C  C   . ARG A 1 40  ? 2.482   -8.936  -14.311 1.00 27.97 ? 40  ARG A C   1 
ATOM   262  O  O   . ARG A 1 40  ? 2.372   -10.046 -14.827 1.00 28.35 ? 40  ARG A O   1 
ATOM   263  C  CB  . ARG A 1 40  ? 3.091   -6.903  -15.618 1.00 29.86 ? 40  ARG A CB  1 
ATOM   264  C  CG  . ARG A 1 40  ? 2.689   -6.039  -16.803 1.00 33.45 ? 40  ARG A CG  1 
ATOM   265  C  CD  . ARG A 1 40  ? 3.886   -5.325  -17.415 1.00 36.05 ? 40  ARG A CD  1 
ATOM   266  N  NE  . ARG A 1 40  ? 4.835   -6.224  -18.075 1.00 36.77 ? 40  ARG A NE  1 
ATOM   267  C  CZ  . ARG A 1 40  ? 4.576   -6.939  -19.167 1.00 36.52 ? 40  ARG A CZ  1 
ATOM   268  N  NH1 . ARG A 1 40  ? 3.384   -6.882  -19.746 1.00 36.23 ? 40  ARG A NH1 1 
ATOM   269  N  NH2 . ARG A 1 40  ? 5.524   -7.701  -19.696 1.00 34.57 ? 40  ARG A NH2 1 
ATOM   270  N  N   . ALA A 1 41  ? 3.075   -8.743  -13.138 1.00 27.00 ? 41  ALA A N   1 
ATOM   271  C  CA  . ALA A 1 41  ? 3.642   -9.858  -12.390 1.00 27.02 ? 41  ALA A CA  1 
ATOM   272  C  C   . ALA A 1 41  ? 2.568   -10.842 -11.931 1.00 26.11 ? 41  ALA A C   1 
ATOM   273  O  O   . ALA A 1 41  ? 2.751   -12.051 -12.026 1.00 25.45 ? 41  ALA A O   1 
ATOM   274  C  CB  . ALA A 1 41  ? 4.427   -9.332  -11.187 1.00 26.93 ? 41  ALA A CB  1 
ATOM   275  N  N   . ALA A 1 42  ? 1.448   -10.322 -11.441 1.00 25.76 ? 42  ALA A N   1 
ATOM   276  C  CA  . ALA A 1 42  ? 0.367   -11.174 -10.959 1.00 25.31 ? 42  ALA A CA  1 
ATOM   277  C  C   . ALA A 1 42  ? -0.310  -11.938 -12.089 1.00 26.10 ? 42  ALA A C   1 
ATOM   278  O  O   . ALA A 1 42  ? -0.829  -13.040 -11.893 1.00 25.94 ? 42  ALA A O   1 
ATOM   279  C  CB  . ALA A 1 42  ? -0.664  -10.338 -10.213 1.00 24.74 ? 42  ALA A CB  1 
ATOM   280  N  N   . GLY A 1 43  ? -0.313  -11.345 -13.274 1.00 26.74 ? 43  GLY A N   1 
ATOM   281  C  CA  . GLY A 1 43  ? -0.947  -11.986 -14.406 1.00 29.10 ? 43  GLY A CA  1 
ATOM   282  C  C   . GLY A 1 43  ? -2.364  -11.477 -14.594 1.00 30.62 ? 43  GLY A C   1 
ATOM   283  O  O   . GLY A 1 43  ? -2.806  -10.584 -13.867 1.00 30.42 ? 43  GLY A O   1 
ATOM   284  N  N   . PRO A 1 44  ? -3.105  -12.037 -15.561 1.00 30.44 ? 44  PRO A N   1 
ATOM   285  C  CA  . PRO A 1 44  ? -4.483  -11.638 -15.850 1.00 28.45 ? 44  PRO A CA  1 
ATOM   286  C  C   . PRO A 1 44  ? -5.491  -11.973 -14.754 1.00 26.97 ? 44  PRO A C   1 
ATOM   287  O  O   . PRO A 1 44  ? -6.588  -11.411 -14.731 1.00 26.88 ? 44  PRO A O   1 
ATOM   288  C  CB  . PRO A 1 44  ? -4.780  -12.379 -17.148 1.00 30.82 ? 44  PRO A CB  1 
ATOM   289  C  CG  . PRO A 1 44  ? -4.009  -13.658 -16.963 1.00 31.06 ? 44  PRO A CG  1 
ATOM   290  C  CD  . PRO A 1 44  ? -2.685  -13.140 -16.447 1.00 31.56 ? 44  PRO A CD  1 
ATOM   291  N  N   . ALA A 1 45  ? -5.134  -12.888 -13.857 1.00 24.00 ? 45  ALA A N   1 
ATOM   292  C  CA  . ALA A 1 45  ? -6.049  -13.271 -12.781 1.00 21.77 ? 45  ALA A CA  1 
ATOM   293  C  C   . ALA A 1 45  ? -6.363  -12.090 -11.861 1.00 19.73 ? 45  ALA A C   1 
ATOM   294  O  O   . ALA A 1 45  ? -7.459  -12.000 -11.312 1.00 18.61 ? 45  ALA A O   1 
ATOM   295  C  CB  . ALA A 1 45  ? -5.464  -14.421 -11.975 1.00 24.16 ? 45  ALA A CB  1 
ATOM   296  N  N   . LEU A 1 46  ? -5.404  -11.182 -11.707 1.00 19.72 ? 46  LEU A N   1 
ATOM   297  C  CA  . LEU A 1 46  ? -5.594  -10.016 -10.854 1.00 19.66 ? 46  LEU A CA  1 
ATOM   298  C  C   . LEU A 1 46  ? -6.737  -9.148  -11.370 1.00 21.36 ? 46  LEU A C   1 
ATOM   299  O  O   . LEU A 1 46  ? -7.691  -8.858  -10.643 1.00 20.60 ? 46  LEU A O   1 
ATOM   300  C  CB  . LEU A 1 46  ? -4.322  -9.178  -10.792 1.00 18.98 ? 46  LEU A CB  1 
ATOM   301  C  CG  . LEU A 1 46  ? -3.826  -8.833  -9.384  1.00 22.26 ? 46  LEU A CG  1 
ATOM   302  C  CD1 . LEU A 1 46  ? -2.920  -7.615  -9.473  1.00 19.68 ? 46  LEU A CD1 1 
ATOM   303  C  CD2 . LEU A 1 46  ? -4.998  -8.556  -8.442  1.00 20.48 ? 46  LEU A CD2 1 
ATOM   304  N  N   . LEU A 1 47  ? -6.638  -8.738  -12.630 1.00 22.77 ? 47  LEU A N   1 
ATOM   305  C  CA  . LEU A 1 47  ? -7.661  -7.898  -13.246 1.00 24.39 ? 47  LEU A CA  1 
ATOM   306  C  C   . LEU A 1 47  ? -9.035  -8.557  -13.159 1.00 23.92 ? 47  LEU A C   1 
ATOM   307  O  O   . LEU A 1 47  ? -10.038 -7.903  -12.876 1.00 23.72 ? 47  LEU A O   1 
ATOM   308  C  CB  . LEU A 1 47  ? -7.309  -7.636  -14.718 1.00 26.65 ? 47  LEU A CB  1 
ATOM   309  C  CG  . LEU A 1 47  ? -8.302  -6.807  -15.549 1.00 26.91 ? 47  LEU A CG  1 
ATOM   310  C  CD1 . LEU A 1 47  ? -8.432  -5.405  -14.959 1.00 26.56 ? 47  LEU A CD1 1 
ATOM   311  C  CD2 . LEU A 1 47  ? -7.811  -6.728  -16.982 1.00 27.06 ? 47  LEU A CD2 1 
ATOM   312  N  N   . ASP A 1 48  ? -9.072  -9.861  -13.401 1.00 25.47 ? 48  ASP A N   1 
ATOM   313  C  CA  . ASP A 1 48  ? -10.323 -10.606 -13.356 1.00 25.68 ? 48  ASP A CA  1 
ATOM   314  C  C   . ASP A 1 48  ? -10.958 -10.508 -11.967 1.00 23.72 ? 48  ASP A C   1 
ATOM   315  O  O   . ASP A 1 48  ? -12.180 -10.431 -11.829 1.00 23.39 ? 48  ASP A O   1 
ATOM   316  C  CB  . ASP A 1 48  ? -10.066 -12.070 -13.717 1.00 30.39 ? 48  ASP A CB  1 
ATOM   317  C  CG  . ASP A 1 48  ? -11.325 -12.793 -14.126 1.00 33.02 ? 48  ASP A CG  1 
ATOM   318  O  OD1 . ASP A 1 48  ? -11.850 -12.509 -15.229 1.00 34.25 ? 48  ASP A OD1 1 
ATOM   319  O  OD2 . ASP A 1 48  ? -11.794 -13.643 -13.341 1.00 37.43 ? 48  ASP A OD2 1 
ATOM   320  N  N   . ALA A 1 49  ? -10.124 -10.512 -10.937 1.00 20.69 ? 49  ALA A N   1 
ATOM   321  C  CA  . ALA A 1 49  ? -10.621 -10.404 -9.572  1.00 19.70 ? 49  ALA A CA  1 
ATOM   322  C  C   . ALA A 1 49  ? -11.118 -8.974  -9.335  1.00 17.62 ? 49  ALA A C   1 
ATOM   323  O  O   . ALA A 1 49  ? -12.121 -8.761  -8.655  1.00 18.13 ? 49  ALA A O   1 
ATOM   324  C  CB  . ALA A 1 49  ? -9.516  -10.750 -8.577  1.00 19.04 ? 49  ALA A CB  1 
ATOM   325  N  N   . CYS A 1 50  ? -10.405 -7.997  -9.888  1.00 15.97 ? 50  CYS A N   1 
ATOM   326  C  CA  . CYS A 1 50  ? -10.795 -6.599  -9.733  1.00 16.76 ? 50  CYS A CA  1 
ATOM   327  C  C   . CYS A 1 50  ? -12.111 -6.305  -10.442 1.00 17.04 ? 50  CYS A C   1 
ATOM   328  O  O   . CYS A 1 50  ? -12.879 -5.438  -10.014 1.00 16.23 ? 50  CYS A O   1 
ATOM   329  C  CB  . CYS A 1 50  ? -9.695  -5.671  -10.261 1.00 13.70 ? 50  CYS A CB  1 
ATOM   330  S  SG  . CYS A 1 50  ? -8.167  -5.725  -9.265  1.00 13.96 ? 50  CYS A SG  1 
ATOM   331  N  N   . LEU A 1 51  ? -12.365 -7.018  -11.536 1.00 16.32 ? 51  LEU A N   1 
ATOM   332  C  CA  . LEU A 1 51  ? -13.606 -6.847  -12.289 1.00 17.95 ? 51  LEU A CA  1 
ATOM   333  C  C   . LEU A 1 51  ? -14.757 -7.312  -11.414 1.00 16.86 ? 51  LEU A C   1 
ATOM   334  O  O   . LEU A 1 51  ? -15.810 -6.684  -11.372 1.00 17.21 ? 51  LEU A O   1 
ATOM   335  C  CB  . LEU A 1 51  ? -13.569 -7.682  -13.573 1.00 19.41 ? 51  LEU A CB  1 
ATOM   336  C  CG  . LEU A 1 51  ? -12.650 -7.135  -14.669 1.00 22.39 ? 51  LEU A CG  1 
ATOM   337  C  CD1 . LEU A 1 51  ? -12.514 -8.142  -15.799 1.00 22.93 ? 51  LEU A CD1 1 
ATOM   338  C  CD2 . LEU A 1 51  ? -13.224 -5.826  -15.177 1.00 21.69 ? 51  LEU A CD2 1 
ATOM   339  N  N   . LYS A 1 52  ? -14.541 -8.415  -10.710 1.00 16.99 ? 52  LYS A N   1 
ATOM   340  C  CA  . LYS A 1 52  ? -15.560 -8.960  -9.829  1.00 17.22 ? 52  LYS A CA  1 
ATOM   341  C  C   . LYS A 1 52  ? -15.847 -7.966  -8.700  1.00 16.69 ? 52  LYS A C   1 
ATOM   342  O  O   . LYS A 1 52  ? -17.002 -7.736  -8.349  1.00 18.39 ? 52  LYS A O   1 
ATOM   343  C  CB  . LYS A 1 52  ? -15.108 -10.299 -9.253  1.00 18.47 ? 52  LYS A CB  1 
ATOM   344  C  CG  . LYS A 1 52  ? -16.168 -10.979 -8.400  1.00 23.22 ? 52  LYS A CG  1 
ATOM   345  C  CD  . LYS A 1 52  ? -15.610 -12.183 -7.667  1.00 28.15 ? 52  LYS A CD  1 
ATOM   346  C  CE  . LYS A 1 52  ? -16.712 -12.936 -6.941  1.00 29.68 ? 52  LYS A CE  1 
ATOM   347  N  NZ  . LYS A 1 52  ? -17.754 -13.427 -7.897  1.00 32.88 ? 52  LYS A NZ  1 
ATOM   348  N  N   . VAL A 1 53  ? -14.795 -7.381  -8.135  1.00 16.21 ? 53  VAL A N   1 
ATOM   349  C  CA  . VAL A 1 53  ? -14.960 -6.388  -7.073  1.00 15.83 ? 53  VAL A CA  1 
ATOM   350  C  C   . VAL A 1 53  ? -15.776 -5.189  -7.591  1.00 15.01 ? 53  VAL A C   1 
ATOM   351  O  O   . VAL A 1 53  ? -16.747 -4.779  -6.955  1.00 14.59 ? 53  VAL A O   1 
ATOM   352  C  CB  . VAL A 1 53  ? -13.578 -5.888  -6.536  1.00 15.09 ? 53  VAL A CB  1 
ATOM   353  C  CG1 . VAL A 1 53  ? -13.768 -4.671  -5.621  1.00 14.67 ? 53  VAL A CG1 1 
ATOM   354  C  CG2 . VAL A 1 53  ? -12.882 -7.004  -5.752  1.00 16.59 ? 53  VAL A CG2 1 
ATOM   355  N  N   . ARG A 1 54  ? -15.397 -4.632  -8.743  1.00 16.00 ? 54  ARG A N   1 
ATOM   356  C  CA  . ARG A 1 54  ? -16.123 -3.484  -9.300  1.00 17.66 ? 54  ARG A CA  1 
ATOM   357  C  C   . ARG A 1 54  ? -17.614 -3.770  -9.463  1.00 18.53 ? 54  ARG A C   1 
ATOM   358  O  O   . ARG A 1 54  ? -18.459 -2.910  -9.217  1.00 17.19 ? 54  ARG A O   1 
ATOM   359  C  CB  . ARG A 1 54  ? -15.564 -3.075  -10.670 1.00 21.68 ? 54  ARG A CB  1 
ATOM   360  C  CG  . ARG A 1 54  ? -14.456 -2.029  -10.627 1.00 27.02 ? 54  ARG A CG  1 
ATOM   361  C  CD  . ARG A 1 54  ? -14.590 -1.024  -11.777 1.00 30.88 ? 54  ARG A CD  1 
ATOM   362  N  NE  . ARG A 1 54  ? -14.879 -1.701  -13.041 1.00 35.35 ? 54  ARG A NE  1 
ATOM   363  C  CZ  . ARG A 1 54  ? -14.813 -1.132  -14.242 1.00 36.56 ? 54  ARG A CZ  1 
ATOM   364  N  NH1 . ARG A 1 54  ? -15.100 -1.845  -15.324 1.00 36.25 ? 54  ARG A NH1 1 
ATOM   365  N  NH2 . ARG A 1 54  ? -14.447 0.141   -14.366 1.00 39.69 ? 54  ARG A NH2 1 
ATOM   366  N  N   . GLN A 1 55  ? -17.915 -4.985  -9.901  1.00 17.12 ? 55  GLN A N   1 
ATOM   367  C  CA  . GLN A 1 55  ? -19.280 -5.431  -10.122 1.00 21.48 ? 55  GLN A CA  1 
ATOM   368  C  C   . GLN A 1 55  ? -20.062 -5.424  -8.807  1.00 20.28 ? 55  GLN A C   1 
ATOM   369  O  O   . GLN A 1 55  ? -21.272 -5.183  -8.785  1.00 20.79 ? 55  GLN A O   1 
ATOM   370  C  CB  . GLN A 1 55  ? -19.245 -6.847  -10.710 1.00 24.23 ? 55  GLN A CB  1 
ATOM   371  C  CG  . GLN A 1 55  ? -20.573 -7.430  -11.148 1.00 30.38 ? 55  GLN A CG  1 
ATOM   372  C  CD  . GLN A 1 55  ? -21.019 -6.932  -12.501 1.00 34.24 ? 55  GLN A CD  1 
ATOM   373  O  OE1 . GLN A 1 55  ? -22.002 -7.430  -13.057 1.00 37.31 ? 55  GLN A OE1 1 
ATOM   374  N  NE2 . GLN A 1 55  ? -20.307 -5.943  -13.042 1.00 35.02 ? 55  GLN A NE2 1 
ATOM   375  N  N   . GLN A 1 56  ? -19.369 -5.686  -7.706  1.00 20.05 ? 56  GLN A N   1 
ATOM   376  C  CA  . GLN A 1 56  ? -20.027 -5.717  -6.406  1.00 19.30 ? 56  GLN A CA  1 
ATOM   377  C  C   . GLN A 1 56  ? -19.995 -4.396  -5.637  1.00 16.45 ? 56  GLN A C   1 
ATOM   378  O  O   . GLN A 1 56  ? -20.912 -4.108  -4.868  1.00 13.19 ? 56  GLN A O   1 
ATOM   379  C  CB  . GLN A 1 56  ? -19.406 -6.800  -5.517  1.00 21.85 ? 56  GLN A CB  1 
ATOM   380  C  CG  . GLN A 1 56  ? -20.366 -7.270  -4.439  1.00 29.49 ? 56  GLN A CG  1 
ATOM   381  C  CD  . GLN A 1 56  ? -19.693 -7.597  -3.124  1.00 31.30 ? 56  GLN A CD  1 
ATOM   382  O  OE1 . GLN A 1 56  ? -18.830 -8.470  -3.044  1.00 32.37 ? 56  GLN A OE1 1 
ATOM   383  N  NE2 . GLN A 1 56  ? -20.092 -6.890  -2.076  1.00 35.28 ? 56  GLN A NE2 1 
ATOM   384  N  N   . GLN A 1 57  ? -18.953 -3.595  -5.845  1.00 16.05 ? 57  GLN A N   1 
ATOM   385  C  CA  . GLN A 1 57  ? -18.821 -2.345  -5.104  1.00 15.72 ? 57  GLN A CA  1 
ATOM   386  C  C   . GLN A 1 57  ? -18.458 -1.112  -5.932  1.00 15.83 ? 57  GLN A C   1 
ATOM   387  O  O   . GLN A 1 57  ? -18.235 -0.040  -5.369  1.00 16.29 ? 57  GLN A O   1 
ATOM   388  C  CB  . GLN A 1 57  ? -17.770 -2.509  -4.007  1.00 19.17 ? 57  GLN A CB  1 
ATOM   389  C  CG  . GLN A 1 57  ? -16.353 -2.631  -4.539  1.00 22.09 ? 57  GLN A CG  1 
ATOM   390  C  CD  . GLN A 1 57  ? -15.396 -1.636  -3.897  1.00 24.24 ? 57  GLN A CD  1 
ATOM   391  O  OE1 . GLN A 1 57  ? -15.293 -1.559  -2.666  1.00 22.32 ? 57  GLN A OE1 1 
ATOM   392  N  NE2 . GLN A 1 57  ? -14.677 -0.878  -4.732  1.00 21.89 ? 57  GLN A NE2 1 
ATOM   393  N  N   . GLY A 1 58  ? -18.387 -1.249  -7.251  1.00 14.00 ? 58  GLY A N   1 
ATOM   394  C  CA  . GLY A 1 58  ? -18.044 -0.100  -8.077  1.00 14.24 ? 58  GLY A CA  1 
ATOM   395  C  C   . GLY A 1 58  ? -16.597 0.321   -7.890  1.00 14.28 ? 58  GLY A C   1 
ATOM   396  O  O   . GLY A 1 58  ? -15.761 -0.493  -7.505  1.00 14.96 ? 58  GLY A O   1 
ATOM   397  N  N   . ASP A 1 59  ? -16.286 1.588   -8.151  1.00 16.18 ? 59  ASP A N   1 
ATOM   398  C  CA  . ASP A 1 59  ? -14.908 2.064   -8.010  1.00 15.07 ? 59  ASP A CA  1 
ATOM   399  C  C   . ASP A 1 59  ? -14.454 2.074   -6.554  1.00 14.48 ? 59  ASP A C   1 
ATOM   400  O  O   . ASP A 1 59  ? -15.267 2.008   -5.631  1.00 14.39 ? 59  ASP A O   1 
ATOM   401  C  CB  . ASP A 1 59  ? -14.761 3.481   -8.576  1.00 15.99 ? 59  ASP A CB  1 
ATOM   402  C  CG  . ASP A 1 59  ? -14.941 3.538   -10.078 1.00 20.85 ? 59  ASP A CG  1 
ATOM   403  O  OD1 . ASP A 1 59  ? -14.888 2.475   -10.737 1.00 18.76 ? 59  ASP A OD1 1 
ATOM   404  O  OD2 . ASP A 1 59  ? -15.120 4.662   -10.600 1.00 25.43 ? 59  ASP A OD2 1 
ATOM   405  N  N   . CYS A 1 60  ? -13.146 2.163   -6.364  1.00 11.48 ? 60  CYS A N   1 
ATOM   406  C  CA  . CYS A 1 60  ? -12.567 2.206   -5.034  1.00 13.39 ? 60  CYS A CA  1 
ATOM   407  C  C   . CYS A 1 60  ? -12.321 3.675   -4.680  1.00 12.63 ? 60  CYS A C   1 
ATOM   408  O  O   . CYS A 1 60  ? -11.445 4.319   -5.251  1.00 13.65 ? 60  CYS A O   1 
ATOM   409  C  CB  . CYS A 1 60  ? -11.246 1.433   -5.015  1.00 11.84 ? 60  CYS A CB  1 
ATOM   410  S  SG  . CYS A 1 60  ? -10.444 1.350   -3.386  1.00 13.64 ? 60  CYS A SG  1 
ATOM   411  N  N   . PRO A 1 61  ? -13.104 4.229   -3.741  1.00 13.90 ? 61  PRO A N   1 
ATOM   412  C  CA  . PRO A 1 61  ? -12.915 5.632   -3.362  1.00 13.58 ? 61  PRO A CA  1 
ATOM   413  C  C   . PRO A 1 61  ? -11.595 5.882   -2.654  1.00 12.95 ? 61  PRO A C   1 
ATOM   414  O  O   . PRO A 1 61  ? -11.012 4.975   -2.058  1.00 13.16 ? 61  PRO A O   1 
ATOM   415  C  CB  . PRO A 1 61  ? -14.113 5.910   -2.459  1.00 12.44 ? 61  PRO A CB  1 
ATOM   416  C  CG  . PRO A 1 61  ? -14.374 4.594   -1.844  1.00 13.23 ? 61  PRO A CG  1 
ATOM   417  C  CD  . PRO A 1 61  ? -14.244 3.646   -3.016  1.00 12.03 ? 61  PRO A CD  1 
ATOM   418  N  N   . THR A 1 62  ? -11.124 7.120   -2.728  1.00 12.89 ? 62  THR A N   1 
ATOM   419  C  CA  . THR A 1 62  ? -9.878  7.483   -2.073  1.00 13.20 ? 62  THR A CA  1 
ATOM   420  C  C   . THR A 1 62  ? -9.914  7.084   -0.603  1.00 12.08 ? 62  THR A C   1 
ATOM   421  O  O   . THR A 1 62  ? -10.913 7.302   0.086   1.00 11.65 ? 62  THR A O   1 
ATOM   422  C  CB  . THR A 1 62  ? -9.628  8.992   -2.152  1.00 13.84 ? 62  THR A CB  1 
ATOM   423  O  OG1 . THR A 1 62  ? -9.692  9.418   -3.523  1.00 15.45 ? 62  THR A OG1 1 
ATOM   424  C  CG2 . THR A 1 62  ? -8.247  9.316   -1.594  1.00 9.61  ? 62  THR A CG2 1 
ATOM   425  N  N   . GLY A 1 63  ? -8.825  6.484   -0.137  1.00 9.84  ? 63  GLY A N   1 
ATOM   426  C  CA  . GLY A 1 63  ? -8.730  6.082   1.253   1.00 12.20 ? 63  GLY A CA  1 
ATOM   427  C  C   . GLY A 1 63  ? -9.255  4.685   1.528   1.00 12.47 ? 63  GLY A C   1 
ATOM   428  O  O   . GLY A 1 63  ? -8.953  4.104   2.569   1.00 13.07 ? 63  GLY A O   1 
ATOM   429  N  N   . HIS A 1 64  ? -10.021 4.146   0.585   1.00 11.42 ? 64  HIS A N   1 
ATOM   430  C  CA  . HIS A 1 64  ? -10.636 2.819   0.703   1.00 11.42 ? 64  HIS A CA  1 
ATOM   431  C  C   . HIS A 1 64  ? -9.678  1.708   0.279   1.00 12.18 ? 64  HIS A C   1 
ATOM   432  O  O   . HIS A 1 64  ? -8.733  1.951   -0.472  1.00 10.14 ? 64  HIS A O   1 
ATOM   433  C  CB  . HIS A 1 64  ? -11.887 2.775   -0.185  1.00 12.74 ? 64  HIS A CB  1 
ATOM   434  C  CG  . HIS A 1 64  ? -12.772 1.589   0.049   1.00 13.41 ? 64  HIS A CG  1 
ATOM   435  N  ND1 . HIS A 1 64  ? -13.386 1.346   1.258   1.00 14.61 ? 64  HIS A ND1 1 
ATOM   436  C  CD2 . HIS A 1 64  ? -13.213 0.625   -0.795  1.00 11.90 ? 64  HIS A CD2 1 
ATOM   437  C  CE1 . HIS A 1 64  ? -14.172 0.290   1.150   1.00 13.71 ? 64  HIS A CE1 1 
ATOM   438  N  NE2 . HIS A 1 64  ? -14.085 -0.166  -0.087  1.00 14.81 ? 64  HIS A NE2 1 
ATOM   439  N  N   . ALA A 1 65  ? -9.930  0.490   0.762   1.00 10.58 ? 65  ALA A N   1 
ATOM   440  C  CA  . ALA A 1 65  ? -9.102  -0.657  0.408   1.00 11.39 ? 65  ALA A CA  1 
ATOM   441  C  C   . ALA A 1 65  ? -9.944  -1.907  0.187   1.00 9.37  ? 65  ALA A C   1 
ATOM   442  O  O   . ALA A 1 65  ? -10.976 -2.092  0.827   1.00 8.89  ? 65  ALA A O   1 
ATOM   443  C  CB  . ALA A 1 65  ? -8.059  -0.919  1.496   1.00 10.51 ? 65  ALA A CB  1 
ATOM   444  N  N   . VAL A 1 66  ? -9.512  -2.742  -0.753  1.00 8.84  ? 66  VAL A N   1 
ATOM   445  C  CA  . VAL A 1 66  ? -10.193 -4.000  -1.047  1.00 11.30 ? 66  VAL A CA  1 
ATOM   446  C  C   . VAL A 1 66  ? -9.123  -5.075  -1.251  1.00 11.74 ? 66  VAL A C   1 
ATOM   447  O  O   . VAL A 1 66  ? -8.046  -4.801  -1.786  1.00 11.74 ? 66  VAL A O   1 
ATOM   448  C  CB  . VAL A 1 66  ? -11.086 -3.903  -2.312  1.00 10.85 ? 66  VAL A CB  1 
ATOM   449  C  CG1 . VAL A 1 66  ? -12.181 -2.867  -2.088  1.00 10.96 ? 66  VAL A CG1 1 
ATOM   450  C  CG2 . VAL A 1 66  ? -10.243 -3.553  -3.533  1.00 9.15  ? 66  VAL A CG2 1 
ATOM   451  N  N   . ILE A 1 67  ? -9.413  -6.294  -0.813  1.00 12.85 ? 67  ILE A N   1 
ATOM   452  C  CA  . ILE A 1 67  ? -8.446  -7.379  -0.938  1.00 14.35 ? 67  ILE A CA  1 
ATOM   453  C  C   . ILE A 1 67  ? -8.886  -8.429  -1.958  1.00 14.97 ? 67  ILE A C   1 
ATOM   454  O  O   . ILE A 1 67  ? -10.070 -8.748  -2.068  1.00 16.05 ? 67  ILE A O   1 
ATOM   455  C  CB  . ILE A 1 67  ? -8.192  -8.041  0.451   1.00 13.75 ? 67  ILE A CB  1 
ATOM   456  C  CG1 . ILE A 1 67  ? -7.035  -9.037  0.362   1.00 16.33 ? 67  ILE A CG1 1 
ATOM   457  C  CG2 . ILE A 1 67  ? -9.455  -8.750  0.945   1.00 14.31 ? 67  ILE A CG2 1 
ATOM   458  C  CD1 . ILE A 1 67  ? -6.461  -9.427  1.716   1.00 14.78 ? 67  ILE A CD1 1 
ATOM   459  N  N   . THR A 1 68  ? -7.923  -8.934  -2.728  1.00 14.77 ? 68  THR A N   1 
ATOM   460  C  CA  . THR A 1 68  ? -8.180  -9.961  -3.746  1.00 12.34 ? 68  THR A CA  1 
ATOM   461  C  C   . THR A 1 68  ? -7.012  -10.946 -3.745  1.00 12.15 ? 68  THR A C   1 
ATOM   462  O  O   . THR A 1 68  ? -6.063  -10.796 -2.979  1.00 10.61 ? 68  THR A O   1 
ATOM   463  C  CB  . THR A 1 68  ? -8.259  -9.370  -5.177  1.00 12.83 ? 68  THR A CB  1 
ATOM   464  O  OG1 . THR A 1 68  ? -6.958  -8.932  -5.577  1.00 11.12 ? 68  THR A OG1 1 
ATOM   465  C  CG2 . THR A 1 68  ? -9.224  -8.192  -5.238  1.00 11.10 ? 68  THR A CG2 1 
ATOM   466  N  N   . LEU A 1 69  ? -7.092  -11.947 -4.614  1.00 13.28 ? 69  LEU A N   1 
ATOM   467  C  CA  . LEU A 1 69  ? -6.034  -12.938 -4.755  1.00 14.56 ? 69  LEU A CA  1 
ATOM   468  C  C   . LEU A 1 69  ? -4.798  -12.236 -5.326  1.00 14.60 ? 69  LEU A C   1 
ATOM   469  O  O   . LEU A 1 69  ? -4.882  -11.084 -5.753  1.00 12.08 ? 69  LEU A O   1 
ATOM   470  C  CB  . LEU A 1 69  ? -6.499  -14.057 -5.699  1.00 17.90 ? 69  LEU A CB  1 
ATOM   471  C  CG  . LEU A 1 69  ? -7.197  -13.628 -7.004  1.00 18.84 ? 69  LEU A CG  1 
ATOM   472  C  CD1 . LEU A 1 69  ? -6.224  -12.915 -7.925  1.00 21.31 ? 69  LEU A CD1 1 
ATOM   473  C  CD2 . LEU A 1 69  ? -7.759  -14.861 -7.699  1.00 23.10 ? 69  LEU A CD2 1 
ATOM   474  N  N   . ALA A 1 70  ? -3.659  -12.927 -5.349  1.00 13.34 ? 70  ALA A N   1 
ATOM   475  C  CA  . ALA A 1 70  ? -2.416  -12.339 -5.855  1.00 15.34 ? 70  ALA A CA  1 
ATOM   476  C  C   . ALA A 1 70  ? -1.935  -12.902 -7.190  1.00 16.13 ? 70  ALA A C   1 
ATOM   477  O  O   . ALA A 1 70  ? -0.903  -12.476 -7.707  1.00 17.57 ? 70  ALA A O   1 
ATOM   478  C  CB  . ALA A 1 70  ? -1.312  -12.494 -4.813  1.00 15.35 ? 70  ALA A CB  1 
ATOM   479  N  N   . GLY A 1 71  ? -2.663  -13.865 -7.749  1.00 17.10 ? 71  GLY A N   1 
ATOM   480  C  CA  . GLY A 1 71  ? -2.241  -14.436 -9.013  1.00 18.93 ? 71  GLY A CA  1 
ATOM   481  C  C   . GLY A 1 71  ? -0.859  -15.059 -8.914  1.00 20.89 ? 71  GLY A C   1 
ATOM   482  O  O   . GLY A 1 71  ? -0.584  -15.822 -7.985  1.00 20.62 ? 71  GLY A O   1 
ATOM   483  N  N   . ASP A 1 72  ? 0.016   -14.717 -9.860  1.00 22.45 ? 72  ASP A N   1 
ATOM   484  C  CA  . ASP A 1 72  ? 1.377   -15.258 -9.905  1.00 24.18 ? 72  ASP A CA  1 
ATOM   485  C  C   . ASP A 1 72  ? 2.376   -14.541 -9.000  1.00 24.73 ? 72  ASP A C   1 
ATOM   486  O  O   . ASP A 1 72  ? 3.561   -14.886 -8.978  1.00 25.12 ? 72  ASP A O   1 
ATOM   487  C  CB  . ASP A 1 72  ? 1.921   -15.234 -11.338 1.00 26.08 ? 72  ASP A CB  1 
ATOM   488  C  CG  . ASP A 1 72  ? 1.026   -15.965 -12.318 1.00 29.42 ? 72  ASP A CG  1 
ATOM   489  O  OD1 . ASP A 1 72  ? 0.571   -17.088 -12.000 1.00 31.12 ? 72  ASP A OD1 1 
ATOM   490  O  OD2 . ASP A 1 72  ? 0.786   -15.423 -13.420 1.00 33.04 ? 72  ASP A OD2 1 
ATOM   491  N  N   . LEU A 1 73  ? 1.913   -13.538 -8.263  1.00 22.92 ? 73  LEU A N   1 
ATOM   492  C  CA  . LEU A 1 73  ? 2.801   -12.816 -7.365  1.00 23.58 ? 73  LEU A CA  1 
ATOM   493  C  C   . LEU A 1 73  ? 3.249   -13.747 -6.245  1.00 24.18 ? 73  LEU A C   1 
ATOM   494  O  O   . LEU A 1 73  ? 2.582   -14.737 -5.947  1.00 23.42 ? 73  LEU A O   1 
ATOM   495  C  CB  . LEU A 1 73  ? 2.085   -11.598 -6.773  1.00 23.06 ? 73  LEU A CB  1 
ATOM   496  C  CG  . LEU A 1 73  ? 1.930   -10.385 -7.692  1.00 23.71 ? 73  LEU A CG  1 
ATOM   497  C  CD1 . LEU A 1 73  ? 0.935   -9.407  -7.094  1.00 23.41 ? 73  LEU A CD1 1 
ATOM   498  C  CD2 . LEU A 1 73  ? 3.289   -9.724  -7.892  1.00 23.58 ? 73  LEU A CD2 1 
ATOM   499  N  N   . PRO A 1 74  ? 4.404   -13.452 -5.628  1.00 24.55 ? 74  PRO A N   1 
ATOM   500  C  CA  . PRO A 1 74  ? 4.950   -14.258 -4.529  1.00 25.12 ? 74  PRO A CA  1 
ATOM   501  C  C   . PRO A 1 74  ? 4.281   -13.870 -3.211  1.00 25.67 ? 74  PRO A C   1 
ATOM   502  O  O   . PRO A 1 74  ? 4.947   -13.652 -2.198  1.00 26.98 ? 74  PRO A O   1 
ATOM   503  C  CB  . PRO A 1 74  ? 6.429   -13.894 -4.548  1.00 25.86 ? 74  PRO A CB  1 
ATOM   504  C  CG  . PRO A 1 74  ? 6.388   -12.446 -4.926  1.00 24.40 ? 74  PRO A CG  1 
ATOM   505  C  CD  . PRO A 1 74  ? 5.382   -12.436 -6.060  1.00 25.43 ? 74  PRO A CD  1 
ATOM   506  N  N   . ALA A 1 75  ? 2.955   -13.776 -3.246  1.00 24.74 ? 75  ALA A N   1 
ATOM   507  C  CA  . ALA A 1 75  ? 2.171   -13.405 -2.077  1.00 22.46 ? 75  ALA A CA  1 
ATOM   508  C  C   . ALA A 1 75  ? 0.857   -14.168 -2.073  1.00 20.37 ? 75  ALA A C   1 
ATOM   509  O  O   . ALA A 1 75  ? 0.477   -14.765 -3.076  1.00 20.09 ? 75  ALA A O   1 
ATOM   510  C  CB  . ALA A 1 75  ? 1.909   -11.903 -2.083  1.00 20.60 ? 75  ALA A CB  1 
ATOM   511  N  N   . LYS A 1 76  ? 0.169   -14.146 -0.935  1.00 19.56 ? 76  LYS A N   1 
ATOM   512  C  CA  . LYS A 1 76  ? -1.101  -14.843 -0.795  1.00 18.60 ? 76  LYS A CA  1 
ATOM   513  C  C   . LYS A 1 76  ? -2.280  -13.954 -1.202  1.00 18.26 ? 76  LYS A C   1 
ATOM   514  O  O   . LYS A 1 76  ? -3.364  -14.449 -1.503  1.00 18.06 ? 76  LYS A O   1 
ATOM   515  C  CB  . LYS A 1 76  ? -1.284  -15.315 0.652   1.00 19.38 ? 76  LYS A CB  1 
ATOM   516  C  CG  . LYS A 1 76  ? -0.167  -16.240 1.158   1.00 20.32 ? 76  LYS A CG  1 
ATOM   517  C  CD  . LYS A 1 76  ? -0.440  -16.735 2.582   1.00 20.21 ? 76  LYS A CD  1 
ATOM   518  C  CE  . LYS A 1 76  ? 0.704   -17.599 3.115   1.00 22.76 ? 76  LYS A CE  1 
ATOM   519  N  NZ  . LYS A 1 76  ? 0.442   -18.059 4.514   1.00 24.98 ? 76  LYS A NZ  1 
ATOM   520  N  N   . ALA A 1 77  ? -2.068  -12.642 -1.216  1.00 17.42 ? 77  ALA A N   1 
ATOM   521  C  CA  . ALA A 1 77  ? -3.130  -11.719 -1.591  1.00 14.47 ? 77  ALA A CA  1 
ATOM   522  C  C   . ALA A 1 77  ? -2.602  -10.324 -1.893  1.00 14.97 ? 77  ALA A C   1 
ATOM   523  O  O   . ALA A 1 77  ? -1.488  -9.970  -1.513  1.00 14.46 ? 77  ALA A O   1 
ATOM   524  C  CB  . ALA A 1 77  ? -4.173  -11.650 -0.476  1.00 16.52 ? 77  ALA A CB  1 
ATOM   525  N  N   . VAL A 1 78  ? -3.423  -9.540  -2.585  1.00 13.71 ? 78  VAL A N   1 
ATOM   526  C  CA  . VAL A 1 78  ? -3.085  -8.170  -2.937  1.00 11.95 ? 78  VAL A CA  1 
ATOM   527  C  C   . VAL A 1 78  ? -4.187  -7.250  -2.402  1.00 12.63 ? 78  VAL A C   1 
ATOM   528  O  O   . VAL A 1 78  ? -5.377  -7.502  -2.604  1.00 12.76 ? 78  VAL A O   1 
ATOM   529  C  CB  . VAL A 1 78  ? -2.982  -7.986  -4.484  1.00 12.27 ? 78  VAL A CB  1 
ATOM   530  C  CG1 . VAL A 1 78  ? -2.892  -6.500  -4.837  1.00 13.35 ? 78  VAL A CG1 1 
ATOM   531  C  CG2 . VAL A 1 78  ? -1.754  -8.717  -5.014  1.00 9.61  ? 78  VAL A CG2 1 
ATOM   532  N  N   . VAL A 1 79  ? -3.791  -6.212  -1.682  1.00 12.30 ? 79  VAL A N   1 
ATOM   533  C  CA  . VAL A 1 79  ? -4.752  -5.251  -1.172  1.00 11.86 ? 79  VAL A CA  1 
ATOM   534  C  C   . VAL A 1 79  ? -4.596  -4.020  -2.044  1.00 11.02 ? 79  VAL A C   1 
ATOM   535  O  O   . VAL A 1 79  ? -3.510  -3.453  -2.149  1.00 10.62 ? 79  VAL A O   1 
ATOM   536  C  CB  . VAL A 1 79  ? -4.488  -4.892  0.308   1.00 12.90 ? 79  VAL A CB  1 
ATOM   537  C  CG1 . VAL A 1 79  ? -5.212  -3.593  0.670   1.00 12.39 ? 79  VAL A CG1 1 
ATOM   538  C  CG2 . VAL A 1 79  ? -5.002  -6.027  1.211   1.00 14.20 ? 79  VAL A CG2 1 
ATOM   539  N  N   . HIS A 1 80  ? -5.687  -3.634  -2.693  1.00 11.04 ? 80  HIS A N   1 
ATOM   540  C  CA  . HIS A 1 80  ? -5.697  -2.476  -3.568  1.00 10.66 ? 80  HIS A CA  1 
ATOM   541  C  C   . HIS A 1 80  ? -6.261  -1.303  -2.783  1.00 11.27 ? 80  HIS A C   1 
ATOM   542  O  O   . HIS A 1 80  ? -7.363  -1.391  -2.245  1.00 11.12 ? 80  HIS A O   1 
ATOM   543  C  CB  . HIS A 1 80  ? -6.607  -2.726  -4.770  1.00 10.65 ? 80  HIS A CB  1 
ATOM   544  C  CG  . HIS A 1 80  ? -6.322  -4.001  -5.500  1.00 10.53 ? 80  HIS A CG  1 
ATOM   545  N  ND1 . HIS A 1 80  ? -5.604  -4.038  -6.672  1.00 10.71 ? 80  HIS A ND1 1 
ATOM   546  C  CD2 . HIS A 1 80  ? -6.669  -5.280  -5.225  1.00 10.30 ? 80  HIS A CD2 1 
ATOM   547  C  CE1 . HIS A 1 80  ? -5.521  -5.288  -7.095  1.00 13.82 ? 80  HIS A CE1 1 
ATOM   548  N  NE2 . HIS A 1 80  ? -6.159  -6.062  -6.234  1.00 12.95 ? 80  HIS A NE2 1 
ATOM   549  N  N   . THR A 1 81  ? -5.516  -0.207  -2.721  1.00 10.12 ? 81  THR A N   1 
ATOM   550  C  CA  . THR A 1 81  ? -6.000  0.965   -2.012  1.00 10.42 ? 81  THR A CA  1 
ATOM   551  C  C   . THR A 1 81  ? -5.723  2.211   -2.866  1.00 11.48 ? 81  THR A C   1 
ATOM   552  O  O   . THR A 1 81  ? -4.874  2.188   -3.758  1.00 12.08 ? 81  THR A O   1 
ATOM   553  C  CB  . THR A 1 81  ? -5.330  1.079   -0.613  1.00 10.92 ? 81  THR A CB  1 
ATOM   554  O  OG1 . THR A 1 81  ? -5.995  2.090   0.150   1.00 13.84 ? 81  THR A OG1 1 
ATOM   555  C  CG2 . THR A 1 81  ? -3.850  1.425   -0.733  1.00 9.38  ? 81  THR A CG2 1 
ATOM   556  N  N   . VAL A 1 82  ? -6.459  3.288   -2.610  1.00 9.16  ? 82  VAL A N   1 
ATOM   557  C  CA  . VAL A 1 82  ? -6.289  4.514   -3.374  1.00 9.56  ? 82  VAL A CA  1 
ATOM   558  C  C   . VAL A 1 82  ? -5.889  5.681   -2.493  1.00 9.37  ? 82  VAL A C   1 
ATOM   559  O  O   . VAL A 1 82  ? -6.652  6.108   -1.623  1.00 9.14  ? 82  VAL A O   1 
ATOM   560  C  CB  . VAL A 1 82  ? -7.588  4.876   -4.125  1.00 10.04 ? 82  VAL A CB  1 
ATOM   561  C  CG1 . VAL A 1 82  ? -7.414  6.191   -4.878  1.00 11.14 ? 82  VAL A CG1 1 
ATOM   562  C  CG2 . VAL A 1 82  ? -7.955  3.762   -5.093  1.00 8.28  ? 82  VAL A CG2 1 
ATOM   563  N  N   . GLY A 1 83  ? -4.682  6.189   -2.718  1.00 8.60  ? 83  GLY A N   1 
ATOM   564  C  CA  . GLY A 1 83  ? -4.206  7.317   -1.937  1.00 7.66  ? 83  GLY A CA  1 
ATOM   565  C  C   . GLY A 1 83  ? -4.740  8.631   -2.481  1.00 8.70  ? 83  GLY A C   1 
ATOM   566  O  O   . GLY A 1 83  ? -5.260  8.677   -3.593  1.00 6.83  ? 83  GLY A O   1 
ATOM   567  N  N   . PRO A 1 84  ? -4.642  9.723   -1.717  1.00 9.70  ? 84  PRO A N   1 
ATOM   568  C  CA  . PRO A 1 84  ? -5.146  10.997  -2.227  1.00 9.36  ? 84  PRO A CA  1 
ATOM   569  C  C   . PRO A 1 84  ? -4.236  11.626  -3.276  1.00 9.80  ? 84  PRO A C   1 
ATOM   570  O  O   . PRO A 1 84  ? -3.048  11.323  -3.348  1.00 9.71  ? 84  PRO A O   1 
ATOM   571  C  CB  . PRO A 1 84  ? -5.232  11.858  -0.970  1.00 9.41  ? 84  PRO A CB  1 
ATOM   572  C  CG  . PRO A 1 84  ? -4.103  11.331  -0.125  1.00 10.43 ? 84  PRO A CG  1 
ATOM   573  C  CD  . PRO A 1 84  ? -4.269  9.825   -0.293  1.00 9.09  ? 84  PRO A CD  1 
ATOM   574  N  N   . VAL A 1 85  ? -4.817  12.479  -4.110  1.00 10.01 ? 85  VAL A N   1 
ATOM   575  C  CA  . VAL A 1 85  ? -4.045  13.225  -5.091  1.00 11.70 ? 85  VAL A CA  1 
ATOM   576  C  C   . VAL A 1 85  ? -3.732  14.463  -4.261  1.00 11.80 ? 85  VAL A C   1 
ATOM   577  O  O   . VAL A 1 85  ? -4.616  14.984  -3.585  1.00 12.48 ? 85  VAL A O   1 
ATOM   578  C  CB  . VAL A 1 85  ? -4.903  13.660  -6.314  1.00 10.07 ? 85  VAL A CB  1 
ATOM   579  C  CG1 . VAL A 1 85  ? -4.152  14.714  -7.128  1.00 11.92 ? 85  VAL A CG1 1 
ATOM   580  C  CG2 . VAL A 1 85  ? -5.211  12.443  -7.207  1.00 13.35 ? 85  VAL A CG2 1 
ATOM   581  N  N   . TRP A 1 86  ? -2.495  14.938  -4.293  1.00 13.04 ? 86  TRP A N   1 
ATOM   582  C  CA  . TRP A 1 86  ? -2.141  16.113  -3.505  1.00 14.46 ? 86  TRP A CA  1 
ATOM   583  C  C   . TRP A 1 86  ? -2.687  17.388  -4.141  1.00 14.70 ? 86  TRP A C   1 
ATOM   584  O  O   . TRP A 1 86  ? -2.452  17.645  -5.322  1.00 13.41 ? 86  TRP A O   1 
ATOM   585  C  CB  . TRP A 1 86  ? -0.620  16.212  -3.363  1.00 13.40 ? 86  TRP A CB  1 
ATOM   586  C  CG  . TRP A 1 86  ? -0.167  17.400  -2.545  1.00 15.08 ? 86  TRP A CG  1 
ATOM   587  C  CD1 . TRP A 1 86  ? 0.477   18.533  -3.002  1.00 16.48 ? 86  TRP A CD1 1 
ATOM   588  C  CD2 . TRP A 1 86  ? -0.273  17.550  -1.127  1.00 15.00 ? 86  TRP A CD2 1 
ATOM   589  N  NE1 . TRP A 1 86  ? 0.776   19.366  -1.951  1.00 15.08 ? 86  TRP A NE1 1 
ATOM   590  C  CE2 . TRP A 1 86  ? 0.319   18.792  -0.787  1.00 16.56 ? 86  TRP A CE2 1 
ATOM   591  C  CE3 . TRP A 1 86  ? -0.825  16.762  -0.103  1.00 15.43 ? 86  TRP A CE3 1 
ATOM   592  C  CZ2 . TRP A 1 86  ? 0.389   19.256  0.534   1.00 15.95 ? 86  TRP A CZ2 1 
ATOM   593  C  CZ3 . TRP A 1 86  ? -0.752  17.225  1.215   1.00 12.70 ? 86  TRP A CZ3 1 
ATOM   594  C  CH2 . TRP A 1 86  ? -0.157  18.463  1.517   1.00 14.35 ? 86  TRP A CH2 1 
ATOM   595  N  N   . ARG A 1 87  ? -3.426  18.173  -3.362  1.00 15.91 ? 87  ARG A N   1 
ATOM   596  C  CA  . ARG A 1 87  ? -3.984  19.423  -3.865  1.00 19.24 ? 87  ARG A CA  1 
ATOM   597  C  C   . ARG A 1 87  ? -3.652  20.607  -2.956  1.00 19.63 ? 87  ARG A C   1 
ATOM   598  O  O   . ARG A 1 87  ? -4.363  21.612  -2.955  1.00 20.28 ? 87  ARG A O   1 
ATOM   599  C  CB  . ARG A 1 87  ? -5.505  19.324  -4.025  1.00 21.19 ? 87  ARG A CB  1 
ATOM   600  C  CG  . ARG A 1 87  ? -5.982  18.425  -5.165  1.00 25.33 ? 87  ARG A CG  1 
ATOM   601  C  CD  . ARG A 1 87  ? -7.476  18.642  -5.441  1.00 29.22 ? 87  ARG A CD  1 
ATOM   602  N  NE  . ARG A 1 87  ? -7.951  17.924  -6.623  1.00 28.75 ? 87  ARG A NE  1 
ATOM   603  C  CZ  . ARG A 1 87  ? -8.031  16.601  -6.713  1.00 32.28 ? 87  ARG A CZ  1 
ATOM   604  N  NH1 . ARG A 1 87  ? -8.471  16.033  -7.830  1.00 32.30 ? 87  ARG A NH1 1 
ATOM   605  N  NH2 . ARG A 1 87  ? -7.680  15.841  -5.684  1.00 32.19 ? 87  ARG A NH2 1 
ATOM   606  N  N   . GLY A 1 88  ? -2.587  20.490  -2.169  1.00 19.90 ? 88  GLY A N   1 
ATOM   607  C  CA  . GLY A 1 88  ? -2.209  21.592  -1.297  1.00 20.81 ? 88  GLY A CA  1 
ATOM   608  C  C   . GLY A 1 88  ? -2.234  21.313  0.194   1.00 21.57 ? 88  GLY A C   1 
ATOM   609  O  O   . GLY A 1 88  ? -1.588  22.024  0.966   1.00 22.34 ? 88  GLY A O   1 
ATOM   610  N  N   . GLY A 1 89  ? -2.991  20.301  0.607   1.00 20.84 ? 89  GLY A N   1 
ATOM   611  C  CA  . GLY A 1 89  ? -3.056  19.953  2.015   1.00 19.55 ? 89  GLY A CA  1 
ATOM   612  C  C   . GLY A 1 89  ? -4.321  20.391  2.730   1.00 22.22 ? 89  GLY A C   1 
ATOM   613  O  O   . GLY A 1 89  ? -4.584  19.964  3.857   1.00 20.64 ? 89  GLY A O   1 
ATOM   614  N  N   . GLU A 1 90  ? -5.118  21.235  2.087   1.00 22.47 ? 90  GLU A N   1 
ATOM   615  C  CA  . GLU A 1 90  ? -6.344  21.720  2.712   1.00 25.02 ? 90  GLU A CA  1 
ATOM   616  C  C   . GLU A 1 90  ? -7.572  20.945  2.262   1.00 24.27 ? 90  GLU A C   1 
ATOM   617  O  O   . GLU A 1 90  ? -8.695  21.421  2.407   1.00 25.99 ? 90  GLU A O   1 
ATOM   618  C  CB  . GLU A 1 90  ? -6.520  23.212  2.412   1.00 27.40 ? 90  GLU A CB  1 
ATOM   619  C  CG  . GLU A 1 90  ? -5.298  24.039  2.789   1.00 31.77 ? 90  GLU A CG  1 
ATOM   620  C  CD  . GLU A 1 90  ? -5.027  24.050  4.285   1.00 33.06 ? 90  GLU A CD  1 
ATOM   621  O  OE1 . GLU A 1 90  ? -3.859  24.262  4.678   1.00 35.67 ? 90  GLU A OE1 1 
ATOM   622  O  OE2 . GLU A 1 90  ? -5.982  23.859  5.068   1.00 34.13 ? 90  GLU A OE2 1 
ATOM   623  N  N   . GLN A 1 91  ? -7.365  19.748  1.723   1.00 23.63 ? 91  GLN A N   1 
ATOM   624  C  CA  . GLN A 1 91  ? -8.490  18.942  1.267   1.00 21.08 ? 91  GLN A CA  1 
ATOM   625  C  C   . GLN A 1 91  ? -8.456  17.538  1.868   1.00 19.87 ? 91  GLN A C   1 
ATOM   626  O  O   . GLN A 1 91  ? -8.694  16.536  1.187   1.00 17.17 ? 91  GLN A O   1 
ATOM   627  C  CB  . GLN A 1 91  ? -8.502  18.903  -0.260  1.00 23.92 ? 91  GLN A CB  1 
ATOM   628  C  CG  . GLN A 1 91  ? -8.183  20.285  -0.830  1.00 29.43 ? 91  GLN A CG  1 
ATOM   629  C  CD  . GLN A 1 91  ? -8.611  20.481  -2.266  1.00 33.13 ? 91  GLN A CD  1 
ATOM   630  O  OE1 . GLN A 1 91  ? -8.307  21.512  -2.876  1.00 33.55 ? 91  GLN A OE1 1 
ATOM   631  N  NE2 . GLN A 1 91  ? -9.326  19.503  -2.817  1.00 31.44 ? 91  GLN A NE2 1 
ATOM   632  N  N   . ASN A 1 92  ? -8.145  17.497  3.161   1.00 17.70 ? 92  ASN A N   1 
ATOM   633  C  CA  . ASN A 1 92  ? -8.096  16.270  3.944   1.00 16.47 ? 92  ASN A CA  1 
ATOM   634  C  C   . ASN A 1 92  ? -7.117  15.210  3.431   1.00 14.82 ? 92  ASN A C   1 
ATOM   635  O  O   . ASN A 1 92  ? -7.197  14.055  3.849   1.00 12.90 ? 92  ASN A O   1 
ATOM   636  C  CB  . ASN A 1 92  ? -9.499  15.660  4.016   1.00 18.13 ? 92  ASN A CB  1 
ATOM   637  C  CG  . ASN A 1 92  ? -9.705  14.801  5.252   1.00 21.04 ? 92  ASN A CG  1 
ATOM   638  O  OD1 . ASN A 1 92  ? -10.466 13.829  5.226   1.00 22.86 ? 92  ASN A OD1 1 
ATOM   639  N  ND2 . ASN A 1 92  ? -9.045  15.166  6.348   1.00 19.90 ? 92  ASN A ND2 1 
ATOM   640  N  N   . GLU A 1 93  ? -6.197  15.588  2.546   1.00 12.43 ? 93  GLU A N   1 
ATOM   641  C  CA  . GLU A 1 93  ? -5.242  14.621  2.003   1.00 12.73 ? 93  GLU A CA  1 
ATOM   642  C  C   . GLU A 1 93  ? -4.478  13.851  3.083   1.00 12.96 ? 93  GLU A C   1 
ATOM   643  O  O   . GLU A 1 93  ? -4.214  12.660  2.924   1.00 12.77 ? 93  GLU A O   1 
ATOM   644  C  CB  . GLU A 1 93  ? -4.224  15.296  1.067   1.00 10.95 ? 93  GLU A CB  1 
ATOM   645  C  CG  . GLU A 1 93  ? -4.806  15.971  -0.169  1.00 10.66 ? 93  GLU A CG  1 
ATOM   646  C  CD  . GLU A 1 93  ? -4.934  17.477  -0.007  1.00 16.33 ? 93  GLU A CD  1 
ATOM   647  O  OE1 . GLU A 1 93  ? -4.404  18.214  -0.875  1.00 13.64 ? 93  GLU A OE1 1 
ATOM   648  O  OE2 . GLU A 1 93  ? -5.562  17.919  0.984   1.00 14.36 ? 93  GLU A OE2 1 
ATOM   649  N  N   . ASP A 1 94  ? -4.120  14.521  4.176   1.00 13.99 ? 94  ASP A N   1 
ATOM   650  C  CA  . ASP A 1 94  ? -3.367  13.859  5.236   1.00 14.55 ? 94  ASP A CA  1 
ATOM   651  C  C   . ASP A 1 94  ? -4.157  12.707  5.839   1.00 14.77 ? 94  ASP A C   1 
ATOM   652  O  O   . ASP A 1 94  ? -3.627  11.607  6.009   1.00 12.70 ? 94  ASP A O   1 
ATOM   653  C  CB  . ASP A 1 94  ? -2.948  14.870  6.322   1.00 18.99 ? 94  ASP A CB  1 
ATOM   654  C  CG  . ASP A 1 94  ? -4.132  15.493  7.048   1.00 21.56 ? 94  ASP A CG  1 
ATOM   655  O  OD1 . ASP A 1 94  ? -5.166  15.779  6.407   1.00 25.57 ? 94  ASP A OD1 1 
ATOM   656  O  OD2 . ASP A 1 94  ? -4.019  15.716  8.268   1.00 28.06 ? 94  ASP A OD2 1 
ATOM   657  N  N   . GLN A 1 95  ? -5.428  12.950  6.137   1.00 13.88 ? 95  GLN A N   1 
ATOM   658  C  CA  . GLN A 1 95  ? -6.286  11.919  6.708   1.00 14.69 ? 95  GLN A CA  1 
ATOM   659  C  C   . GLN A 1 95  ? -6.601  10.822  5.692   1.00 14.75 ? 95  GLN A C   1 
ATOM   660  O  O   . GLN A 1 95  ? -6.714  9.650   6.054   1.00 13.60 ? 95  GLN A O   1 
ATOM   661  C  CB  . GLN A 1 95  ? -7.588  12.529  7.221   1.00 17.59 ? 95  GLN A CB  1 
ATOM   662  C  CG  . GLN A 1 95  ? -7.524  12.950  8.674   1.00 27.48 ? 95  GLN A CG  1 
ATOM   663  C  CD  . GLN A 1 95  ? -8.856  13.452  9.187   1.00 30.26 ? 95  GLN A CD  1 
ATOM   664  O  OE1 . GLN A 1 95  ? -9.914  12.904  8.851   1.00 34.25 ? 95  GLN A OE1 1 
ATOM   665  N  NE2 . GLN A 1 95  ? -8.816  14.483  10.020  1.00 31.29 ? 95  GLN A NE2 1 
ATOM   666  N  N   . LEU A 1 96  ? -6.738  11.200  4.424   1.00 12.60 ? 96  LEU A N   1 
ATOM   667  C  CA  . LEU A 1 96  ? -7.027  10.226  3.378   1.00 12.41 ? 96  LEU A CA  1 
ATOM   668  C  C   . LEU A 1 96  ? -5.845  9.279   3.193   1.00 12.06 ? 96  LEU A C   1 
ATOM   669  O  O   . LEU A 1 96  ? -6.038  8.080   3.004   1.00 14.68 ? 96  LEU A O   1 
ATOM   670  C  CB  . LEU A 1 96  ? -7.362  10.940  2.062   1.00 11.23 ? 96  LEU A CB  1 
ATOM   671  C  CG  . LEU A 1 96  ? -8.658  11.760  2.109   1.00 11.56 ? 96  LEU A CG  1 
ATOM   672  C  CD1 . LEU A 1 96  ? -8.808  12.611  0.864   1.00 13.70 ? 96  LEU A CD1 1 
ATOM   673  C  CD2 . LEU A 1 96  ? -9.844  10.815  2.264   1.00 14.06 ? 96  LEU A CD2 1 
ATOM   674  N  N   . LEU A 1 97  ? -4.623  9.806   3.245   1.00 11.27 ? 97  LEU A N   1 
ATOM   675  C  CA  . LEU A 1 97  ? -3.448  8.956   3.101   1.00 11.71 ? 97  LEU A CA  1 
ATOM   676  C  C   . LEU A 1 97  ? -3.440  7.999   4.290   1.00 12.05 ? 97  LEU A C   1 
ATOM   677  O  O   . LEU A 1 97  ? -3.218  6.800   4.134   1.00 9.58  ? 97  LEU A O   1 
ATOM   678  C  CB  . LEU A 1 97  ? -2.149  9.784   3.085   1.00 10.92 ? 97  LEU A CB  1 
ATOM   679  C  CG  . LEU A 1 97  ? -0.854  8.972   2.857   1.00 11.14 ? 97  LEU A CG  1 
ATOM   680  C  CD1 . LEU A 1 97  ? -0.958  8.201   1.542   1.00 11.27 ? 97  LEU A CD1 1 
ATOM   681  C  CD2 . LEU A 1 97  ? 0.365   9.889   2.829   1.00 10.17 ? 97  LEU A CD2 1 
ATOM   682  N  N   . GLN A 1 98  ? -3.688  8.532   5.482   1.00 13.69 ? 98  GLN A N   1 
ATOM   683  C  CA  . GLN A 1 98  ? -3.730  7.702   6.682   1.00 14.82 ? 98  GLN A CA  1 
ATOM   684  C  C   . GLN A 1 98  ? -4.744  6.571   6.517   1.00 14.14 ? 98  GLN A C   1 
ATOM   685  O  O   . GLN A 1 98  ? -4.469  5.426   6.883   1.00 13.38 ? 98  GLN A O   1 
ATOM   686  C  CB  . GLN A 1 98  ? -4.109  8.544   7.898   1.00 17.17 ? 98  GLN A CB  1 
ATOM   687  C  CG  . GLN A 1 98  ? -3.009  9.480   8.359   1.00 22.36 ? 98  GLN A CG  1 
ATOM   688  C  CD  . GLN A 1 98  ? -3.470  10.390  9.477   1.00 26.90 ? 98  GLN A CD  1 
ATOM   689  O  OE1 . GLN A 1 98  ? -4.194  9.960   10.380  1.00 30.35 ? 98  GLN A OE1 1 
ATOM   690  N  NE2 . GLN A 1 98  ? -3.039  11.650  9.440   1.00 29.13 ? 98  GLN A NE2 1 
ATOM   691  N  N   . ASP A 1 99  ? -5.916  6.895   5.972   1.00 13.62 ? 99  ASP A N   1 
ATOM   692  C  CA  . ASP A 1 99  ? -6.967  5.897   5.763   1.00 14.77 ? 99  ASP A CA  1 
ATOM   693  C  C   . ASP A 1 99  ? -6.513  4.772   4.842   1.00 14.20 ? 99  ASP A C   1 
ATOM   694  O  O   . ASP A 1 99  ? -6.835  3.606   5.067   1.00 14.55 ? 99  ASP A O   1 
ATOM   695  C  CB  . ASP A 1 99  ? -8.219  6.530   5.149   1.00 17.49 ? 99  ASP A CB  1 
ATOM   696  C  CG  . ASP A 1 99  ? -8.932  7.468   6.101   1.00 20.93 ? 99  ASP A CG  1 
ATOM   697  O  OD1 . ASP A 1 99  ? -8.629  7.435   7.309   1.00 23.91 ? 99  ASP A OD1 1 
ATOM   698  O  OD2 . ASP A 1 99  ? -9.801  8.229   5.632   1.00 21.41 ? 99  ASP A OD2 1 
ATOM   699  N  N   . ALA A 1 100 ? -5.779  5.123   3.794   1.00 11.22 ? 100 ALA A N   1 
ATOM   700  C  CA  . ALA A 1 100 ? -5.307  4.115   2.861   1.00 11.49 ? 100 ALA A CA  1 
ATOM   701  C  C   . ALA A 1 100 ? -4.420  3.126   3.609   1.00 12.44 ? 100 ALA A C   1 
ATOM   702  O  O   . ALA A 1 100 ? -4.551  1.914   3.436   1.00 12.18 ? 100 ALA A O   1 
ATOM   703  C  CB  . ALA A 1 100 ? -4.539  4.767   1.715   1.00 11.36 ? 100 ALA A CB  1 
ATOM   704  N  N   . TYR A 1 101 ? -3.514  3.636   4.441   1.00 11.84 ? 101 TYR A N   1 
ATOM   705  C  CA  . TYR A 1 101 ? -2.637  2.746   5.198   1.00 12.99 ? 101 TYR A CA  1 
ATOM   706  C  C   . TYR A 1 101 ? -3.433  1.942   6.221   1.00 11.19 ? 101 TYR A C   1 
ATOM   707  O  O   . TYR A 1 101 ? -3.352  0.711   6.261   1.00 11.64 ? 101 TYR A O   1 
ATOM   708  C  CB  . TYR A 1 101 ? -1.528  3.542   5.892   1.00 12.62 ? 101 TYR A CB  1 
ATOM   709  C  CG  . TYR A 1 101 ? -0.397  3.885   4.964   1.00 13.41 ? 101 TYR A CG  1 
ATOM   710  C  CD1 . TYR A 1 101 ? 0.514   2.903   4.550   1.00 12.54 ? 101 TYR A CD1 1 
ATOM   711  C  CD2 . TYR A 1 101 ? -0.264  5.170   4.445   1.00 12.99 ? 101 TYR A CD2 1 
ATOM   712  C  CE1 . TYR A 1 101 ? 1.519   3.198   3.637   1.00 12.53 ? 101 TYR A CE1 1 
ATOM   713  C  CE2 . TYR A 1 101 ? 0.738   5.475   3.531   1.00 12.87 ? 101 TYR A CE2 1 
ATOM   714  C  CZ  . TYR A 1 101 ? 1.622   4.493   3.128   1.00 12.95 ? 101 TYR A CZ  1 
ATOM   715  O  OH  . TYR A 1 101 ? 2.602   4.791   2.201   1.00 12.12 ? 101 TYR A OH  1 
ATOM   716  N  N   . LEU A 1 102 ? -4.219  2.636   7.034   1.00 10.68 ? 102 LEU A N   1 
ATOM   717  C  CA  . LEU A 1 102 ? -5.024  1.968   8.049   1.00 10.87 ? 102 LEU A CA  1 
ATOM   718  C  C   . LEU A 1 102 ? -6.024  0.948   7.505   1.00 10.51 ? 102 LEU A C   1 
ATOM   719  O  O   . LEU A 1 102 ? -6.138  -0.156  8.037   1.00 10.55 ? 102 LEU A O   1 
ATOM   720  C  CB  . LEU A 1 102 ? -5.777  3.000   8.888   1.00 14.99 ? 102 LEU A CB  1 
ATOM   721  C  CG  . LEU A 1 102 ? -4.941  3.856   9.846   1.00 18.97 ? 102 LEU A CG  1 
ATOM   722  C  CD1 . LEU A 1 102 ? -5.832  4.918   10.479  1.00 22.45 ? 102 LEU A CD1 1 
ATOM   723  C  CD2 . LEU A 1 102 ? -4.319  2.964   10.925  1.00 20.48 ? 102 LEU A CD2 1 
ATOM   724  N  N   . ASN A 1 103 ? -6.763  1.311   6.462   1.00 10.04 ? 103 ASN A N   1 
ATOM   725  C  CA  . ASN A 1 103 ? -7.752  0.395   5.908   1.00 11.59 ? 103 ASN A CA  1 
ATOM   726  C  C   . ASN A 1 103 ? -7.093  -0.843  5.325   1.00 12.55 ? 103 ASN A C   1 
ATOM   727  O  O   . ASN A 1 103 ? -7.646  -1.945  5.373   1.00 10.90 ? 103 ASN A O   1 
ATOM   728  C  CB  . ASN A 1 103 ? -8.600  1.118   4.868   1.00 11.62 ? 103 ASN A CB  1 
ATOM   729  C  CG  . ASN A 1 103 ? -9.663  1.985   5.515   1.00 15.95 ? 103 ASN A CG  1 
ATOM   730  O  OD1 . ASN A 1 103 ? -10.010 3.060   5.019   1.00 16.22 ? 103 ASN A OD1 1 
ATOM   731  N  ND2 . ASN A 1 103 ? -10.185 1.513   6.645   1.00 14.14 ? 103 ASN A ND2 1 
ATOM   732  N  N   . SER A 1 104 ? -5.897  -0.644  4.789   1.00 12.11 ? 104 SER A N   1 
ATOM   733  C  CA  . SER A 1 104 ? -5.120  -1.716  4.220   1.00 13.40 ? 104 SER A CA  1 
ATOM   734  C  C   . SER A 1 104 ? -4.665  -2.642  5.348   1.00 14.30 ? 104 SER A C   1 
ATOM   735  O  O   . SER A 1 104 ? -4.790  -3.865  5.246   1.00 11.29 ? 104 SER A O   1 
ATOM   736  C  CB  . SER A 1 104 ? -3.939  -1.113  3.460   1.00 17.36 ? 104 SER A CB  1 
ATOM   737  O  OG  . SER A 1 104 ? -2.913  -2.078  3.265   1.00 28.75 ? 104 SER A OG  1 
ATOM   738  N  N   . LEU A 1 105 ? -4.168  -2.064  6.440   1.00 13.58 ? 105 LEU A N   1 
ATOM   739  C  CA  . LEU A 1 105 ? -3.723  -2.870  7.568   1.00 13.64 ? 105 LEU A CA  1 
ATOM   740  C  C   . LEU A 1 105 ? -4.901  -3.663  8.119   1.00 14.40 ? 105 LEU A C   1 
ATOM   741  O  O   . LEU A 1 105 ? -4.777  -4.857  8.387   1.00 17.09 ? 105 LEU A O   1 
ATOM   742  C  CB  . LEU A 1 105 ? -3.121  -1.983  8.665   1.00 12.22 ? 105 LEU A CB  1 
ATOM   743  C  CG  . LEU A 1 105 ? -1.779  -1.351  8.276   1.00 12.74 ? 105 LEU A CG  1 
ATOM   744  C  CD1 . LEU A 1 105 ? -1.420  -0.228  9.232   1.00 10.86 ? 105 LEU A CD1 1 
ATOM   745  C  CD2 . LEU A 1 105 ? -0.702  -2.434  8.259   1.00 10.56 ? 105 LEU A CD2 1 
ATOM   746  N  N   . ARG A 1 106 ? -6.047  -3.006  8.277   1.00 13.41 ? 106 ARG A N   1 
ATOM   747  C  CA  . ARG A 1 106 ? -7.238  -3.687  8.791   1.00 14.54 ? 106 ARG A CA  1 
ATOM   748  C  C   . ARG A 1 106 ? -7.611  -4.922  7.973   1.00 14.59 ? 106 ARG A C   1 
ATOM   749  O  O   . ARG A 1 106 ? -7.989  -5.948  8.540   1.00 12.44 ? 106 ARG A O   1 
ATOM   750  C  CB  . ARG A 1 106 ? -8.429  -2.726  8.844   1.00 13.76 ? 106 ARG A CB  1 
ATOM   751  C  CG  . ARG A 1 106 ? -8.387  -1.752  10.011  1.00 16.25 ? 106 ARG A CG  1 
ATOM   752  C  CD  . ARG A 1 106 ? -9.159  -0.469  9.701   1.00 20.15 ? 106 ARG A CD  1 
ATOM   753  N  NE  . ARG A 1 106 ? -9.063  0.489   10.797  1.00 23.73 ? 106 ARG A NE  1 
ATOM   754  C  CZ  . ARG A 1 106 ? -9.340  1.785   10.696  1.00 26.99 ? 106 ARG A CZ  1 
ATOM   755  N  NH1 . ARG A 1 106 ? -9.737  2.305   9.536   1.00 25.53 ? 106 ARG A NH1 1 
ATOM   756  N  NH2 . ARG A 1 106 ? -9.219  2.567   11.763  1.00 27.79 ? 106 ARG A NH2 1 
ATOM   757  N  N   . LEU A 1 107 ? -7.513  -4.831  6.648   1.00 12.84 ? 107 LEU A N   1 
ATOM   758  C  CA  . LEU A 1 107 ? -7.842  -5.978  5.803   1.00 14.71 ? 107 LEU A CA  1 
ATOM   759  C  C   . LEU A 1 107 ? -6.824  -7.097  6.011   1.00 14.37 ? 107 LEU A C   1 
ATOM   760  O  O   . LEU A 1 107 ? -7.171  -8.284  6.002   1.00 15.44 ? 107 LEU A O   1 
ATOM   761  C  CB  . LEU A 1 107 ? -7.894  -5.578  4.319   1.00 12.83 ? 107 LEU A CB  1 
ATOM   762  C  CG  . LEU A 1 107 ? -9.111  -4.746  3.894   1.00 14.69 ? 107 LEU A CG  1 
ATOM   763  C  CD1 . LEU A 1 107 ? -9.035  -4.431  2.400   1.00 13.96 ? 107 LEU A CD1 1 
ATOM   764  C  CD2 . LEU A 1 107 ? -10.396 -5.515  4.204   1.00 14.23 ? 107 LEU A CD2 1 
ATOM   765  N  N   . VAL A 1 108 ? -5.568  -6.706  6.205   1.00 13.76 ? 108 VAL A N   1 
ATOM   766  C  CA  . VAL A 1 108 ? -4.488  -7.661  6.438   1.00 14.24 ? 108 VAL A CA  1 
ATOM   767  C  C   . VAL A 1 108 ? -4.782  -8.414  7.741   1.00 14.37 ? 108 VAL A C   1 
ATOM   768  O  O   . VAL A 1 108 ? -4.745  -9.645  7.781   1.00 15.18 ? 108 VAL A O   1 
ATOM   769  C  CB  . VAL A 1 108 ? -3.117  -6.927  6.524   1.00 13.91 ? 108 VAL A CB  1 
ATOM   770  C  CG1 . VAL A 1 108 ? -2.018  -7.885  6.965   1.00 12.00 ? 108 VAL A CG1 1 
ATOM   771  C  CG2 . VAL A 1 108 ? -2.779  -6.322  5.168   1.00 12.27 ? 108 VAL A CG2 1 
ATOM   772  N  N   . ALA A 1 109 ? -5.106  -7.676  8.797   1.00 14.10 ? 109 ALA A N   1 
ATOM   773  C  CA  . ALA A 1 109 ? -5.415  -8.297  10.086  1.00 16.12 ? 109 ALA A CA  1 
ATOM   774  C  C   . ALA A 1 109 ? -6.693  -9.128  9.996   1.00 17.38 ? 109 ALA A C   1 
ATOM   775  O  O   . ALA A 1 109 ? -6.739  -10.267 10.465  1.00 18.92 ? 109 ALA A O   1 
ATOM   776  C  CB  . ALA A 1 109 ? -5.570  -7.222  11.163  1.00 14.08 ? 109 ALA A CB  1 
ATOM   777  N  N   . ALA A 1 110 ? -7.727  -8.549  9.390   1.00 18.36 ? 110 ALA A N   1 
ATOM   778  C  CA  . ALA A 1 110 ? -9.016  -9.214  9.242   1.00 18.16 ? 110 ALA A CA  1 
ATOM   779  C  C   . ALA A 1 110 ? -8.927  -10.522 8.472   1.00 18.55 ? 110 ALA A C   1 
ATOM   780  O  O   . ALA A 1 110 ? -9.771  -11.399 8.632   1.00 20.18 ? 110 ALA A O   1 
ATOM   781  C  CB  . ALA A 1 110 ? -10.006 -8.280  8.558   1.00 18.19 ? 110 ALA A CB  1 
ATOM   782  N  N   . ASN A 1 111 ? -7.920  -10.655 7.619   1.00 19.30 ? 111 ASN A N   1 
ATOM   783  C  CA  . ASN A 1 111 ? -7.782  -11.883 6.855   1.00 19.88 ? 111 ASN A CA  1 
ATOM   784  C  C   . ASN A 1 111 ? -6.666  -12.763 7.405   1.00 20.57 ? 111 ASN A C   1 
ATOM   785  O  O   . ASN A 1 111 ? -6.156  -13.660 6.730   1.00 20.84 ? 111 ASN A O   1 
ATOM   786  C  CB  . ASN A 1 111 ? -7.587  -11.544 5.379   1.00 19.56 ? 111 ASN A CB  1 
ATOM   787  C  CG  . ASN A 1 111 ? -8.885  -11.085 4.726   1.00 21.38 ? 111 ASN A CG  1 
ATOM   788  O  OD1 . ASN A 1 111 ? -9.742  -11.905 4.385   1.00 20.02 ? 111 ASN A OD1 1 
ATOM   789  N  ND2 . ASN A 1 111 ? -9.052  -9.773  4.585   1.00 17.31 ? 111 ASN A ND2 1 
ATOM   790  N  N   . SER A 1 112 ? -6.307  -12.484 8.653   1.00 20.95 ? 112 SER A N   1 
ATOM   791  C  CA  . SER A 1 112 ? -5.296  -13.237 9.377   1.00 21.49 ? 112 SER A CA  1 
ATOM   792  C  C   . SER A 1 112 ? -3.924  -13.328 8.719   1.00 20.64 ? 112 SER A C   1 
ATOM   793  O  O   . SER A 1 112 ? -3.239  -14.343 8.854   1.00 18.79 ? 112 SER A O   1 
ATOM   794  C  CB  . SER A 1 112 ? -5.820  -14.651 9.655   1.00 21.46 ? 112 SER A CB  1 
ATOM   795  O  OG  . SER A 1 112 ? -7.018  -14.617 10.422  1.00 24.65 ? 112 SER A OG  1 
ATOM   796  N  N   . TYR A 1 113 ? -3.500  -12.285 8.015   1.00 18.87 ? 113 TYR A N   1 
ATOM   797  C  CA  . TYR A 1 113 ? -2.180  -12.346 7.403   1.00 16.77 ? 113 TYR A CA  1 
ATOM   798  C  C   . TYR A 1 113 ? -1.103  -11.875 8.371   1.00 16.53 ? 113 TYR A C   1 
ATOM   799  O  O   . TYR A 1 113 ? -1.367  -11.076 9.268   1.00 17.70 ? 113 TYR A O   1 
ATOM   800  C  CB  . TYR A 1 113 ? -2.153  -11.551 6.103   1.00 18.44 ? 113 TYR A CB  1 
ATOM   801  C  CG  . TYR A 1 113 ? -2.930  -12.247 5.009   1.00 18.60 ? 113 TYR A CG  1 
ATOM   802  C  CD1 . TYR A 1 113 ? -2.613  -13.552 4.629   1.00 20.11 ? 113 TYR A CD1 1 
ATOM   803  C  CD2 . TYR A 1 113 ? -3.991  -11.614 4.368   1.00 19.38 ? 113 TYR A CD2 1 
ATOM   804  C  CE1 . TYR A 1 113 ? -3.332  -14.210 3.635   1.00 21.89 ? 113 TYR A CE1 1 
ATOM   805  C  CE2 . TYR A 1 113 ? -4.721  -12.260 3.372   1.00 21.23 ? 113 TYR A CE2 1 
ATOM   806  C  CZ  . TYR A 1 113 ? -4.383  -13.556 3.012   1.00 22.21 ? 113 TYR A CZ  1 
ATOM   807  O  OH  . TYR A 1 113 ? -5.096  -14.192 2.030   1.00 23.97 ? 113 TYR A OH  1 
ATOM   808  N  N   . THR A 1 114 ? 0.115   -12.373 8.175   1.00 17.27 ? 114 THR A N   1 
ATOM   809  C  CA  . THR A 1 114 ? 1.236   -12.067 9.059   1.00 17.92 ? 114 THR A CA  1 
ATOM   810  C  C   . THR A 1 114 ? 2.232   -11.017 8.588   1.00 17.31 ? 114 THR A C   1 
ATOM   811  O  O   . THR A 1 114 ? 2.909   -10.392 9.411   1.00 19.14 ? 114 THR A O   1 
ATOM   812  C  CB  . THR A 1 114 ? 2.030   -13.347 9.372   1.00 17.49 ? 114 THR A CB  1 
ATOM   813  O  OG1 . THR A 1 114 ? 2.578   -13.876 8.158   1.00 22.34 ? 114 THR A OG1 1 
ATOM   814  C  CG2 . THR A 1 114 ? 1.129   -14.382 10.001  1.00 19.14 ? 114 THR A CG2 1 
ATOM   815  N  N   . SER A 1 115 ? 2.342   -10.840 7.276   1.00 16.71 ? 115 SER A N   1 
ATOM   816  C  CA  . SER A 1 115 ? 3.278   -9.868  6.715   1.00 15.42 ? 115 SER A CA  1 
ATOM   817  C  C   . SER A 1 115 ? 2.655   -9.100  5.548   1.00 16.22 ? 115 SER A C   1 
ATOM   818  O  O   . SER A 1 115 ? 1.846   -9.638  4.791   1.00 16.26 ? 115 SER A O   1 
ATOM   819  C  CB  . SER A 1 115 ? 4.559   -10.574 6.247   1.00 17.37 ? 115 SER A CB  1 
ATOM   820  O  OG  . SER A 1 115 ? 4.301   -11.515 5.212   1.00 13.75 ? 115 SER A OG  1 
ATOM   821  N  N   . VAL A 1 116 ? 3.028   -7.832  5.422   1.00 15.20 ? 116 VAL A N   1 
ATOM   822  C  CA  . VAL A 1 116 ? 2.514   -6.992  4.353   1.00 14.58 ? 116 VAL A CA  1 
ATOM   823  C  C   . VAL A 1 116 ? 3.620   -6.055  3.886   1.00 14.94 ? 116 VAL A C   1 
ATOM   824  O  O   . VAL A 1 116 ? 4.465   -5.628  4.683   1.00 14.88 ? 116 VAL A O   1 
ATOM   825  C  CB  . VAL A 1 116 ? 1.269   -6.178  4.834   1.00 15.61 ? 116 VAL A CB  1 
ATOM   826  C  CG1 . VAL A 1 116 ? 1.638   -5.309  6.025   1.00 15.27 ? 116 VAL A CG1 1 
ATOM   827  C  CG2 . VAL A 1 116 ? 0.699   -5.339  3.696   1.00 14.53 ? 116 VAL A CG2 1 
ATOM   828  N  N   . ALA A 1 117 ? 3.630   -5.771  2.583   1.00 14.13 ? 117 ALA A N   1 
ATOM   829  C  CA  . ALA A 1 117 ? 4.612   -4.875  1.971   1.00 13.33 ? 117 ALA A CA  1 
ATOM   830  C  C   . ALA A 1 117 ? 3.853   -3.685  1.390   1.00 12.12 ? 117 ALA A C   1 
ATOM   831  O  O   . ALA A 1 117 ? 2.890   -3.859  0.637   1.00 10.68 ? 117 ALA A O   1 
ATOM   832  C  CB  . ALA A 1 117 ? 5.372   -5.608  0.850   1.00 10.43 ? 117 ALA A CB  1 
ATOM   833  N  N   . PHE A 1 118 ? 4.283   -2.480  1.746   1.00 10.67 ? 118 PHE A N   1 
ATOM   834  C  CA  . PHE A 1 118 ? 3.646   -1.253  1.266   1.00 10.98 ? 118 PHE A CA  1 
ATOM   835  C  C   . PHE A 1 118 ? 4.518   -0.441  0.312   1.00 10.21 ? 118 PHE A C   1 
ATOM   836  O  O   . PHE A 1 118 ? 5.731   -0.373  0.483   1.00 10.39 ? 118 PHE A O   1 
ATOM   837  C  CB  . PHE A 1 118 ? 3.339   -0.290  2.425   1.00 11.93 ? 118 PHE A CB  1 
ATOM   838  C  CG  . PHE A 1 118 ? 2.084   -0.591  3.187   1.00 13.90 ? 118 PHE A CG  1 
ATOM   839  C  CD1 . PHE A 1 118 ? 2.134   -1.287  4.392   1.00 14.36 ? 118 PHE A CD1 1 
ATOM   840  C  CD2 . PHE A 1 118 ? 0.857   -0.111  2.741   1.00 10.87 ? 118 PHE A CD2 1 
ATOM   841  C  CE1 . PHE A 1 118 ? 0.980   -1.491  5.150   1.00 13.10 ? 118 PHE A CE1 1 
ATOM   842  C  CE2 . PHE A 1 118 ? -0.298  -0.310  3.489   1.00 13.84 ? 118 PHE A CE2 1 
ATOM   843  C  CZ  . PHE A 1 118 ? -0.235  -1.000  4.697   1.00 13.82 ? 118 PHE A CZ  1 
ATOM   844  N  N   . PRO A 1 119 ? 3.910   0.167   -0.721  1.00 10.11 ? 119 PRO A N   1 
ATOM   845  C  CA  . PRO A 1 119 ? 4.640   1.006   -1.676  1.00 9.73  ? 119 PRO A CA  1 
ATOM   846  C  C   . PRO A 1 119 ? 4.493   2.426   -1.068  1.00 9.33  ? 119 PRO A C   1 
ATOM   847  O  O   . PRO A 1 119 ? 3.740   2.607   -0.104  1.00 10.31 ? 119 PRO A O   1 
ATOM   848  C  CB  . PRO A 1 119 ? 3.836   0.843   -2.962  1.00 11.26 ? 119 PRO A CB  1 
ATOM   849  C  CG  . PRO A 1 119 ? 2.436   0.734   -2.436  1.00 10.31 ? 119 PRO A CG  1 
ATOM   850  C  CD  . PRO A 1 119 ? 2.606   -0.234  -1.281  1.00 9.60  ? 119 PRO A CD  1 
ATOM   851  N  N   . ALA A 1 120 ? 5.193   3.420   -1.607  1.00 9.26  ? 120 ALA A N   1 
ATOM   852  C  CA  . ALA A 1 120 ? 5.086   4.785   -1.077  1.00 10.45 ? 120 ALA A CA  1 
ATOM   853  C  C   . ALA A 1 120 ? 3.837   5.459   -1.634  1.00 10.25 ? 120 ALA A C   1 
ATOM   854  O  O   . ALA A 1 120 ? 3.923   6.336   -2.496  1.00 10.15 ? 120 ALA A O   1 
ATOM   855  C  CB  . ALA A 1 120 ? 6.322   5.601   -1.447  1.00 8.98  ? 120 ALA A CB  1 
ATOM   856  N  N   . ILE A 1 121 ? 2.680   5.054   -1.119  1.00 10.92 ? 121 ILE A N   1 
ATOM   857  C  CA  . ILE A 1 121 ? 1.394   5.573   -1.570  1.00 10.80 ? 121 ILE A CA  1 
ATOM   858  C  C   . ILE A 1 121 ? 1.303   7.077   -1.805  1.00 12.90 ? 121 ILE A C   1 
ATOM   859  O  O   . ILE A 1 121 ? 1.716   7.874   -0.960  1.00 14.40 ? 121 ILE A O   1 
ATOM   860  C  CB  . ILE A 1 121 ? 0.274   5.177   -0.591  1.00 7.55  ? 121 ILE A CB  1 
ATOM   861  C  CG1 . ILE A 1 121 ? 0.193   3.653   -0.491  1.00 6.27  ? 121 ILE A CG1 1 
ATOM   862  C  CG2 . ILE A 1 121 ? -1.052  5.756   -1.064  1.00 6.98  ? 121 ILE A CG2 1 
ATOM   863  C  CD1 . ILE A 1 121 ? -0.793  3.146   0.549   1.00 9.23  ? 121 ILE A CD1 1 
ATOM   864  N  N   . SER A 1 122 ? 0.747   7.443   -2.963  1.00 11.76 ? 122 SER A N   1 
ATOM   865  C  CA  . SER A 1 122 ? 0.542   8.835   -3.362  1.00 9.69  ? 122 SER A CA  1 
ATOM   866  C  C   . SER A 1 122 ? 1.796   9.646   -3.706  1.00 11.35 ? 122 SER A C   1 
ATOM   867  O  O   . SER A 1 122 ? 1.687   10.799  -4.133  1.00 10.56 ? 122 SER A O   1 
ATOM   868  C  CB  . SER A 1 122 ? -0.269  9.581   -2.285  1.00 9.59  ? 122 SER A CB  1 
ATOM   869  O  OG  . SER A 1 122 ? -1.631  9.194   -2.302  1.00 7.60  ? 122 SER A OG  1 
ATOM   870  N  N   . THR A 1 123 ? 2.981   9.071   -3.519  1.00 11.23 ? 123 THR A N   1 
ATOM   871  C  CA  . THR A 1 123 ? 4.209   9.803   -3.844  1.00 13.30 ? 123 THR A CA  1 
ATOM   872  C  C   . THR A 1 123 ? 4.587   9.636   -5.317  1.00 16.14 ? 123 THR A C   1 
ATOM   873  O  O   . THR A 1 123 ? 5.577   10.196  -5.785  1.00 17.83 ? 123 THR A O   1 
ATOM   874  C  CB  . THR A 1 123 ? 5.421   9.364   -2.981  1.00 12.70 ? 123 THR A CB  1 
ATOM   875  O  OG1 . THR A 1 123 ? 5.794   8.027   -3.317  1.00 14.33 ? 123 THR A OG1 1 
ATOM   876  C  CG2 . THR A 1 123 ? 5.092   9.444   -1.499  1.00 12.30 ? 123 THR A CG2 1 
ATOM   877  N  N   . GLY A 1 124 ? 3.799   8.860   -6.048  1.00 17.52 ? 124 GLY A N   1 
ATOM   878  C  CA  . GLY A 1 124 ? 4.076   8.673   -7.457  1.00 21.32 ? 124 GLY A CA  1 
ATOM   879  C  C   . GLY A 1 124 ? 3.540   9.841   -8.266  1.00 21.36 ? 124 GLY A C   1 
ATOM   880  O  O   . GLY A 1 124 ? 3.958   10.985  -8.077  1.00 22.18 ? 124 GLY A O   1 
ATOM   881  N  N   . VAL A 1 125 ? 2.598   9.556   -9.155  1.00 20.44 ? 125 VAL A N   1 
ATOM   882  C  CA  . VAL A 1 125 ? 2.012   10.587  -9.995  1.00 19.81 ? 125 VAL A CA  1 
ATOM   883  C  C   . VAL A 1 125 ? 1.042   11.484  -9.213  1.00 18.90 ? 125 VAL A C   1 
ATOM   884  O  O   . VAL A 1 125 ? 0.695   12.573  -9.672  1.00 17.41 ? 125 VAL A O   1 
ATOM   885  C  CB  . VAL A 1 125 ? 1.288   9.947   -11.208 1.00 21.60 ? 125 VAL A CB  1 
ATOM   886  C  CG1 . VAL A 1 125 ? -0.039  9.347   -10.776 1.00 23.88 ? 125 VAL A CG1 1 
ATOM   887  C  CG2 . VAL A 1 125 ? 1.096   10.973  -12.300 1.00 25.14 ? 125 VAL A CG2 1 
ATOM   888  N  N   . TYR A 1 126 ? 0.608   11.036  -8.034  1.00 16.66 ? 126 TYR A N   1 
ATOM   889  C  CA  . TYR A 1 126 ? -0.307  11.833  -7.212  1.00 16.15 ? 126 TYR A CA  1 
ATOM   890  C  C   . TYR A 1 126 ? 0.362   13.033  -6.545  1.00 17.06 ? 126 TYR A C   1 
ATOM   891  O  O   . TYR A 1 126 ? -0.312  13.891  -5.971  1.00 17.12 ? 126 TYR A O   1 
ATOM   892  C  CB  . TYR A 1 126 ? -0.984  10.957  -6.158  1.00 14.17 ? 126 TYR A CB  1 
ATOM   893  C  CG  . TYR A 1 126 ? -2.122  10.142  -6.726  1.00 16.66 ? 126 TYR A CG  1 
ATOM   894  C  CD1 . TYR A 1 126 ? -2.839  9.255   -5.924  1.00 18.70 ? 126 TYR A CD1 1 
ATOM   895  C  CD2 . TYR A 1 126 ? -2.478  10.255  -8.071  1.00 15.82 ? 126 TYR A CD2 1 
ATOM   896  C  CE1 . TYR A 1 126 ? -3.882  8.501   -6.445  1.00 17.09 ? 126 TYR A CE1 1 
ATOM   897  C  CE2 . TYR A 1 126 ? -3.516  9.505   -8.607  1.00 19.41 ? 126 TYR A CE2 1 
ATOM   898  C  CZ  . TYR A 1 126 ? -4.215  8.626   -7.784  1.00 18.81 ? 126 TYR A CZ  1 
ATOM   899  O  OH  . TYR A 1 126 ? -5.234  7.870   -8.310  1.00 18.27 ? 126 TYR A OH  1 
ATOM   900  N  N   . GLY A 1 127 ? 1.690   13.070  -6.613  1.00 16.32 ? 127 GLY A N   1 
ATOM   901  C  CA  . GLY A 1 127 ? 2.459   14.179  -6.072  1.00 14.94 ? 127 GLY A CA  1 
ATOM   902  C  C   . GLY A 1 127 ? 2.440   14.519  -4.590  1.00 16.38 ? 127 GLY A C   1 
ATOM   903  O  O   . GLY A 1 127 ? 2.641   15.680  -4.235  1.00 14.76 ? 127 GLY A O   1 
ATOM   904  N  N   . TYR A 1 128 ? 2.205   13.550  -3.712  1.00 14.56 ? 128 TYR A N   1 
ATOM   905  C  CA  . TYR A 1 128 ? 2.204   13.863  -2.287  1.00 15.06 ? 128 TYR A CA  1 
ATOM   906  C  C   . TYR A 1 128 ? 3.650   14.160  -1.859  1.00 16.38 ? 128 TYR A C   1 
ATOM   907  O  O   . TYR A 1 128 ? 4.569   13.417  -2.201  1.00 15.85 ? 128 TYR A O   1 
ATOM   908  C  CB  . TYR A 1 128 ? 1.649   12.685  -1.478  1.00 16.29 ? 128 TYR A CB  1 
ATOM   909  C  CG  . TYR A 1 128 ? 1.002   13.096  -0.174  1.00 14.26 ? 128 TYR A CG  1 
ATOM   910  C  CD1 . TYR A 1 128 ? -0.376  12.957  0.022   1.00 15.44 ? 128 TYR A CD1 1 
ATOM   911  C  CD2 . TYR A 1 128 ? 1.759   13.654  0.852   1.00 14.28 ? 128 TYR A CD2 1 
ATOM   912  C  CE1 . TYR A 1 128 ? -0.983  13.370  1.210   1.00 12.40 ? 128 TYR A CE1 1 
ATOM   913  C  CE2 . TYR A 1 128 ? 1.164   14.071  2.043   1.00 13.61 ? 128 TYR A CE2 1 
ATOM   914  C  CZ  . TYR A 1 128 ? -0.209  13.925  2.211   1.00 14.68 ? 128 TYR A CZ  1 
ATOM   915  O  OH  . TYR A 1 128 ? -0.792  14.342  3.389   1.00 16.29 ? 128 TYR A OH  1 
ATOM   916  N  N   . PRO A 1 129 ? 3.874   15.270  -1.130  1.00 17.84 ? 129 PRO A N   1 
ATOM   917  C  CA  . PRO A 1 129 ? 5.225   15.628  -0.673  1.00 17.58 ? 129 PRO A CA  1 
ATOM   918  C  C   . PRO A 1 129 ? 5.843   14.433  0.044   1.00 17.97 ? 129 PRO A C   1 
ATOM   919  O  O   . PRO A 1 129 ? 5.310   13.958  1.050   1.00 17.10 ? 129 PRO A O   1 
ATOM   920  C  CB  . PRO A 1 129 ? 4.968   16.810  0.256   1.00 17.34 ? 129 PRO A CB  1 
ATOM   921  C  CG  . PRO A 1 129 ? 3.803   17.493  -0.426  1.00 19.66 ? 129 PRO A CG  1 
ATOM   922  C  CD  . PRO A 1 129 ? 2.902   16.318  -0.766  1.00 18.07 ? 129 PRO A CD  1 
ATOM   923  N  N   . ARG A 1 130 ? 6.961   13.946  -0.488  1.00 17.55 ? 130 ARG A N   1 
ATOM   924  C  CA  . ARG A 1 130 ? 7.637   12.770  0.052   1.00 18.70 ? 130 ARG A CA  1 
ATOM   925  C  C   . ARG A 1 130 ? 7.936   12.752  1.546   1.00 18.09 ? 130 ARG A C   1 
ATOM   926  O  O   . ARG A 1 130 ? 7.677   11.753  2.221   1.00 15.64 ? 130 ARG A O   1 
ATOM   927  C  CB  . ARG A 1 130 ? 8.926   12.505  -0.732  1.00 20.19 ? 130 ARG A CB  1 
ATOM   928  C  CG  . ARG A 1 130 ? 8.667   12.013  -2.149  1.00 24.76 ? 130 ARG A CG  1 
ATOM   929  C  CD  . ARG A 1 130 ? 9.898   11.362  -2.765  1.00 30.03 ? 130 ARG A CD  1 
ATOM   930  N  NE  . ARG A 1 130 ? 9.535   10.527  -3.907  1.00 33.19 ? 130 ARG A NE  1 
ATOM   931  C  CZ  . ARG A 1 130 ? 9.318   10.984  -5.134  1.00 34.51 ? 130 ARG A CZ  1 
ATOM   932  N  NH1 . ARG A 1 130 ? 9.439   12.280  -5.394  1.00 36.90 ? 130 ARG A NH1 1 
ATOM   933  N  NH2 . ARG A 1 130 ? 8.953   10.146  -6.096  1.00 35.03 ? 130 ARG A NH2 1 
ATOM   934  N  N   . ALA A 1 131 ? 8.486   13.843  2.066   1.00 18.68 ? 131 ALA A N   1 
ATOM   935  C  CA  . ALA A 1 131 ? 8.814   13.912  3.485   1.00 19.40 ? 131 ALA A CA  1 
ATOM   936  C  C   . ALA A 1 131 ? 7.571   13.736  4.347   1.00 19.05 ? 131 ALA A C   1 
ATOM   937  O  O   . ALA A 1 131 ? 7.570   12.952  5.296   1.00 18.28 ? 131 ALA A O   1 
ATOM   938  C  CB  . ALA A 1 131 ? 9.484   15.244  3.802   1.00 21.91 ? 131 ALA A CB  1 
ATOM   939  N  N   . ALA A 1 132 ? 6.510   14.466  4.011   1.00 16.46 ? 132 ALA A N   1 
ATOM   940  C  CA  . ALA A 1 132 ? 5.273   14.395  4.777   1.00 16.69 ? 132 ALA A CA  1 
ATOM   941  C  C   . ALA A 1 132 ? 4.555   13.061  4.600   1.00 14.90 ? 132 ALA A C   1 
ATOM   942  O  O   . ALA A 1 132 ? 3.953   12.553  5.539   1.00 14.78 ? 132 ALA A O   1 
ATOM   943  C  CB  . ALA A 1 132 ? 4.350   15.549  4.380   1.00 17.57 ? 132 ALA A CB  1 
ATOM   944  N  N   . ALA A 1 133 ? 4.614   12.499  3.397   1.00 13.95 ? 133 ALA A N   1 
ATOM   945  C  CA  . ALA A 1 133 ? 3.961   11.224  3.124   1.00 14.81 ? 133 ALA A CA  1 
ATOM   946  C  C   . ALA A 1 133 ? 4.585   10.116  3.965   1.00 14.09 ? 133 ALA A C   1 
ATOM   947  O  O   . ALA A 1 133 ? 3.882   9.304   4.561   1.00 12.85 ? 133 ALA A O   1 
ATOM   948  C  CB  . ALA A 1 133 ? 4.074   10.882  1.641   1.00 14.17 ? 133 ALA A CB  1 
ATOM   949  N  N   . ALA A 1 134 ? 5.914   10.093  4.015   1.00 13.46 ? 134 ALA A N   1 
ATOM   950  C  CA  . ALA A 1 134 ? 6.632   9.079   4.777   1.00 14.15 ? 134 ALA A CA  1 
ATOM   951  C  C   . ALA A 1 134 ? 6.325   9.174   6.273   1.00 15.46 ? 134 ALA A C   1 
ATOM   952  O  O   . ALA A 1 134 ? 6.158   8.154   6.943   1.00 15.79 ? 134 ALA A O   1 
ATOM   953  C  CB  . ALA A 1 134 ? 8.130   9.216   4.534   1.00 12.87 ? 134 ALA A CB  1 
ATOM   954  N  N   . GLU A 1 135 ? 6.253   10.395  6.795   1.00 17.25 ? 135 GLU A N   1 
ATOM   955  C  CA  . GLU A 1 135 ? 5.959   10.584  8.213   1.00 20.56 ? 135 GLU A CA  1 
ATOM   956  C  C   . GLU A 1 135 ? 4.596   9.988   8.545   1.00 20.01 ? 135 GLU A C   1 
ATOM   957  O  O   . GLU A 1 135 ? 4.430   9.300   9.557   1.00 19.18 ? 135 GLU A O   1 
ATOM   958  C  CB  . GLU A 1 135 ? 5.967   12.069  8.573   1.00 25.73 ? 135 GLU A CB  1 
ATOM   959  C  CG  . GLU A 1 135 ? 5.652   12.341  10.036  1.00 31.36 ? 135 GLU A CG  1 
ATOM   960  C  CD  . GLU A 1 135 ? 5.748   13.811  10.381  1.00 37.53 ? 135 GLU A CD  1 
ATOM   961  O  OE1 . GLU A 1 135 ? 4.970   14.609  9.807   1.00 40.26 ? 135 GLU A OE1 1 
ATOM   962  O  OE2 . GLU A 1 135 ? 6.607   14.169  11.221  1.00 40.18 ? 135 GLU A OE2 1 
ATOM   963  N  N   . ILE A 1 136 ? 3.616   10.257  7.688   1.00 17.11 ? 136 ILE A N   1 
ATOM   964  C  CA  . ILE A 1 136 ? 2.281   9.719   7.896   1.00 16.52 ? 136 ILE A CA  1 
ATOM   965  C  C   . ILE A 1 136 ? 2.306   8.187   7.847   1.00 15.62 ? 136 ILE A C   1 
ATOM   966  O  O   . ILE A 1 136 ? 1.774   7.525   8.739   1.00 15.62 ? 136 ILE A O   1 
ATOM   967  C  CB  . ILE A 1 136 ? 1.286   10.266  6.835   1.00 16.39 ? 136 ILE A CB  1 
ATOM   968  C  CG1 . ILE A 1 136 ? 1.007   11.751  7.116   1.00 16.48 ? 136 ILE A CG1 1 
ATOM   969  C  CG2 . ILE A 1 136 ? -0.006  9.462   6.859   1.00 16.25 ? 136 ILE A CG2 1 
ATOM   970  C  CD1 . ILE A 1 136 ? 0.255   12.464  6.014   1.00 19.53 ? 136 ILE A CD1 1 
ATOM   971  N  N   . ALA A 1 137 ? 2.931   7.623   6.815   1.00 13.98 ? 137 ALA A N   1 
ATOM   972  C  CA  . ALA A 1 137 ? 3.001   6.170   6.694   1.00 13.64 ? 137 ALA A CA  1 
ATOM   973  C  C   . ALA A 1 137 ? 3.681   5.533   7.905   1.00 14.40 ? 137 ALA A C   1 
ATOM   974  O  O   . ALA A 1 137 ? 3.137   4.611   8.520   1.00 14.44 ? 137 ALA A O   1 
ATOM   975  C  CB  . ALA A 1 137 ? 3.737   5.778   5.424   1.00 12.88 ? 137 ALA A CB  1 
ATOM   976  N  N   . VAL A 1 138 ? 4.868   6.017   8.250   1.00 14.81 ? 138 VAL A N   1 
ATOM   977  C  CA  . VAL A 1 138 ? 5.586   5.454   9.383   1.00 15.84 ? 138 VAL A CA  1 
ATOM   978  C  C   . VAL A 1 138 ? 4.774   5.580   10.659  1.00 16.24 ? 138 VAL A C   1 
ATOM   979  O  O   . VAL A 1 138 ? 4.611   4.604   11.390  1.00 17.66 ? 138 VAL A O   1 
ATOM   980  C  CB  . VAL A 1 138 ? 6.955   6.136   9.590   1.00 16.50 ? 138 VAL A CB  1 
ATOM   981  C  CG1 . VAL A 1 138 ? 7.580   5.667   10.900  1.00 17.18 ? 138 VAL A CG1 1 
ATOM   982  C  CG2 . VAL A 1 138 ? 7.874   5.809   8.429   1.00 18.11 ? 138 VAL A CG2 1 
ATOM   983  N  N   . LYS A 1 139 ? 4.255   6.776   10.924  1.00 16.89 ? 139 LYS A N   1 
ATOM   984  C  CA  . LYS A 1 139 ? 3.467   7.004   12.132  1.00 18.83 ? 139 LYS A CA  1 
ATOM   985  C  C   . LYS A 1 139 ? 2.225   6.118   12.162  1.00 18.80 ? 139 LYS A C   1 
ATOM   986  O  O   . LYS A 1 139 ? 1.940   5.472   13.172  1.00 17.25 ? 139 LYS A O   1 
ATOM   987  C  CB  . LYS A 1 139 ? 3.056   8.475   12.232  1.00 20.56 ? 139 LYS A CB  1 
ATOM   988  C  CG  . LYS A 1 139 ? 2.234   8.818   13.460  1.00 25.72 ? 139 LYS A CG  1 
ATOM   989  C  CD  . LYS A 1 139 ? 1.907   10.305  13.483  1.00 28.84 ? 139 LYS A CD  1 
ATOM   990  C  CE  . LYS A 1 139 ? 1.302   10.740  14.814  1.00 32.47 ? 139 LYS A CE  1 
ATOM   991  N  NZ  . LYS A 1 139 ? -0.049  10.157  15.057  1.00 32.64 ? 139 LYS A NZ  1 
ATOM   992  N  N   . THR A 1 140 ? 1.492   6.084   11.053  1.00 17.97 ? 140 THR A N   1 
ATOM   993  C  CA  . THR A 1 140 ? 0.284   5.271   10.982  1.00 17.88 ? 140 THR A CA  1 
ATOM   994  C  C   . THR A 1 140 ? 0.558   3.791   11.227  1.00 16.97 ? 140 THR A C   1 
ATOM   995  O  O   . THR A 1 140 ? -0.098  3.168   12.063  1.00 18.58 ? 140 THR A O   1 
ATOM   996  C  CB  . THR A 1 140 ? -0.415  5.428   9.615   1.00 18.15 ? 140 THR A CB  1 
ATOM   997  O  OG1 . THR A 1 140 ? -0.881  6.776   9.466   1.00 18.40 ? 140 THR A OG1 1 
ATOM   998  C  CG2 . THR A 1 140 ? -1.596  4.475   9.511   1.00 19.26 ? 140 THR A CG2 1 
ATOM   999  N  N   . VAL A 1 141 ? 1.516   3.228   10.499  1.00 17.40 ? 141 VAL A N   1 
ATOM   1000 C  CA  . VAL A 1 141 ? 1.851   1.815   10.660  1.00 18.08 ? 141 VAL A CA  1 
ATOM   1001 C  C   . VAL A 1 141 ? 2.333   1.545   12.085  1.00 20.47 ? 141 VAL A C   1 
ATOM   1002 O  O   . VAL A 1 141 ? 1.848   0.626   12.747  1.00 22.46 ? 141 VAL A O   1 
ATOM   1003 C  CB  . VAL A 1 141 ? 2.945   1.366   9.654   1.00 16.76 ? 141 VAL A CB  1 
ATOM   1004 C  CG1 . VAL A 1 141 ? 3.473   -0.018  10.032  1.00 17.08 ? 141 VAL A CG1 1 
ATOM   1005 C  CG2 . VAL A 1 141 ? 2.366   1.322   8.247   1.00 16.47 ? 141 VAL A CG2 1 
ATOM   1006 N  N   . SER A 1 142 ? 3.278   2.352   12.561  1.00 20.94 ? 142 SER A N   1 
ATOM   1007 C  CA  . SER A 1 142 ? 3.802   2.171   13.911  1.00 23.34 ? 142 SER A CA  1 
ATOM   1008 C  C   . SER A 1 142 ? 2.703   2.109   14.971  1.00 23.59 ? 142 SER A C   1 
ATOM   1009 O  O   . SER A 1 142 ? 2.674   1.187   15.783  1.00 24.40 ? 142 SER A O   1 
ATOM   1010 C  CB  . SER A 1 142 ? 4.783   3.294   14.259  1.00 23.31 ? 142 SER A CB  1 
ATOM   1011 O  OG  . SER A 1 142 ? 5.938   3.216   13.439  1.00 26.90 ? 142 SER A OG  1 
ATOM   1012 N  N   . GLU A 1 143 ? 1.796   3.078   14.964  1.00 23.87 ? 143 GLU A N   1 
ATOM   1013 C  CA  . GLU A 1 143 ? 0.724   3.093   15.955  1.00 26.25 ? 143 GLU A CA  1 
ATOM   1014 C  C   . GLU A 1 143 ? -0.190  1.878   15.838  1.00 26.61 ? 143 GLU A C   1 
ATOM   1015 O  O   . GLU A 1 143 ? -0.715  1.384   16.839  1.00 26.40 ? 143 GLU A O   1 
ATOM   1016 C  CB  . GLU A 1 143 ? -0.106  4.368   15.824  1.00 28.45 ? 143 GLU A CB  1 
ATOM   1017 C  CG  . GLU A 1 143 ? 0.724   5.645   15.906  1.00 33.32 ? 143 GLU A CG  1 
ATOM   1018 C  CD  . GLU A 1 143 ? -0.134  6.898   15.995  1.00 36.34 ? 143 GLU A CD  1 
ATOM   1019 O  OE1 . GLU A 1 143 ? -1.262  6.894   15.443  1.00 39.10 ? 143 GLU A OE1 1 
ATOM   1020 O  OE2 . GLU A 1 143 ? 0.335   7.894   16.594  1.00 37.81 ? 143 GLU A OE2 1 
ATOM   1021 N  N   . PHE A 1 144 ? -0.378  1.393   14.614  1.00 26.05 ? 144 PHE A N   1 
ATOM   1022 C  CA  . PHE A 1 144 ? -1.234  0.240   14.384  1.00 25.62 ? 144 PHE A CA  1 
ATOM   1023 C  C   . PHE A 1 144 ? -0.663  -1.062  14.939  1.00 25.05 ? 144 PHE A C   1 
ATOM   1024 O  O   . PHE A 1 144 ? -1.358  -1.806  15.630  1.00 23.81 ? 144 PHE A O   1 
ATOM   1025 C  CB  . PHE A 1 144 ? -1.516  0.081   12.885  1.00 25.99 ? 144 PHE A CB  1 
ATOM   1026 C  CG  . PHE A 1 144 ? -2.502  -1.009  12.566  1.00 24.59 ? 144 PHE A CG  1 
ATOM   1027 C  CD1 . PHE A 1 144 ? -2.086  -2.327  12.410  1.00 24.97 ? 144 PHE A CD1 1 
ATOM   1028 C  CD2 . PHE A 1 144 ? -3.853  -0.716  12.434  1.00 24.64 ? 144 PHE A CD2 1 
ATOM   1029 C  CE1 . PHE A 1 144 ? -3.003  -3.337  12.123  1.00 24.88 ? 144 PHE A CE1 1 
ATOM   1030 C  CE2 . PHE A 1 144 ? -4.780  -1.718  12.146  1.00 25.30 ? 144 PHE A CE2 1 
ATOM   1031 C  CZ  . PHE A 1 144 ? -4.352  -3.031  11.991  1.00 24.47 ? 144 PHE A CZ  1 
ATOM   1032 N  N   . ILE A 1 145 ? 0.598   -1.348  14.641  1.00 25.96 ? 145 ILE A N   1 
ATOM   1033 C  CA  . ILE A 1 145 ? 1.188   -2.591  15.122  1.00 26.84 ? 145 ILE A CA  1 
ATOM   1034 C  C   . ILE A 1 145 ? 1.417   -2.566  16.625  1.00 27.15 ? 145 ILE A C   1 
ATOM   1035 O  O   . ILE A 1 145 ? 1.572   -3.610  17.252  1.00 25.85 ? 145 ILE A O   1 
ATOM   1036 C  CB  . ILE A 1 145 ? 2.511   -2.910  14.413  1.00 26.65 ? 145 ILE A CB  1 
ATOM   1037 C  CG1 . ILE A 1 145 ? 3.519   -1.793  14.649  1.00 27.44 ? 145 ILE A CG1 1 
ATOM   1038 C  CG2 . ILE A 1 145 ? 2.254   -3.115  12.928  1.00 26.87 ? 145 ILE A CG2 1 
ATOM   1039 C  CD1 . ILE A 1 145 ? 4.886   -2.099  14.080  1.00 27.84 ? 145 ILE A CD1 1 
ATOM   1040 N  N   . THR A 1 146 ? 1.428   -1.372  17.202  1.00 28.79 ? 146 THR A N   1 
ATOM   1041 C  CA  . THR A 1 146 ? 1.623   -1.238  18.634  1.00 29.28 ? 146 THR A CA  1 
ATOM   1042 C  C   . THR A 1 146 ? 0.400   -1.786  19.365  1.00 30.28 ? 146 THR A C   1 
ATOM   1043 O  O   . THR A 1 146 ? 0.495   -2.215  20.516  1.00 30.45 ? 146 THR A O   1 
ATOM   1044 C  CB  . THR A 1 146 ? 1.843   0.235   19.033  1.00 29.01 ? 146 THR A CB  1 
ATOM   1045 O  OG1 . THR A 1 146 ? 3.073   0.705   18.466  1.00 28.06 ? 146 THR A OG1 1 
ATOM   1046 C  CG2 . THR A 1 146 ? 1.906   0.377   20.545  1.00 29.80 ? 146 THR A CG2 1 
ATOM   1047 N  N   . ARG A 1 147 ? -0.746  -1.782  18.693  1.00 30.34 ? 147 ARG A N   1 
ATOM   1048 C  CA  . ARG A 1 147 ? -1.980  -2.284  19.296  1.00 31.29 ? 147 ARG A CA  1 
ATOM   1049 C  C   . ARG A 1 147 ? -2.481  -3.569  18.652  1.00 29.41 ? 147 ARG A C   1 
ATOM   1050 O  O   . ARG A 1 147 ? -3.420  -4.185  19.146  1.00 31.43 ? 147 ARG A O   1 
ATOM   1051 C  CB  . ARG A 1 147 ? -3.086  -1.228  19.207  1.00 33.62 ? 147 ARG A CB  1 
ATOM   1052 C  CG  . ARG A 1 147 ? -2.793  0.071   19.932  1.00 38.30 ? 147 ARG A CG  1 
ATOM   1053 C  CD  . ARG A 1 147 ? -4.026  0.968   19.961  1.00 41.54 ? 147 ARG A CD  1 
ATOM   1054 N  NE  . ARG A 1 147 ? -5.162  0.307   20.610  1.00 44.82 ? 147 ARG A NE  1 
ATOM   1055 C  CZ  . ARG A 1 147 ? -6.347  0.878   20.820  1.00 46.48 ? 147 ARG A CZ  1 
ATOM   1056 N  NH1 . ARG A 1 147 ? -7.317  0.194   21.415  1.00 45.53 ? 147 ARG A NH1 1 
ATOM   1057 N  NH2 . ARG A 1 147 ? -6.563  2.132   20.437  1.00 46.51 ? 147 ARG A NH2 1 
ATOM   1058 N  N   . HIS A 1 148 ? -1.857  -3.977  17.553  1.00 27.29 ? 148 HIS A N   1 
ATOM   1059 C  CA  . HIS A 1 148 ? -2.286  -5.182  16.847  1.00 26.00 ? 148 HIS A CA  1 
ATOM   1060 C  C   . HIS A 1 148 ? -1.166  -6.199  16.669  1.00 23.83 ? 148 HIS A C   1 
ATOM   1061 O  O   . HIS A 1 148 ? -0.039  -5.843  16.333  1.00 22.89 ? 148 HIS A O   1 
ATOM   1062 C  CB  . HIS A 1 148 ? -2.842  -4.798  15.478  1.00 26.89 ? 148 HIS A CB  1 
ATOM   1063 C  CG  . HIS A 1 148 ? -4.054  -3.922  15.545  1.00 28.20 ? 148 HIS A CG  1 
ATOM   1064 N  ND1 . HIS A 1 148 ? -5.318  -4.418  15.778  1.00 28.11 ? 148 HIS A ND1 1 
ATOM   1065 C  CD2 . HIS A 1 148 ? -4.193  -2.580  15.426  1.00 27.47 ? 148 HIS A CD2 1 
ATOM   1066 C  CE1 . HIS A 1 148 ? -6.184  -3.422  15.796  1.00 29.14 ? 148 HIS A CE1 1 
ATOM   1067 N  NE2 . HIS A 1 148 ? -5.527  -2.295  15.585  1.00 28.65 ? 148 HIS A NE2 1 
ATOM   1068 N  N   . ALA A 1 149 ? -1.483  -7.469  16.882  1.00 22.10 ? 149 ALA A N   1 
ATOM   1069 C  CA  . ALA A 1 149 ? -0.492  -8.527  16.740  1.00 21.65 ? 149 ALA A CA  1 
ATOM   1070 C  C   . ALA A 1 149 ? -0.250  -8.824  15.262  1.00 20.31 ? 149 ALA A C   1 
ATOM   1071 O  O   . ALA A 1 149 ? 0.848   -9.218  14.874  1.00 20.62 ? 149 ALA A O   1 
ATOM   1072 C  CB  . ALA A 1 149 ? -0.965  -9.782  17.465  1.00 21.67 ? 149 ALA A CB  1 
ATOM   1073 N  N   . LEU A 1 150 ? -1.284  -8.638  14.447  1.00 19.91 ? 150 LEU A N   1 
ATOM   1074 C  CA  . LEU A 1 150 ? -1.190  -8.873  13.010  1.00 21.02 ? 150 LEU A CA  1 
ATOM   1075 C  C   . LEU A 1 150 ? -1.446  -7.573  12.247  1.00 20.60 ? 150 LEU A C   1 
ATOM   1076 O  O   . LEU A 1 150 ? -2.338  -6.800  12.602  1.00 18.89 ? 150 LEU A O   1 
ATOM   1077 C  CB  . LEU A 1 150 ? -2.206  -9.931  12.566  1.00 21.49 ? 150 LEU A CB  1 
ATOM   1078 C  CG  . LEU A 1 150 ? -1.920  -11.384 12.952  1.00 24.05 ? 150 LEU A CG  1 
ATOM   1079 C  CD1 . LEU A 1 150 ? -3.083  -12.262 12.518  1.00 25.82 ? 150 LEU A CD1 1 
ATOM   1080 C  CD2 . LEU A 1 150 ? -0.626  -11.851 12.285  1.00 24.45 ? 150 LEU A CD2 1 
ATOM   1081 N  N   . PRO A 1 151 ? -0.655  -7.310  11.192  1.00 19.37 ? 151 PRO A N   1 
ATOM   1082 C  CA  . PRO A 1 151 ? 0.427   -8.181  10.723  1.00 19.48 ? 151 PRO A CA  1 
ATOM   1083 C  C   . PRO A 1 151 ? 1.605   -8.171  11.694  1.00 19.87 ? 151 PRO A C   1 
ATOM   1084 O  O   . PRO A 1 151 ? 1.780   -7.228  12.466  1.00 18.82 ? 151 PRO A O   1 
ATOM   1085 C  CB  . PRO A 1 151 ? 0.791   -7.571  9.377   1.00 19.59 ? 151 PRO A CB  1 
ATOM   1086 C  CG  . PRO A 1 151 ? 0.588   -6.109  9.632   1.00 19.78 ? 151 PRO A CG  1 
ATOM   1087 C  CD  . PRO A 1 151 ? -0.732  -6.091  10.368  1.00 19.62 ? 151 PRO A CD  1 
ATOM   1088 N  N   . GLU A 1 152 ? 2.404   -9.228  11.649  1.00 19.98 ? 152 GLU A N   1 
ATOM   1089 C  CA  . GLU A 1 152 ? 3.567   -9.336  12.514  1.00 20.82 ? 152 GLU A CA  1 
ATOM   1090 C  C   . GLU A 1 152 ? 4.706   -8.503  11.943  1.00 20.28 ? 152 GLU A C   1 
ATOM   1091 O  O   . GLU A 1 152 ? 5.402   -7.809  12.679  1.00 19.66 ? 152 GLU A O   1 
ATOM   1092 C  CB  . GLU A 1 152 ? 4.008   -10.795 12.622  1.00 22.70 ? 152 GLU A CB  1 
ATOM   1093 C  CG  . GLU A 1 152 ? 2.960   -11.714 13.232  1.00 27.16 ? 152 GLU A CG  1 
ATOM   1094 C  CD  . GLU A 1 152 ? 3.381   -13.173 13.214  1.00 30.44 ? 152 GLU A CD  1 
ATOM   1095 O  OE1 . GLU A 1 152 ? 2.549   -14.033 13.583  1.00 35.31 ? 152 GLU A OE1 1 
ATOM   1096 O  OE2 . GLU A 1 152 ? 4.538   -13.464 12.837  1.00 29.60 ? 152 GLU A OE2 1 
ATOM   1097 N  N   . GLN A 1 153 ? 4.873   -8.569  10.625  1.00 18.96 ? 153 GLN A N   1 
ATOM   1098 C  CA  . GLN A 1 153 ? 5.932   -7.845  9.936   1.00 17.81 ? 153 GLN A CA  1 
ATOM   1099 C  C   . GLN A 1 153 ? 5.424   -6.904  8.846   1.00 17.01 ? 153 GLN A C   1 
ATOM   1100 O  O   . GLN A 1 153 ? 4.586   -7.278  8.020   1.00 13.46 ? 153 GLN A O   1 
ATOM   1101 C  CB  . GLN A 1 153 ? 6.906   -8.837  9.301   1.00 20.10 ? 153 GLN A CB  1 
ATOM   1102 C  CG  . GLN A 1 153 ? 7.634   -9.743  10.288  1.00 24.67 ? 153 GLN A CG  1 
ATOM   1103 C  CD  . GLN A 1 153 ? 8.555   -8.975  11.208  1.00 26.32 ? 153 GLN A CD  1 
ATOM   1104 O  OE1 . GLN A 1 153 ? 9.340   -8.143  10.758  1.00 27.82 ? 153 GLN A OE1 1 
ATOM   1105 N  NE2 . GLN A 1 153 ? 8.476   -9.258  12.503  1.00 28.38 ? 153 GLN A NE2 1 
ATOM   1106 N  N   . VAL A 1 154 ? 5.948   -5.684  8.843   1.00 15.36 ? 154 VAL A N   1 
ATOM   1107 C  CA  . VAL A 1 154 ? 5.577   -4.699  7.839   1.00 16.59 ? 154 VAL A CA  1 
ATOM   1108 C  C   . VAL A 1 154 ? 6.834   -4.277  7.086   1.00 16.88 ? 154 VAL A C   1 
ATOM   1109 O  O   . VAL A 1 154 ? 7.880   -4.027  7.689   1.00 14.88 ? 154 VAL A O   1 
ATOM   1110 C  CB  . VAL A 1 154 ? 4.924   -3.455  8.475   1.00 17.68 ? 154 VAL A CB  1 
ATOM   1111 C  CG1 . VAL A 1 154 ? 4.554   -2.451  7.386   1.00 18.42 ? 154 VAL A CG1 1 
ATOM   1112 C  CG2 . VAL A 1 154 ? 3.692   -3.865  9.255   1.00 16.56 ? 154 VAL A CG2 1 
ATOM   1113 N  N   . TYR A 1 155 ? 6.718   -4.209  5.764   1.00 16.07 ? 155 TYR A N   1 
ATOM   1114 C  CA  . TYR A 1 155 ? 7.825   -3.836  4.900   1.00 16.25 ? 155 TYR A CA  1 
ATOM   1115 C  C   . TYR A 1 155 ? 7.471   -2.634  4.037   1.00 16.35 ? 155 TYR A C   1 
ATOM   1116 O  O   . TYR A 1 155 ? 6.451   -2.627  3.348   1.00 14.97 ? 155 TYR A O   1 
ATOM   1117 C  CB  . TYR A 1 155 ? 8.200   -5.015  3.983   1.00 18.51 ? 155 TYR A CB  1 
ATOM   1118 C  CG  . TYR A 1 155 ? 8.716   -6.243  4.707   1.00 21.72 ? 155 TYR A CG  1 
ATOM   1119 C  CD1 . TYR A 1 155 ? 10.086  -6.428  4.924   1.00 22.88 ? 155 TYR A CD1 1 
ATOM   1120 C  CD2 . TYR A 1 155 ? 7.835   -7.208  5.197   1.00 22.83 ? 155 TYR A CD2 1 
ATOM   1121 C  CE1 . TYR A 1 155 ? 10.565  -7.544  5.616   1.00 26.17 ? 155 TYR A CE1 1 
ATOM   1122 C  CE2 . TYR A 1 155 ? 8.301   -8.326  5.889   1.00 26.15 ? 155 TYR A CE2 1 
ATOM   1123 C  CZ  . TYR A 1 155 ? 9.667   -8.486  6.097   1.00 27.18 ? 155 TYR A CZ  1 
ATOM   1124 O  OH  . TYR A 1 155 ? 10.121  -9.583  6.800   1.00 31.14 ? 155 TYR A OH  1 
ATOM   1125 N  N   . PHE A 1 156 ? 8.314   -1.611  4.088   1.00 16.09 ? 156 PHE A N   1 
ATOM   1126 C  CA  . PHE A 1 156 ? 8.116   -0.428  3.275   1.00 16.26 ? 156 PHE A CA  1 
ATOM   1127 C  C   . PHE A 1 156 ? 9.046   -0.610  2.085   1.00 17.82 ? 156 PHE A C   1 
ATOM   1128 O  O   . PHE A 1 156 ? 10.266  -0.469  2.210   1.00 17.68 ? 156 PHE A O   1 
ATOM   1129 C  CB  . PHE A 1 156 ? 8.484   0.830   4.066   1.00 16.31 ? 156 PHE A CB  1 
ATOM   1130 C  CG  . PHE A 1 156 ? 7.452   1.227   5.087   1.00 18.26 ? 156 PHE A CG  1 
ATOM   1131 C  CD1 . PHE A 1 156 ? 7.778   1.317   6.438   1.00 19.72 ? 156 PHE A CD1 1 
ATOM   1132 C  CD2 . PHE A 1 156 ? 6.155   1.532   4.690   1.00 18.24 ? 156 PHE A CD2 1 
ATOM   1133 C  CE1 . PHE A 1 156 ? 6.824   1.707   7.380   1.00 21.07 ? 156 PHE A CE1 1 
ATOM   1134 C  CE2 . PHE A 1 156 ? 5.194   1.921   5.622   1.00 18.97 ? 156 PHE A CE2 1 
ATOM   1135 C  CZ  . PHE A 1 156 ? 5.529   2.010   6.969   1.00 19.90 ? 156 PHE A CZ  1 
ATOM   1136 N  N   . VAL A 1 157 ? 8.476   -0.963  0.937   1.00 18.63 ? 157 VAL A N   1 
ATOM   1137 C  CA  . VAL A 1 157 ? 9.277   -1.180  -0.263  1.00 20.15 ? 157 VAL A CA  1 
ATOM   1138 C  C   . VAL A 1 157 ? 9.295   0.085   -1.097  1.00 21.07 ? 157 VAL A C   1 
ATOM   1139 O  O   . VAL A 1 157 ? 8.273   0.498   -1.638  1.00 19.45 ? 157 VAL A O   1 
ATOM   1140 C  CB  . VAL A 1 157 ? 8.718   -2.341  -1.115  1.00 21.59 ? 157 VAL A CB  1 
ATOM   1141 C  CG1 . VAL A 1 157 ? 9.616   -2.581  -2.318  1.00 20.45 ? 157 VAL A CG1 1 
ATOM   1142 C  CG2 . VAL A 1 157 ? 8.615   -3.599  -0.265  1.00 20.55 ? 157 VAL A CG2 1 
ATOM   1143 N  N   . CYS A 1 158 ? 10.470  0.697   -1.199  1.00 20.53 ? 158 CYS A N   1 
ATOM   1144 C  CA  . CYS A 1 158 ? 10.606  1.928   -1.949  1.00 23.11 ? 158 CYS A CA  1 
ATOM   1145 C  C   . CYS A 1 158 ? 11.397  1.735   -3.229  1.00 25.83 ? 158 CYS A C   1 
ATOM   1146 O  O   . CYS A 1 158 ? 12.482  1.156   -3.220  1.00 25.45 ? 158 CYS A O   1 
ATOM   1147 C  CB  . CYS A 1 158 ? 11.281  2.990   -1.081  1.00 22.11 ? 158 CYS A CB  1 
ATOM   1148 S  SG  . CYS A 1 158 ? 10.398  3.309   0.450   1.00 23.56 ? 158 CYS A SG  1 
ATOM   1149 N  N   . TYR A 1 159 ? 10.833  2.204   -4.336  1.00 29.08 ? 159 TYR A N   1 
ATOM   1150 C  CA  . TYR A 1 159 ? 11.504  2.097   -5.621  1.00 34.43 ? 159 TYR A CA  1 
ATOM   1151 C  C   . TYR A 1 159 ? 12.558  3.195   -5.698  1.00 34.79 ? 159 TYR A C   1 
ATOM   1152 O  O   . TYR A 1 159 ? 13.651  2.981   -6.221  1.00 35.72 ? 159 TYR A O   1 
ATOM   1153 C  CB  . TYR A 1 159 ? 10.501  2.257   -6.770  1.00 37.82 ? 159 TYR A CB  1 
ATOM   1154 C  CG  . TYR A 1 159 ? 11.139  2.191   -8.141  1.00 43.54 ? 159 TYR A CG  1 
ATOM   1155 C  CD1 . TYR A 1 159 ? 11.842  1.053   -8.551  1.00 45.95 ? 159 TYR A CD1 1 
ATOM   1156 C  CD2 . TYR A 1 159 ? 11.051  3.268   -9.026  1.00 44.77 ? 159 TYR A CD2 1 
ATOM   1157 C  CE1 . TYR A 1 159 ? 12.446  0.992   -9.808  1.00 47.59 ? 159 TYR A CE1 1 
ATOM   1158 C  CE2 . TYR A 1 159 ? 11.650  3.217   -10.285 1.00 47.26 ? 159 TYR A CE2 1 
ATOM   1159 C  CZ  . TYR A 1 159 ? 12.347  2.076   -10.669 1.00 48.39 ? 159 TYR A CZ  1 
ATOM   1160 O  OH  . TYR A 1 159 ? 12.950  2.023   -11.909 1.00 50.73 ? 159 TYR A OH  1 
ATOM   1161 N  N   . ASP A 1 160 ? 12.215  4.366   -5.164  1.00 35.80 ? 160 ASP A N   1 
ATOM   1162 C  CA  . ASP A 1 160 ? 13.109  5.523   -5.164  1.00 36.83 ? 160 ASP A CA  1 
ATOM   1163 C  C   . ASP A 1 160 ? 14.025  5.541   -3.945  1.00 36.60 ? 160 ASP A C   1 
ATOM   1164 O  O   . ASP A 1 160 ? 13.575  5.362   -2.810  1.00 34.85 ? 160 ASP A O   1 
ATOM   1165 C  CB  . ASP A 1 160 ? 12.296  6.825   -5.208  1.00 38.54 ? 160 ASP A CB  1 
ATOM   1166 C  CG  . ASP A 1 160 ? 11.788  7.156   -6.607  1.00 42.19 ? 160 ASP A CG  1 
ATOM   1167 O  OD1 . ASP A 1 160 ? 11.086  8.185   -6.751  1.00 43.03 ? 160 ASP A OD1 1 
ATOM   1168 O  OD2 . ASP A 1 160 ? 12.097  6.401   -7.561  1.00 41.78 ? 160 ASP A OD2 1 
ATOM   1169 N  N   . GLU A 1 161 ? 15.314  5.763   -4.185  1.00 36.49 ? 161 GLU A N   1 
ATOM   1170 C  CA  . GLU A 1 161 ? 16.290  5.804   -3.101  1.00 36.14 ? 161 GLU A CA  1 
ATOM   1171 C  C   . GLU A 1 161 ? 15.903  6.929   -2.143  1.00 34.41 ? 161 GLU A C   1 
ATOM   1172 O  O   . GLU A 1 161 ? 16.087  6.826   -0.928  1.00 32.54 ? 161 GLU A O   1 
ATOM   1173 C  CB  . GLU A 1 161 ? 17.694  6.053   -3.668  1.00 39.24 ? 161 GLU A CB  1 
ATOM   1174 C  CG  . GLU A 1 161 ? 18.828  5.707   -2.711  1.00 43.50 ? 161 GLU A CG  1 
ATOM   1175 C  CD  . GLU A 1 161 ? 18.975  4.207   -2.480  1.00 45.87 ? 161 GLU A CD  1 
ATOM   1176 O  OE1 . GLU A 1 161 ? 19.811  3.818   -1.635  1.00 47.21 ? 161 GLU A OE1 1 
ATOM   1177 O  OE2 . GLU A 1 161 ? 18.261  3.418   -3.140  1.00 46.93 ? 161 GLU A OE2 1 
ATOM   1178 N  N   . GLU A 1 162 ? 15.363  8.005   -2.705  1.00 32.94 ? 162 GLU A N   1 
ATOM   1179 C  CA  . GLU A 1 162 ? 14.940  9.153   -1.912  1.00 31.34 ? 162 GLU A CA  1 
ATOM   1180 C  C   . GLU A 1 162 ? 13.955  8.738   -0.823  1.00 29.34 ? 162 GLU A C   1 
ATOM   1181 O  O   . GLU A 1 162 ? 14.105  9.132   0.331   1.00 27.44 ? 162 GLU A O   1 
ATOM   1182 C  CB  . GLU A 1 162 ? 14.307  10.210  -2.821  1.00 33.95 ? 162 GLU A CB  1 
ATOM   1183 C  CG  . GLU A 1 162 ? 13.642  11.353  -2.071  1.00 36.91 ? 162 GLU A CG  1 
ATOM   1184 C  CD  . GLU A 1 162 ? 13.039  12.388  -3.000  1.00 38.05 ? 162 GLU A CD  1 
ATOM   1185 O  OE1 . GLU A 1 162 ? 12.510  11.998  -4.066  1.00 38.58 ? 162 GLU A OE1 1 
ATOM   1186 O  OE2 . GLU A 1 162 ? 13.083  13.588  -2.656  1.00 38.85 ? 162 GLU A OE2 1 
ATOM   1187 N  N   . ASN A 1 163 ? 12.943  7.951   -1.190  1.00 28.05 ? 163 ASN A N   1 
ATOM   1188 C  CA  . ASN A 1 163 ? 11.958  7.495   -0.210  1.00 27.66 ? 163 ASN A CA  1 
ATOM   1189 C  C   . ASN A 1 163 ? 12.578  6.551   0.819   1.00 26.79 ? 163 ASN A C   1 
ATOM   1190 O  O   . ASN A 1 163 ? 12.276  6.643   2.006   1.00 26.21 ? 163 ASN A O   1 
ATOM   1191 C  CB  . ASN A 1 163 ? 10.777  6.782   -0.887  1.00 26.87 ? 163 ASN A CB  1 
ATOM   1192 C  CG  . ASN A 1 163 ? 9.744   7.749   -1.449  1.00 25.47 ? 163 ASN A CG  1 
ATOM   1193 O  OD1 . ASN A 1 163 ? 9.424   8.765   -0.829  1.00 24.38 ? 163 ASN A OD1 1 
ATOM   1194 N  ND2 . ASN A 1 163 ? 9.203   7.422   -2.616  1.00 24.77 ? 163 ASN A ND2 1 
ATOM   1195 N  N   . ALA A 1 164 ? 13.438  5.645   0.363   1.00 26.10 ? 164 ALA A N   1 
ATOM   1196 C  CA  . ALA A 1 164 ? 14.076  4.687   1.261   1.00 24.81 ? 164 ALA A CA  1 
ATOM   1197 C  C   . ALA A 1 164 ? 14.843  5.402   2.370   1.00 24.65 ? 164 ALA A C   1 
ATOM   1198 O  O   . ALA A 1 164 ? 14.751  5.028   3.536   1.00 23.46 ? 164 ALA A O   1 
ATOM   1199 C  CB  . ALA A 1 164 ? 15.013  3.776   0.479   1.00 23.67 ? 164 ALA A CB  1 
ATOM   1200 N  N   . HIS A 1 165 ? 15.592  6.436   1.999   1.00 24.77 ? 165 HIS A N   1 
ATOM   1201 C  CA  . HIS A 1 165 ? 16.370  7.201   2.963   1.00 25.17 ? 165 HIS A CA  1 
ATOM   1202 C  C   . HIS A 1 165 ? 15.444  7.900   3.960   1.00 23.83 ? 165 HIS A C   1 
ATOM   1203 O  O   . HIS A 1 165 ? 15.692  7.887   5.171   1.00 22.05 ? 165 HIS A O   1 
ATOM   1204 C  CB  . HIS A 1 165 ? 17.232  8.236   2.236   1.00 29.45 ? 165 HIS A CB  1 
ATOM   1205 C  CG  . HIS A 1 165 ? 18.122  9.032   3.142   1.00 32.83 ? 165 HIS A CG  1 
ATOM   1206 N  ND1 . HIS A 1 165 ? 19.166  8.472   3.844   1.00 34.60 ? 165 HIS A ND1 1 
ATOM   1207 C  CD2 . HIS A 1 165 ? 18.125  10.351  3.453   1.00 34.95 ? 165 HIS A CD2 1 
ATOM   1208 C  CE1 . HIS A 1 165 ? 19.778  9.410   4.548   1.00 34.95 ? 165 HIS A CE1 1 
ATOM   1209 N  NE2 . HIS A 1 165 ? 19.167  10.559  4.327   1.00 34.62 ? 165 HIS A NE2 1 
ATOM   1210 N  N   . LEU A 1 166 ? 14.375  8.504   3.453   1.00 19.91 ? 166 LEU A N   1 
ATOM   1211 C  CA  . LEU A 1 166 ? 13.426  9.190   4.320   1.00 19.96 ? 166 LEU A CA  1 
ATOM   1212 C  C   . LEU A 1 166 ? 12.845  8.229   5.346   1.00 19.25 ? 166 LEU A C   1 
ATOM   1213 O  O   . LEU A 1 166 ? 12.781  8.542   6.535   1.00 20.73 ? 166 LEU A O   1 
ATOM   1214 C  CB  . LEU A 1 166 ? 12.300  9.818   3.492   1.00 20.38 ? 166 LEU A CB  1 
ATOM   1215 C  CG  . LEU A 1 166 ? 12.734  11.016  2.634   1.00 21.24 ? 166 LEU A CG  1 
ATOM   1216 C  CD1 . LEU A 1 166 ? 11.572  11.498  1.803   1.00 18.68 ? 166 LEU A CD1 1 
ATOM   1217 C  CD2 . LEU A 1 166 ? 13.249  12.126  3.538   1.00 23.76 ? 166 LEU A CD2 1 
ATOM   1218 N  N   . TYR A 1 167 ? 12.429  7.055   4.887   1.00 18.46 ? 167 TYR A N   1 
ATOM   1219 C  CA  . TYR A 1 167 ? 11.855  6.055   5.776   1.00 20.80 ? 167 TYR A CA  1 
ATOM   1220 C  C   . TYR A 1 167 ? 12.816  5.550   6.845   1.00 22.11 ? 167 TYR A C   1 
ATOM   1221 O  O   . TYR A 1 167 ? 12.457  5.482   8.022   1.00 21.99 ? 167 TYR A O   1 
ATOM   1222 C  CB  . TYR A 1 167 ? 11.335  4.858   4.976   1.00 19.50 ? 167 TYR A CB  1 
ATOM   1223 C  CG  . TYR A 1 167 ? 9.937   5.049   4.436   1.00 20.15 ? 167 TYR A CG  1 
ATOM   1224 C  CD1 . TYR A 1 167 ? 9.695   5.875   3.339   1.00 20.65 ? 167 TYR A CD1 1 
ATOM   1225 C  CD2 . TYR A 1 167 ? 8.849   4.424   5.041   1.00 18.93 ? 167 TYR A CD2 1 
ATOM   1226 C  CE1 . TYR A 1 167 ? 8.399   6.075   2.861   1.00 20.35 ? 167 TYR A CE1 1 
ATOM   1227 C  CE2 . TYR A 1 167 ? 7.554   4.620   4.572   1.00 17.32 ? 167 TYR A CE2 1 
ATOM   1228 C  CZ  . TYR A 1 167 ? 7.337   5.443   3.487   1.00 18.16 ? 167 TYR A CZ  1 
ATOM   1229 O  OH  . TYR A 1 167 ? 6.053   5.638   3.042   1.00 18.99 ? 167 TYR A OH  1 
ATOM   1230 N  N   . GLU A 1 168 ? 14.027  5.176   6.449   1.00 22.71 ? 168 GLU A N   1 
ATOM   1231 C  CA  . GLU A 1 168 ? 14.981  4.671   7.428   1.00 25.16 ? 168 GLU A CA  1 
ATOM   1232 C  C   . GLU A 1 168 ? 15.283  5.736   8.474   1.00 24.03 ? 168 GLU A C   1 
ATOM   1233 O  O   . GLU A 1 168 ? 15.417  5.433   9.659   1.00 22.25 ? 168 GLU A O   1 
ATOM   1234 C  CB  . GLU A 1 168 ? 16.265  4.205   6.738   1.00 27.09 ? 168 GLU A CB  1 
ATOM   1235 C  CG  . GLU A 1 168 ? 16.821  5.178   5.727   1.00 33.64 ? 168 GLU A CG  1 
ATOM   1236 C  CD  . GLU A 1 168 ? 17.980  4.595   4.935   1.00 37.51 ? 168 GLU A CD  1 
ATOM   1237 O  OE1 . GLU A 1 168 ? 17.808  3.493   4.362   1.00 38.23 ? 168 GLU A OE1 1 
ATOM   1238 O  OE2 . GLU A 1 168 ? 19.054  5.244   4.880   1.00 38.53 ? 168 GLU A OE2 1 
ATOM   1239 N  N   . ARG A 1 169 ? 15.365  6.986   8.036   1.00 23.96 ? 169 ARG A N   1 
ATOM   1240 C  CA  . ARG A 1 169 ? 15.628  8.081   8.951   1.00 25.53 ? 169 ARG A CA  1 
ATOM   1241 C  C   . ARG A 1 169 ? 14.483  8.209   9.959   1.00 24.74 ? 169 ARG A C   1 
ATOM   1242 O  O   . ARG A 1 169 ? 14.725  8.341   11.150  1.00 23.13 ? 169 ARG A O   1 
ATOM   1243 C  CB  . ARG A 1 169 ? 15.797  9.387   8.174   1.00 29.12 ? 169 ARG A CB  1 
ATOM   1244 C  CG  . ARG A 1 169 ? 16.078  10.592  9.046   1.00 35.59 ? 169 ARG A CG  1 
ATOM   1245 C  CD  . ARG A 1 169 ? 17.482  10.544  9.631   1.00 40.57 ? 169 ARG A CD  1 
ATOM   1246 N  NE  . ARG A 1 169 ? 18.502  10.718  8.601   1.00 44.11 ? 169 ARG A NE  1 
ATOM   1247 C  CZ  . ARG A 1 169 ? 19.803  10.803  8.853   1.00 45.66 ? 169 ARG A CZ  1 
ATOM   1248 N  NH1 . ARG A 1 169 ? 20.240  10.728  10.104  1.00 46.07 ? 169 ARG A NH1 1 
ATOM   1249 N  NH2 . ARG A 1 169 ? 20.666  10.969  7.855   1.00 45.59 ? 169 ARG A NH2 1 
ATOM   1250 N  N   . LEU A 1 170 ? 13.237  8.153   9.485   1.00 23.66 ? 170 LEU A N   1 
ATOM   1251 C  CA  . LEU A 1 170 ? 12.083  8.270   10.374  1.00 24.58 ? 170 LEU A CA  1 
ATOM   1252 C  C   . LEU A 1 170 ? 11.974  7.107   11.357  1.00 24.92 ? 170 LEU A C   1 
ATOM   1253 O  O   . LEU A 1 170 ? 11.622  7.301   12.520  1.00 23.95 ? 170 LEU A O   1 
ATOM   1254 C  CB  . LEU A 1 170 ? 10.785  8.385   9.560   1.00 24.47 ? 170 LEU A CB  1 
ATOM   1255 C  CG  . LEU A 1 170 ? 10.499  9.761   8.948   1.00 27.81 ? 170 LEU A CG  1 
ATOM   1256 C  CD1 . LEU A 1 170 ? 9.394   9.666   7.906   1.00 29.24 ? 170 LEU A CD1 1 
ATOM   1257 C  CD2 . LEU A 1 170 ? 10.111  10.734  10.053  1.00 27.21 ? 170 LEU A CD2 1 
ATOM   1258 N  N   . LEU A 1 171 ? 12.279  5.900   10.894  1.00 25.91 ? 171 LEU A N   1 
ATOM   1259 C  CA  . LEU A 1 171 ? 12.202  4.723   11.752  1.00 28.22 ? 171 LEU A CA  1 
ATOM   1260 C  C   . LEU A 1 171 ? 13.219  4.752   12.895  1.00 31.19 ? 171 LEU A C   1 
ATOM   1261 O  O   . LEU A 1 171 ? 12.958  4.228   13.977  1.00 30.59 ? 171 LEU A O   1 
ATOM   1262 C  CB  . LEU A 1 171 ? 12.392  3.450   10.925  1.00 28.95 ? 171 LEU A CB  1 
ATOM   1263 C  CG  . LEU A 1 171 ? 11.216  3.037   10.033  1.00 28.65 ? 171 LEU A CG  1 
ATOM   1264 C  CD1 . LEU A 1 171 ? 11.572  1.763   9.280   1.00 28.30 ? 171 LEU A CD1 1 
ATOM   1265 C  CD2 . LEU A 1 171 ? 9.978   2.810   10.891  1.00 28.41 ? 171 LEU A CD2 1 
ATOM   1266 N  N   . THR A 1 172 ? 14.377  5.358   12.658  1.00 33.79 ? 172 THR A N   1 
ATOM   1267 C  CA  . THR A 1 172 ? 15.402  5.443   13.694  1.00 37.27 ? 172 THR A CA  1 
ATOM   1268 C  C   . THR A 1 172 ? 15.194  6.697   14.533  1.00 40.36 ? 172 THR A C   1 
ATOM   1269 O  O   . THR A 1 172 ? 15.693  6.798   15.653  1.00 40.32 ? 172 THR A O   1 
ATOM   1270 C  CB  . THR A 1 172 ? 16.815  5.498   13.089  1.00 36.35 ? 172 THR A CB  1 
ATOM   1271 O  OG1 . THR A 1 172 ? 16.943  6.671   12.276  1.00 36.90 ? 172 THR A OG1 1 
ATOM   1272 C  CG2 . THR A 1 172 ? 17.078  4.267   12.240  1.00 36.45 ? 172 THR A CG2 1 
ATOM   1273 N  N   . GLN A 1 173 ? 14.445  7.645   13.982  1.00 44.10 ? 173 GLN A N   1 
ATOM   1274 C  CA  . GLN A 1 173 ? 14.170  8.905   14.660  1.00 48.01 ? 173 GLN A CA  1 
ATOM   1275 C  C   . GLN A 1 173 ? 13.037  8.747   15.666  1.00 49.99 ? 173 GLN A C   1 
ATOM   1276 O  O   . GLN A 1 173 ? 12.301  9.695   15.940  1.00 50.66 ? 173 GLN A O   1 
ATOM   1277 C  CB  . GLN A 1 173 ? 13.810  9.977   13.630  1.00 48.93 ? 173 GLN A CB  1 
ATOM   1278 C  CG  . GLN A 1 173 ? 13.917  11.401  14.141  1.00 50.56 ? 173 GLN A CG  1 
ATOM   1279 C  CD  . GLN A 1 173 ? 13.722  12.421  13.037  1.00 52.13 ? 173 GLN A CD  1 
ATOM   1280 O  OE1 . GLN A 1 173 ? 13.921  13.622  13.240  1.00 52.61 ? 173 GLN A OE1 1 
ATOM   1281 N  NE2 . GLN A 1 173 ? 13.330  11.948  11.857  1.00 51.14 ? 173 GLN A NE2 1 
ATOM   1282 N  N   . GLN A 1 174 ? 12.903  7.540   16.208  1.00 51.71 ? 174 GLN A N   1 
ATOM   1283 C  CA  . GLN A 1 174 ? 11.867  7.252   17.194  1.00 53.29 ? 174 GLN A CA  1 
ATOM   1284 C  C   . GLN A 1 174 ? 12.444  6.456   18.358  1.00 53.56 ? 174 GLN A C   1 
ATOM   1285 O  O   . GLN A 1 174 ? 12.411  6.975   19.496  1.00 53.59 ? 174 GLN A O   1 
ATOM   1286 C  CB  . GLN A 1 174 ? 10.724  6.466   16.551  1.00 54.01 ? 174 GLN A CB  1 
ATOM   1287 C  CG  . GLN A 1 174 ? 10.148  7.125   15.314  1.00 55.28 ? 174 GLN A CG  1 
ATOM   1288 C  CD  . GLN A 1 174 ? 8.891   6.434   14.818  1.00 56.77 ? 174 GLN A CD  1 
ATOM   1289 O  OE1 . GLN A 1 174 ? 8.428   6.691   13.706  1.00 56.85 ? 174 GLN A OE1 1 
ATOM   1290 N  NE2 . GLN A 1 174 ? 8.325   5.558   15.648  1.00 56.68 ? 174 GLN A NE2 1 
HETATM 1291 O  O1  . MES B 2 .   ? -3.260  4.506   -11.906 1.00 22.23 ? 201 MES A O1  1 
HETATM 1292 C  C2  . MES B 2 .   ? -2.195  3.686   -11.363 1.00 21.85 ? 201 MES A C2  1 
HETATM 1293 C  C3  . MES B 2 .   ? -1.956  3.991   -9.887  1.00 22.15 ? 201 MES A C3  1 
HETATM 1294 N  N4  . MES B 2 .   ? -1.648  5.425   -9.732  1.00 23.46 ? 201 MES A N4  1 
HETATM 1295 C  C5  . MES B 2 .   ? -2.724  6.279   -10.295 1.00 24.08 ? 201 MES A C5  1 
HETATM 1296 C  C6  . MES B 2 .   ? -2.976  5.917   -11.761 1.00 24.20 ? 201 MES A C6  1 
HETATM 1297 C  C7  . MES B 2 .   ? -1.412  5.753   -8.316  1.00 23.07 ? 201 MES A C7  1 
HETATM 1298 C  C8  . MES B 2 .   ? -0.545  7.006   -8.148  1.00 22.71 ? 201 MES A C8  1 
HETATM 1299 S  S   . MES B 2 .   ? 0.496   6.968   -6.719  1.00 22.71 ? 201 MES A S   1 
HETATM 1300 O  O1S . MES B 2 .   ? -0.399  6.663   -5.587  1.00 19.97 ? 201 MES A O1S 1 
HETATM 1301 O  O2S . MES B 2 .   ? 1.098   8.280   -6.604  1.00 20.38 ? 201 MES A O2S 1 
HETATM 1302 O  O3S . MES B 2 .   ? 1.472   5.893   -6.932  1.00 24.36 ? 201 MES A O3S 1 
HETATM 1303 O  O   . HOH C 3 .   ? 9.185   4.665   -3.766  1.00 9.56  ? 202 HOH A O   1 
HETATM 1304 O  O   . HOH C 3 .   ? 4.839   3.387   2.620   1.00 11.00 ? 203 HOH A O   1 
HETATM 1305 O  O   . HOH C 3 .   ? 7.461   9.392   1.032   1.00 12.35 ? 204 HOH A O   1 
HETATM 1306 O  O   . HOH C 3 .   ? 6.686   2.859   -4.091  1.00 16.35 ? 205 HOH A O   1 
HETATM 1307 O  O   . HOH C 3 .   ? -3.126  5.078   -4.949  1.00 10.84 ? 206 HOH A O   1 
HETATM 1308 O  O   . HOH C 3 .   ? 2.902   7.448   1.369   1.00 13.71 ? 207 HOH A O   1 
HETATM 1309 O  O   . HOH C 3 .   ? -11.387 -0.508  3.212   1.00 17.11 ? 208 HOH A O   1 
HETATM 1310 O  O   . HOH C 3 .   ? -17.682 3.206   -5.526  1.00 14.29 ? 209 HOH A O   1 
HETATM 1311 O  O   . HOH C 3 .   ? 0.046   -16.295 -5.471  1.00 12.09 ? 210 HOH A O   1 
HETATM 1312 O  O   . HOH C 3 .   ? -5.705  -0.177  -10.456 1.00 17.53 ? 211 HOH A O   1 
HETATM 1313 O  O   . HOH C 3 .   ? -7.778  12.430  -4.513  1.00 14.13 ? 212 HOH A O   1 
HETATM 1314 O  O   . HOH C 3 .   ? -12.897 6.170   1.559   1.00 15.50 ? 213 HOH A O   1 
HETATM 1315 O  O   . HOH C 3 .   ? -9.882  -12.100 -5.167  1.00 17.09 ? 214 HOH A O   1 
HETATM 1316 O  O   . HOH C 3 .   ? -9.443  -13.831 -10.882 1.00 24.05 ? 215 HOH A O   1 
HETATM 1317 O  O   . HOH C 3 .   ? -12.716 -0.549  7.396   1.00 21.71 ? 216 HOH A O   1 
HETATM 1318 O  O   . HOH C 3 .   ? -1.723  5.081   -14.937 1.00 23.38 ? 217 HOH A O   1 
HETATM 1319 O  O   . HOH C 3 .   ? -6.010  8.235   -10.963 1.00 20.44 ? 218 HOH A O   1 
HETATM 1320 O  O   . HOH C 3 .   ? -3.709  17.635  4.316   1.00 20.57 ? 219 HOH A O   1 
HETATM 1321 O  O   . HOH C 3 .   ? 1.102   14.200  -12.257 1.00 23.48 ? 220 HOH A O   1 
HETATM 1322 O  O   . HOH C 3 .   ? 8.803   -1.099  -5.771  1.00 17.82 ? 221 HOH A O   1 
HETATM 1323 O  O   . HOH C 3 .   ? 3.541   14.154  7.599   1.00 22.33 ? 222 HOH A O   1 
HETATM 1324 O  O   . HOH C 3 .   ? 0.613   16.222  4.822   1.00 18.67 ? 223 HOH A O   1 
HETATM 1325 O  O   . HOH C 3 .   ? 7.451   0.188   -4.147  1.00 15.67 ? 224 HOH A O   1 
HETATM 1326 O  O   . HOH C 3 .   ? 5.995   12.893  -4.404  1.00 20.34 ? 225 HOH A O   1 
HETATM 1327 O  O   . HOH C 3 .   ? -7.189  19.377  5.121   1.00 32.01 ? 226 HOH A O   1 
HETATM 1328 O  O   . HOH C 3 .   ? 2.850   -9.497  16.547  1.00 21.26 ? 227 HOH A O   1 
HETATM 1329 O  O   . HOH C 3 .   ? -12.203 13.481  2.843   1.00 20.26 ? 228 HOH A O   1 
HETATM 1330 O  O   . HOH C 3 .   ? -10.382 -1.975  5.586   1.00 10.25 ? 229 HOH A O   1 
HETATM 1331 O  O   . HOH C 3 .   ? 4.262   -15.220 2.962   1.00 29.53 ? 230 HOH A O   1 
HETATM 1332 O  O   . HOH C 3 .   ? -8.916  15.382  -1.338  1.00 24.99 ? 231 HOH A O   1 
HETATM 1333 O  O   . HOH C 3 .   ? 14.372  -5.728  -5.796  1.00 36.00 ? 232 HOH A O   1 
HETATM 1334 O  O   . HOH C 3 .   ? 14.791  -1.333  7.819   1.00 23.43 ? 233 HOH A O   1 
HETATM 1335 O  O   . HOH C 3 .   ? 10.201  -13.180 -5.964  1.00 25.42 ? 234 HOH A O   1 
HETATM 1336 O  O   . HOH C 3 .   ? 2.758   6.701   -10.171 1.00 26.08 ? 235 HOH A O   1 
HETATM 1337 O  O   . HOH C 3 .   ? -2.547  19.819  -7.259  1.00 20.20 ? 236 HOH A O   1 
HETATM 1338 O  O   . HOH C 3 .   ? -6.172  -2.805  -9.255  1.00 16.93 ? 237 HOH A O   1 
HETATM 1339 O  O   . HOH C 3 .   ? -12.721 9.462   -0.172  1.00 18.65 ? 238 HOH A O   1 
HETATM 1340 O  O   . HOH C 3 .   ? 8.197   15.671  -2.304  1.00 31.12 ? 239 HOH A O   1 
HETATM 1341 O  O   . HOH C 3 .   ? -12.656 -10.377 -6.428  1.00 14.65 ? 240 HOH A O   1 
HETATM 1342 O  O   . HOH C 3 .   ? -17.967 -10.669 -12.327 1.00 37.29 ? 241 HOH A O   1 
HETATM 1343 O  O   . HOH C 3 .   ? -12.820 3.468   2.954   1.00 17.67 ? 242 HOH A O   1 
HETATM 1344 O  O   . HOH C 3 .   ? -16.754 5.397   -12.435 1.00 37.81 ? 243 HOH A O   1 
HETATM 1345 O  O   . HOH C 3 .   ? 8.075   -11.627 6.984   1.00 43.66 ? 244 HOH A O   1 
HETATM 1346 O  O   . HOH C 3 .   ? 6.884   2.042   1.026   1.00 20.92 ? 245 HOH A O   1 
HETATM 1347 O  O   . HOH C 3 .   ? -0.557  16.699  -7.146  1.00 24.52 ? 246 HOH A O   1 
HETATM 1348 O  O   . HOH C 3 .   ? 0.202   -3.653  -16.481 1.00 27.65 ? 247 HOH A O   1 
HETATM 1349 O  O   . HOH C 3 .   ? -9.434  -5.454  11.177  1.00 21.90 ? 248 HOH A O   1 
HETATM 1350 O  O   . HOH C 3 .   ? -2.625  -17.908 -9.314  1.00 27.83 ? 249 HOH A O   1 
HETATM 1351 O  O   . HOH C 3 .   ? -11.604 5.455   6.187   1.00 27.92 ? 250 HOH A O   1 
HETATM 1352 O  O   . HOH C 3 .   ? -11.874 -11.451 2.470   1.00 33.22 ? 251 HOH A O   1 
HETATM 1353 O  O   . HOH C 3 .   ? 9.748   15.917  0.839   1.00 35.10 ? 252 HOH A O   1 
HETATM 1354 O  O   . HOH C 3 .   ? 7.058   -11.367 -9.220  1.00 35.66 ? 253 HOH A O   1 
HETATM 1355 O  O   . HOH C 3 .   ? -8.125  -0.192  13.706  1.00 39.31 ? 254 HOH A O   1 
HETATM 1356 O  O   . HOH C 3 .   ? 6.964   6.539   -5.687  1.00 32.95 ? 255 HOH A O   1 
HETATM 1357 O  O   . HOH C 3 .   ? 8.349   2.981   14.966  1.00 35.33 ? 256 HOH A O   1 
HETATM 1358 O  O   . HOH C 3 .   ? 6.763   17.310  2.916   1.00 19.36 ? 257 HOH A O   1 
HETATM 1359 O  O   . HOH C 3 .   ? 17.266  -1.400  -6.753  1.00 43.76 ? 258 HOH A O   1 
HETATM 1360 O  O   . HOH C 3 .   ? -9.435  5.834   11.916  1.00 33.96 ? 259 HOH A O   1 
HETATM 1361 O  O   . HOH C 3 .   ? -7.770  -12.868 0.374   1.00 41.56 ? 260 HOH A O   1 
HETATM 1362 O  O   . HOH C 3 .   ? -5.548  22.464  -0.646  1.00 29.10 ? 261 HOH A O   1 
HETATM 1363 O  O   . HOH C 3 .   ? -7.720  9.227   -7.394  1.00 26.34 ? 262 HOH A O   1 
HETATM 1364 O  O   . HOH C 3 .   ? 15.617  -4.706  4.474   1.00 32.58 ? 263 HOH A O   1 
HETATM 1365 O  O   . HOH C 3 .   ? -7.651  -4.477  18.285  1.00 52.48 ? 264 HOH A O   1 
HETATM 1366 O  O   . HOH C 3 .   ? -3.492  -15.382 -4.343  1.00 32.99 ? 265 HOH A O   1 
HETATM 1367 O  O   . HOH C 3 .   ? -3.067  9.273   15.812  1.00 33.18 ? 266 HOH A O   1 
HETATM 1368 O  O   . HOH C 3 .   ? 5.061   -4.133  18.980  1.00 48.10 ? 267 HOH A O   1 
HETATM 1369 O  O   . HOH C 3 .   ? -1.472  22.898  3.340   1.00 30.30 ? 268 HOH A O   1 
HETATM 1370 O  O   . HOH C 3 .   ? -1.350  0.007   -17.830 1.00 41.18 ? 269 HOH A O   1 
HETATM 1371 O  O   . HOH C 3 .   ? -12.843 9.205   -3.926  1.00 35.97 ? 270 HOH A O   1 
HETATM 1372 O  O   . HOH C 3 .   ? 6.229   -0.022  16.410  1.00 25.56 ? 271 HOH A O   1 
HETATM 1373 O  O   . HOH C 3 .   ? 4.632   -15.312 -0.154  1.00 30.22 ? 272 HOH A O   1 
HETATM 1374 O  O   . HOH C 3 .   ? 0.990   2.640   -8.461  1.00 24.95 ? 273 HOH A O   1 
HETATM 1375 O  O   . HOH C 3 .   ? 1.193   6.187   -13.460 1.00 33.56 ? 274 HOH A O   1 
HETATM 1376 O  O   . HOH C 3 .   ? 0.741   5.443   -10.980 1.00 29.30 ? 275 HOH A O   1 
HETATM 1377 O  O   . HOH C 3 .   ? 3.788   4.648   -8.610  1.00 46.68 ? 276 HOH A O   1 
HETATM 1378 O  O   . HOH C 3 .   ? 1.473   0.027   -6.366  1.00 31.97 ? 277 HOH A O   1 
HETATM 1379 O  O   . HOH C 3 .   ? -4.133  -8.418  -13.939 1.00 18.31 ? 278 HOH A O   1 
HETATM 1380 O  O   . HOH C 3 .   ? -2.602  -14.555 -13.274 1.00 27.33 ? 279 HOH A O   1 
HETATM 1381 O  O   . HOH C 3 .   ? -14.368 -14.193 -11.077 1.00 29.05 ? 280 HOH A O   1 
HETATM 1382 O  O   . HOH C 3 .   ? -20.160 -1.950  -11.172 1.00 29.69 ? 281 HOH A O   1 
HETATM 1383 O  O   . HOH C 3 .   ? -17.075 -6.470  -2.466  1.00 48.56 ? 282 HOH A O   1 
HETATM 1384 O  O   . HOH C 3 .   ? -15.688 -4.217  -2.276  1.00 52.55 ? 283 HOH A O   1 
HETATM 1385 O  O   . HOH C 3 .   ? -15.359 7.656   0.773   1.00 37.99 ? 284 HOH A O   1 
HETATM 1386 O  O   . HOH C 3 .   ? -7.316  9.754   -4.844  1.00 13.24 ? 285 HOH A O   1 
HETATM 1387 O  O   . HOH C 3 .   ? -7.108  16.060  -3.167  1.00 28.21 ? 286 HOH A O   1 
HETATM 1388 O  O   . HOH C 3 .   ? -10.563 17.278  -2.839  1.00 35.70 ? 287 HOH A O   1 
HETATM 1389 O  O   . HOH C 3 .   ? -11.136 11.315  6.948   1.00 46.48 ? 288 HOH A O   1 
HETATM 1390 O  O   . HOH C 3 .   ? -9.344  5.176   8.958   1.00 33.08 ? 289 HOH A O   1 
HETATM 1391 O  O   . HOH C 3 .   ? -12.466 2.090   7.590   1.00 26.76 ? 290 HOH A O   1 
HETATM 1392 O  O   . HOH C 3 .   ? -13.651 3.304   9.839   1.00 29.89 ? 291 HOH A O   1 
HETATM 1393 O  O   . HOH C 3 .   ? -9.598  -7.747  12.624  1.00 40.47 ? 292 HOH A O   1 
HETATM 1394 O  O   . HOH C 3 .   ? -9.179  -14.446 8.982   1.00 26.46 ? 293 HOH A O   1 
HETATM 1395 O  O   . HOH C 3 .   ? 5.790   7.546   1.391   1.00 16.53 ? 294 HOH A O   1 
HETATM 1396 O  O   . HOH C 3 .   ? 4.781   19.255  2.761   1.00 31.90 ? 295 HOH A O   1 
HETATM 1397 O  O   . HOH C 3 .   ? 9.266   6.092   -8.700  1.00 37.46 ? 296 HOH A O   1 
HETATM 1398 O  O   . HOH C 3 .   ? 4.991   4.168   -5.825  1.00 31.99 ? 297 HOH A O   1 
HETATM 1399 O  O   . HOH C 3 .   ? 0.600   23.237  0.484   1.00 26.22 ? 298 HOH A O   1 
HETATM 1400 O  O   . HOH C 3 .   ? -1.002  18.150  5.084   1.00 22.93 ? 299 HOH A O   1 
# 
